data_5XN3
# 
_entry.id   5XN3 
# 
_audit_conform.dict_name       mmcif_pdbx.dic 
_audit_conform.dict_version    5.398 
_audit_conform.dict_location   http://mmcif.pdb.org/dictionaries/ascii/mmcif_pdbx.dic 
# 
loop_
_database_2.database_id 
_database_2.database_code 
_database_2.pdbx_database_accession 
_database_2.pdbx_DOI 
PDB   5XN3         pdb_00005xn3 10.2210/pdb5xn3/pdb 
WWPDB D_1300003811 ?            ?                   
# 
loop_
_pdbx_audit_revision_history.ordinal 
_pdbx_audit_revision_history.data_content_type 
_pdbx_audit_revision_history.major_revision 
_pdbx_audit_revision_history.minor_revision 
_pdbx_audit_revision_history.revision_date 
1 'Structure model' 1 0 2017-06-14 
2 'Structure model' 1 1 2017-07-05 
3 'Structure model' 1 2 2023-11-22 
4 'Structure model' 1 3 2024-11-13 
# 
_pdbx_audit_revision_details.ordinal             1 
_pdbx_audit_revision_details.revision_ordinal    1 
_pdbx_audit_revision_details.data_content_type   'Structure model' 
_pdbx_audit_revision_details.provider            repository 
_pdbx_audit_revision_details.type                'Initial release' 
_pdbx_audit_revision_details.description         ? 
_pdbx_audit_revision_details.details             ? 
# 
loop_
_pdbx_audit_revision_group.ordinal 
_pdbx_audit_revision_group.revision_ordinal 
_pdbx_audit_revision_group.data_content_type 
_pdbx_audit_revision_group.group 
1 2 'Structure model' 'Database references'    
2 3 'Structure model' 'Data collection'        
3 3 'Structure model' 'Database references'    
4 3 'Structure model' 'Derived calculations'   
5 3 'Structure model' 'Refinement description' 
6 4 'Structure model' 'Structure summary'      
# 
loop_
_pdbx_audit_revision_category.ordinal 
_pdbx_audit_revision_category.revision_ordinal 
_pdbx_audit_revision_category.data_content_type 
_pdbx_audit_revision_category.category 
1 2 'Structure model' citation                      
2 3 'Structure model' chem_comp_atom                
3 3 'Structure model' chem_comp_bond                
4 3 'Structure model' database_2                    
5 3 'Structure model' pdbx_initial_refinement_model 
6 3 'Structure model' struct_conn                   
7 4 'Structure model' pdbx_entry_details            
8 4 'Structure model' pdbx_modification_feature     
# 
loop_
_pdbx_audit_revision_item.ordinal 
_pdbx_audit_revision_item.revision_ordinal 
_pdbx_audit_revision_item.data_content_type 
_pdbx_audit_revision_item.item 
1  2 'Structure model' '_citation.country'                            
2  2 'Structure model' '_citation.journal_id_ASTM'                    
3  2 'Structure model' '_citation.journal_id_CSD'                     
4  2 'Structure model' '_citation.journal_volume'                     
5  2 'Structure model' '_citation.page_first'                         
6  2 'Structure model' '_citation.page_last'                          
7  2 'Structure model' '_citation.title'                              
8  3 'Structure model' '_database_2.pdbx_DOI'                         
9  3 'Structure model' '_database_2.pdbx_database_accession'          
10 3 'Structure model' '_struct_conn.pdbx_leaving_atom_flag'          
11 4 'Structure model' '_pdbx_entry_details.has_protein_modification' 
# 
_pdbx_database_status.status_code                     REL 
_pdbx_database_status.status_code_sf                  REL 
_pdbx_database_status.status_code_mr                  ? 
_pdbx_database_status.entry_id                        5XN3 
_pdbx_database_status.recvd_initial_deposition_date   2017-05-17 
_pdbx_database_status.SG_entry                        N 
_pdbx_database_status.deposit_site                    PDBJ 
_pdbx_database_status.process_site                    PDBJ 
_pdbx_database_status.status_code_cs                  ? 
_pdbx_database_status.methods_development_category    ? 
_pdbx_database_status.pdb_format_compatible           Y 
_pdbx_database_status.status_code_nmr_data            ? 
# 
loop_
_audit_author.name 
_audit_author.pdbx_ordinal 
_audit_author.identifier_ORCID 
'You, T.'   1 ? 
'Kuang, Z.' 2 ? 
# 
_citation.abstract                  ? 
_citation.abstract_id_CAS           ? 
_citation.book_id_ISBN              ? 
_citation.book_publisher            ? 
_citation.book_publisher_city       ? 
_citation.book_title                ? 
_citation.coordinate_linkage        ? 
_citation.country                   US 
_citation.database_id_Medline       ? 
_citation.details                   ? 
_citation.id                        primary 
_citation.journal_abbrev            'Biochem. Biophys. Res. Commun.' 
_citation.journal_id_ASTM           BBRCA9 
_citation.journal_id_CSD            0146 
_citation.journal_id_ISSN           1090-2104 
_citation.journal_full              ? 
_citation.journal_issue             ? 
_citation.journal_volume            489 
_citation.language                  ? 
_citation.page_first                346 
_citation.page_last                 352 
_citation.title                     
'Crystal structure of SPSB2 in complex with a rational designed RGD-containing cyclic peptide inhibitor of SPSB2-iNOS interaction.' 
_citation.year                      2017 
_citation.database_id_CSD           ? 
_citation.pdbx_database_id_DOI      10.1016/j.bbrc.2017.05.122 
_citation.pdbx_database_id_PubMed   28549582 
_citation.unpublished_flag          ? 
# 
loop_
_citation_author.citation_id 
_citation_author.name 
_citation_author.ordinal 
_citation_author.identifier_ORCID 
primary 'You, T.'   1  ? 
primary 'Wang, Y.'  2  ? 
primary 'Li, K.'    3  ? 
primary 'Zhang, D.' 4  ? 
primary 'Wei, H.'   5  ? 
primary 'Luo, Y.'   6  ? 
primary 'Li, H.'    7  ? 
primary 'Lu, Y.'    8  ? 
primary 'Su, X.'    9  ? 
primary 'Kuang, Z.' 10 ? 
# 
loop_
_entity.id 
_entity.type 
_entity.src_method 
_entity.pdbx_description 
_entity.formula_weight 
_entity.pdbx_number_of_molecules 
_entity.pdbx_ec 
_entity.pdbx_mutation 
_entity.pdbx_fragment 
_entity.details 
1 polymer man 'SPRY domain-containing SOCS box protein 2' 22896.604 1  ? ? 'UNP residues 22-220' ?                
2 polymer syn 'cR8 peptide from NOS2'                     901.946   1  ? ? ?                     'Cyclic peptide' 
3 water   nat water                                       18.015    54 ? ? ?                     ?                
# 
_entity_name_com.entity_id   1 
_entity_name_com.name        'SSB-2,Gene-rich cluster protein C9' 
# 
loop_
_entity_poly.entity_id 
_entity_poly.type 
_entity_poly.nstd_linkage 
_entity_poly.nstd_monomer 
_entity_poly.pdbx_seq_one_letter_code 
_entity_poly.pdbx_seq_one_letter_code_can 
_entity_poly.pdbx_strand_id 
_entity_poly.pdbx_target_identifier 
1 'polypeptide(L)' no no 
;MGDLSCPEGLEELLSAPPPDLGAQRRHGWNPKDCSENIEVKEGGLYFERRPVAQSTDGARGKRGYSRGLHAWEISWPLEQ
RGTHAVVGVATALAPLQTDHYAALLGSNSESWGWDIGRGKLYHQSKGPGAPQYPAGTQGEQLEVPERLLVVLDMEEGTLG
YAIGGTYLGPAFRGLKGRTLYPAVSAVWGQCQVRIRYLGERGSHHHHHH
;
;MGDLSCPEGLEELLSAPPPDLGAQRRHGWNPKDCSENIEVKEGGLYFERRPVAQSTDGARGKRGYSRGLHAWEISWPLEQ
RGTHAVVGVATALAPLQTDHYAALLGSNSESWGWDIGRGKLYHQSKGPGAPQYPAGTQGEQLEVPERLLVVLDMEEGTLG
YAIGGTYLGPAFRGLKGRTLYPAVSAVWGQCQVRIRYLGERGSHHHHHH
;
A ? 
2 'polypeptide(L)' no no RGDINNNV RGDINNNV B ? 
# 
_pdbx_entity_nonpoly.entity_id   3 
_pdbx_entity_nonpoly.name        water 
_pdbx_entity_nonpoly.comp_id     HOH 
# 
loop_
_entity_poly_seq.entity_id 
_entity_poly_seq.num 
_entity_poly_seq.mon_id 
_entity_poly_seq.hetero 
1 1   MET n 
1 2   GLY n 
1 3   ASP n 
1 4   LEU n 
1 5   SER n 
1 6   CYS n 
1 7   PRO n 
1 8   GLU n 
1 9   GLY n 
1 10  LEU n 
1 11  GLU n 
1 12  GLU n 
1 13  LEU n 
1 14  LEU n 
1 15  SER n 
1 16  ALA n 
1 17  PRO n 
1 18  PRO n 
1 19  PRO n 
1 20  ASP n 
1 21  LEU n 
1 22  GLY n 
1 23  ALA n 
1 24  GLN n 
1 25  ARG n 
1 26  ARG n 
1 27  HIS n 
1 28  GLY n 
1 29  TRP n 
1 30  ASN n 
1 31  PRO n 
1 32  LYS n 
1 33  ASP n 
1 34  CYS n 
1 35  SER n 
1 36  GLU n 
1 37  ASN n 
1 38  ILE n 
1 39  GLU n 
1 40  VAL n 
1 41  LYS n 
1 42  GLU n 
1 43  GLY n 
1 44  GLY n 
1 45  LEU n 
1 46  TYR n 
1 47  PHE n 
1 48  GLU n 
1 49  ARG n 
1 50  ARG n 
1 51  PRO n 
1 52  VAL n 
1 53  ALA n 
1 54  GLN n 
1 55  SER n 
1 56  THR n 
1 57  ASP n 
1 58  GLY n 
1 59  ALA n 
1 60  ARG n 
1 61  GLY n 
1 62  LYS n 
1 63  ARG n 
1 64  GLY n 
1 65  TYR n 
1 66  SER n 
1 67  ARG n 
1 68  GLY n 
1 69  LEU n 
1 70  HIS n 
1 71  ALA n 
1 72  TRP n 
1 73  GLU n 
1 74  ILE n 
1 75  SER n 
1 76  TRP n 
1 77  PRO n 
1 78  LEU n 
1 79  GLU n 
1 80  GLN n 
1 81  ARG n 
1 82  GLY n 
1 83  THR n 
1 84  HIS n 
1 85  ALA n 
1 86  VAL n 
1 87  VAL n 
1 88  GLY n 
1 89  VAL n 
1 90  ALA n 
1 91  THR n 
1 92  ALA n 
1 93  LEU n 
1 94  ALA n 
1 95  PRO n 
1 96  LEU n 
1 97  GLN n 
1 98  THR n 
1 99  ASP n 
1 100 HIS n 
1 101 TYR n 
1 102 ALA n 
1 103 ALA n 
1 104 LEU n 
1 105 LEU n 
1 106 GLY n 
1 107 SER n 
1 108 ASN n 
1 109 SER n 
1 110 GLU n 
1 111 SER n 
1 112 TRP n 
1 113 GLY n 
1 114 TRP n 
1 115 ASP n 
1 116 ILE n 
1 117 GLY n 
1 118 ARG n 
1 119 GLY n 
1 120 LYS n 
1 121 LEU n 
1 122 TYR n 
1 123 HIS n 
1 124 GLN n 
1 125 SER n 
1 126 LYS n 
1 127 GLY n 
1 128 PRO n 
1 129 GLY n 
1 130 ALA n 
1 131 PRO n 
1 132 GLN n 
1 133 TYR n 
1 134 PRO n 
1 135 ALA n 
1 136 GLY n 
1 137 THR n 
1 138 GLN n 
1 139 GLY n 
1 140 GLU n 
1 141 GLN n 
1 142 LEU n 
1 143 GLU n 
1 144 VAL n 
1 145 PRO n 
1 146 GLU n 
1 147 ARG n 
1 148 LEU n 
1 149 LEU n 
1 150 VAL n 
1 151 VAL n 
1 152 LEU n 
1 153 ASP n 
1 154 MET n 
1 155 GLU n 
1 156 GLU n 
1 157 GLY n 
1 158 THR n 
1 159 LEU n 
1 160 GLY n 
1 161 TYR n 
1 162 ALA n 
1 163 ILE n 
1 164 GLY n 
1 165 GLY n 
1 166 THR n 
1 167 TYR n 
1 168 LEU n 
1 169 GLY n 
1 170 PRO n 
1 171 ALA n 
1 172 PHE n 
1 173 ARG n 
1 174 GLY n 
1 175 LEU n 
1 176 LYS n 
1 177 GLY n 
1 178 ARG n 
1 179 THR n 
1 180 LEU n 
1 181 TYR n 
1 182 PRO n 
1 183 ALA n 
1 184 VAL n 
1 185 SER n 
1 186 ALA n 
1 187 VAL n 
1 188 TRP n 
1 189 GLY n 
1 190 GLN n 
1 191 CYS n 
1 192 GLN n 
1 193 VAL n 
1 194 ARG n 
1 195 ILE n 
1 196 ARG n 
1 197 TYR n 
1 198 LEU n 
1 199 GLY n 
1 200 GLU n 
1 201 ARG n 
1 202 GLY n 
1 203 SER n 
1 204 HIS n 
1 205 HIS n 
1 206 HIS n 
1 207 HIS n 
1 208 HIS n 
1 209 HIS n 
2 1   ARG n 
2 2   GLY n 
2 3   ASP n 
2 4   ILE n 
2 5   ASN n 
2 6   ASN n 
2 7   ASN n 
2 8   VAL n 
# 
_entity_src_gen.entity_id                          1 
_entity_src_gen.pdbx_src_id                        1 
_entity_src_gen.pdbx_alt_source_flag               sample 
_entity_src_gen.pdbx_seq_type                      'Biological sequence' 
_entity_src_gen.pdbx_beg_seq_num                   1 
_entity_src_gen.pdbx_end_seq_num                   209 
_entity_src_gen.gene_src_common_name               Human 
_entity_src_gen.gene_src_genus                     ? 
_entity_src_gen.pdbx_gene_src_gene                 'SPSB2, GRCC9, SSB2' 
_entity_src_gen.gene_src_species                   ? 
_entity_src_gen.gene_src_strain                    ? 
_entity_src_gen.gene_src_tissue                    ? 
_entity_src_gen.gene_src_tissue_fraction           ? 
_entity_src_gen.gene_src_details                   ? 
_entity_src_gen.pdbx_gene_src_fragment             ? 
_entity_src_gen.pdbx_gene_src_scientific_name      'Homo sapiens' 
_entity_src_gen.pdbx_gene_src_ncbi_taxonomy_id     9606 
_entity_src_gen.pdbx_gene_src_variant              ? 
_entity_src_gen.pdbx_gene_src_cell_line            ? 
_entity_src_gen.pdbx_gene_src_atcc                 ? 
_entity_src_gen.pdbx_gene_src_organ                ? 
_entity_src_gen.pdbx_gene_src_organelle            ? 
_entity_src_gen.pdbx_gene_src_cell                 ? 
_entity_src_gen.pdbx_gene_src_cellular_location    ? 
_entity_src_gen.host_org_common_name               ? 
_entity_src_gen.pdbx_host_org_scientific_name      'Escherichia coli' 
_entity_src_gen.pdbx_host_org_ncbi_taxonomy_id     562 
_entity_src_gen.host_org_genus                     ? 
_entity_src_gen.pdbx_host_org_gene                 ? 
_entity_src_gen.pdbx_host_org_organ                ? 
_entity_src_gen.host_org_species                   ? 
_entity_src_gen.pdbx_host_org_tissue               ? 
_entity_src_gen.pdbx_host_org_tissue_fraction      ? 
_entity_src_gen.pdbx_host_org_strain               ? 
_entity_src_gen.pdbx_host_org_variant              ? 
_entity_src_gen.pdbx_host_org_cell_line            ? 
_entity_src_gen.pdbx_host_org_atcc                 ? 
_entity_src_gen.pdbx_host_org_culture_collection   ? 
_entity_src_gen.pdbx_host_org_cell                 ? 
_entity_src_gen.pdbx_host_org_organelle            ? 
_entity_src_gen.pdbx_host_org_cellular_location    ? 
_entity_src_gen.pdbx_host_org_vector_type          ? 
_entity_src_gen.pdbx_host_org_vector               ? 
_entity_src_gen.host_org_details                   ? 
_entity_src_gen.expression_system_id               ? 
_entity_src_gen.plasmid_name                       ? 
_entity_src_gen.plasmid_details                    ? 
_entity_src_gen.pdbx_description                   ? 
# 
_pdbx_entity_src_syn.entity_id              2 
_pdbx_entity_src_syn.pdbx_src_id            1 
_pdbx_entity_src_syn.pdbx_alt_source_flag   sample 
_pdbx_entity_src_syn.pdbx_beg_seq_num       1 
_pdbx_entity_src_syn.pdbx_end_seq_num       8 
_pdbx_entity_src_syn.organism_scientific    'Homo sapiens' 
_pdbx_entity_src_syn.organism_common_name   ? 
_pdbx_entity_src_syn.ncbi_taxonomy_id       9606 
_pdbx_entity_src_syn.details                ? 
# 
loop_
_chem_comp.id 
_chem_comp.type 
_chem_comp.mon_nstd_flag 
_chem_comp.name 
_chem_comp.pdbx_synonyms 
_chem_comp.formula 
_chem_comp.formula_weight 
ALA 'L-peptide linking' y ALANINE         ? 'C3 H7 N O2'     89.093  
ARG 'L-peptide linking' y ARGININE        ? 'C6 H15 N4 O2 1' 175.209 
ASN 'L-peptide linking' y ASPARAGINE      ? 'C4 H8 N2 O3'    132.118 
ASP 'L-peptide linking' y 'ASPARTIC ACID' ? 'C4 H7 N O4'     133.103 
CYS 'L-peptide linking' y CYSTEINE        ? 'C3 H7 N O2 S'   121.158 
GLN 'L-peptide linking' y GLUTAMINE       ? 'C5 H10 N2 O3'   146.144 
GLU 'L-peptide linking' y 'GLUTAMIC ACID' ? 'C5 H9 N O4'     147.129 
GLY 'peptide linking'   y GLYCINE         ? 'C2 H5 N O2'     75.067  
HIS 'L-peptide linking' y HISTIDINE       ? 'C6 H10 N3 O2 1' 156.162 
HOH non-polymer         . WATER           ? 'H2 O'           18.015  
ILE 'L-peptide linking' y ISOLEUCINE      ? 'C6 H13 N O2'    131.173 
LEU 'L-peptide linking' y LEUCINE         ? 'C6 H13 N O2'    131.173 
LYS 'L-peptide linking' y LYSINE          ? 'C6 H15 N2 O2 1' 147.195 
MET 'L-peptide linking' y METHIONINE      ? 'C5 H11 N O2 S'  149.211 
PHE 'L-peptide linking' y PHENYLALANINE   ? 'C9 H11 N O2'    165.189 
PRO 'L-peptide linking' y PROLINE         ? 'C5 H9 N O2'     115.130 
SER 'L-peptide linking' y SERINE          ? 'C3 H7 N O3'     105.093 
THR 'L-peptide linking' y THREONINE       ? 'C4 H9 N O3'     119.119 
TRP 'L-peptide linking' y TRYPTOPHAN      ? 'C11 H12 N2 O2'  204.225 
TYR 'L-peptide linking' y TYROSINE        ? 'C9 H11 N O3'    181.189 
VAL 'L-peptide linking' y VALINE          ? 'C5 H11 N O2'    117.146 
# 
loop_
_pdbx_poly_seq_scheme.asym_id 
_pdbx_poly_seq_scheme.entity_id 
_pdbx_poly_seq_scheme.seq_id 
_pdbx_poly_seq_scheme.mon_id 
_pdbx_poly_seq_scheme.ndb_seq_num 
_pdbx_poly_seq_scheme.pdb_seq_num 
_pdbx_poly_seq_scheme.auth_seq_num 
_pdbx_poly_seq_scheme.pdb_mon_id 
_pdbx_poly_seq_scheme.auth_mon_id 
_pdbx_poly_seq_scheme.pdb_strand_id 
_pdbx_poly_seq_scheme.pdb_ins_code 
_pdbx_poly_seq_scheme.hetero 
A 1 1   MET 1   20  ?   ?   ?   A . n 
A 1 2   GLY 2   21  ?   ?   ?   A . n 
A 1 3   ASP 3   22  ?   ?   ?   A . n 
A 1 4   LEU 4   23  23  LEU LEU A . n 
A 1 5   SER 5   24  24  SER SER A . n 
A 1 6   CYS 6   25  25  CYS CYS A . n 
A 1 7   PRO 7   26  26  PRO PRO A . n 
A 1 8   GLU 8   27  27  GLU GLU A . n 
A 1 9   GLY 9   28  28  GLY GLY A . n 
A 1 10  LEU 10  29  29  LEU LEU A . n 
A 1 11  GLU 11  30  30  GLU GLU A . n 
A 1 12  GLU 12  31  31  GLU GLU A . n 
A 1 13  LEU 13  32  32  LEU LEU A . n 
A 1 14  LEU 14  33  33  LEU LEU A . n 
A 1 15  SER 15  34  34  SER SER A . n 
A 1 16  ALA 16  35  35  ALA ALA A . n 
A 1 17  PRO 17  36  36  PRO PRO A . n 
A 1 18  PRO 18  37  37  PRO PRO A . n 
A 1 19  PRO 19  38  38  PRO PRO A . n 
A 1 20  ASP 20  39  39  ASP ASP A . n 
A 1 21  LEU 21  40  40  LEU LEU A . n 
A 1 22  GLY 22  41  41  GLY GLY A . n 
A 1 23  ALA 23  42  42  ALA ALA A . n 
A 1 24  GLN 24  43  43  GLN GLN A . n 
A 1 25  ARG 25  44  44  ARG ARG A . n 
A 1 26  ARG 26  45  45  ARG ARG A . n 
A 1 27  HIS 27  46  46  HIS HIS A . n 
A 1 28  GLY 28  47  47  GLY GLY A . n 
A 1 29  TRP 29  48  48  TRP TRP A . n 
A 1 30  ASN 30  49  49  ASN ASN A . n 
A 1 31  PRO 31  50  50  PRO PRO A . n 
A 1 32  LYS 32  51  51  LYS LYS A . n 
A 1 33  ASP 33  52  52  ASP ASP A . n 
A 1 34  CYS 34  53  53  CYS CYS A . n 
A 1 35  SER 35  54  54  SER SER A . n 
A 1 36  GLU 36  55  55  GLU GLU A . n 
A 1 37  ASN 37  56  56  ASN ASN A . n 
A 1 38  ILE 38  57  57  ILE ILE A . n 
A 1 39  GLU 39  58  58  GLU GLU A . n 
A 1 40  VAL 40  59  59  VAL VAL A . n 
A 1 41  LYS 41  60  60  LYS LYS A . n 
A 1 42  GLU 42  61  61  GLU GLU A . n 
A 1 43  GLY 43  62  62  GLY GLY A . n 
A 1 44  GLY 44  63  63  GLY GLY A . n 
A 1 45  LEU 45  64  64  LEU LEU A . n 
A 1 46  TYR 46  65  65  TYR TYR A . n 
A 1 47  PHE 47  66  66  PHE PHE A . n 
A 1 48  GLU 48  67  67  GLU GLU A . n 
A 1 49  ARG 49  68  68  ARG ARG A . n 
A 1 50  ARG 50  69  69  ARG ARG A . n 
A 1 51  PRO 51  70  70  PRO PRO A . n 
A 1 52  VAL 52  71  71  VAL VAL A . n 
A 1 53  ALA 53  72  72  ALA ALA A . n 
A 1 54  GLN 54  73  73  GLN GLN A . n 
A 1 55  SER 55  74  74  SER SER A . n 
A 1 56  THR 56  75  75  THR THR A . n 
A 1 57  ASP 57  76  76  ASP ASP A . n 
A 1 58  GLY 58  77  77  GLY GLY A . n 
A 1 59  ALA 59  78  78  ALA ALA A . n 
A 1 60  ARG 60  79  79  ARG ARG A . n 
A 1 61  GLY 61  80  80  GLY GLY A . n 
A 1 62  LYS 62  81  81  LYS LYS A . n 
A 1 63  ARG 63  82  82  ARG ARG A . n 
A 1 64  GLY 64  83  83  GLY GLY A . n 
A 1 65  TYR 65  84  84  TYR TYR A . n 
A 1 66  SER 66  85  85  SER SER A . n 
A 1 67  ARG 67  86  86  ARG ARG A . n 
A 1 68  GLY 68  87  87  GLY GLY A . n 
A 1 69  LEU 69  88  88  LEU LEU A . n 
A 1 70  HIS 70  89  89  HIS HIS A . n 
A 1 71  ALA 71  90  90  ALA ALA A . n 
A 1 72  TRP 72  91  91  TRP TRP A . n 
A 1 73  GLU 73  92  92  GLU GLU A . n 
A 1 74  ILE 74  93  93  ILE ILE A . n 
A 1 75  SER 75  94  94  SER SER A . n 
A 1 76  TRP 76  95  95  TRP TRP A . n 
A 1 77  PRO 77  96  96  PRO PRO A . n 
A 1 78  LEU 78  97  97  LEU LEU A . n 
A 1 79  GLU 79  98  98  GLU GLU A . n 
A 1 80  GLN 80  99  99  GLN GLN A . n 
A 1 81  ARG 81  100 100 ARG ARG A . n 
A 1 82  GLY 82  101 101 GLY GLY A . n 
A 1 83  THR 83  102 102 THR THR A . n 
A 1 84  HIS 84  103 103 HIS HIS A . n 
A 1 85  ALA 85  104 104 ALA ALA A . n 
A 1 86  VAL 86  105 105 VAL VAL A . n 
A 1 87  VAL 87  106 106 VAL VAL A . n 
A 1 88  GLY 88  107 107 GLY GLY A . n 
A 1 89  VAL 89  108 108 VAL VAL A . n 
A 1 90  ALA 90  109 109 ALA ALA A . n 
A 1 91  THR 91  110 110 THR THR A . n 
A 1 92  ALA 92  111 111 ALA ALA A . n 
A 1 93  LEU 93  112 112 LEU LEU A . n 
A 1 94  ALA 94  113 113 ALA ALA A . n 
A 1 95  PRO 95  114 114 PRO PRO A . n 
A 1 96  LEU 96  115 115 LEU LEU A . n 
A 1 97  GLN 97  116 116 GLN GLN A . n 
A 1 98  THR 98  117 117 THR THR A . n 
A 1 99  ASP 99  118 118 ASP ASP A . n 
A 1 100 HIS 100 119 119 HIS HIS A . n 
A 1 101 TYR 101 120 120 TYR TYR A . n 
A 1 102 ALA 102 121 121 ALA ALA A . n 
A 1 103 ALA 103 122 122 ALA ALA A . n 
A 1 104 LEU 104 123 123 LEU LEU A . n 
A 1 105 LEU 105 124 124 LEU LEU A . n 
A 1 106 GLY 106 125 125 GLY GLY A . n 
A 1 107 SER 107 126 126 SER SER A . n 
A 1 108 ASN 108 127 127 ASN ASN A . n 
A 1 109 SER 109 128 128 SER SER A . n 
A 1 110 GLU 110 129 129 GLU GLU A . n 
A 1 111 SER 111 130 130 SER SER A . n 
A 1 112 TRP 112 131 131 TRP TRP A . n 
A 1 113 GLY 113 132 132 GLY GLY A . n 
A 1 114 TRP 114 133 133 TRP TRP A . n 
A 1 115 ASP 115 134 134 ASP ASP A . n 
A 1 116 ILE 116 135 135 ILE ILE A . n 
A 1 117 GLY 117 136 136 GLY GLY A . n 
A 1 118 ARG 118 137 137 ARG ARG A . n 
A 1 119 GLY 119 138 138 GLY GLY A . n 
A 1 120 LYS 120 139 139 LYS LYS A . n 
A 1 121 LEU 121 140 140 LEU LEU A . n 
A 1 122 TYR 122 141 141 TYR TYR A . n 
A 1 123 HIS 123 142 142 HIS HIS A . n 
A 1 124 GLN 124 143 143 GLN GLN A . n 
A 1 125 SER 125 144 144 SER SER A . n 
A 1 126 LYS 126 145 145 LYS LYS A . n 
A 1 127 GLY 127 146 146 GLY GLY A . n 
A 1 128 PRO 128 147 147 PRO PRO A . n 
A 1 129 GLY 129 148 148 GLY GLY A . n 
A 1 130 ALA 130 149 149 ALA ALA A . n 
A 1 131 PRO 131 150 150 PRO PRO A . n 
A 1 132 GLN 132 151 151 GLN GLN A . n 
A 1 133 TYR 133 152 152 TYR TYR A . n 
A 1 134 PRO 134 153 153 PRO PRO A . n 
A 1 135 ALA 135 154 154 ALA ALA A . n 
A 1 136 GLY 136 155 155 GLY GLY A . n 
A 1 137 THR 137 156 156 THR THR A . n 
A 1 138 GLN 138 157 157 GLN GLN A . n 
A 1 139 GLY 139 158 158 GLY ALA A . n 
A 1 140 GLU 140 159 159 GLU GLU A . n 
A 1 141 GLN 141 160 160 GLN GLN A . n 
A 1 142 LEU 142 161 161 LEU LEU A . n 
A 1 143 GLU 143 162 162 GLU GLU A . n 
A 1 144 VAL 144 163 163 VAL VAL A . n 
A 1 145 PRO 145 164 164 PRO PRO A . n 
A 1 146 GLU 146 165 165 GLU GLU A . n 
A 1 147 ARG 147 166 166 ARG ARG A . n 
A 1 148 LEU 148 167 167 LEU LEU A . n 
A 1 149 LEU 149 168 168 LEU LEU A . n 
A 1 150 VAL 150 169 169 VAL VAL A . n 
A 1 151 VAL 151 170 170 VAL VAL A . n 
A 1 152 LEU 152 171 171 LEU LEU A . n 
A 1 153 ASP 153 172 172 ASP ASP A . n 
A 1 154 MET 154 173 173 MET MET A . n 
A 1 155 GLU 155 174 174 GLU GLU A . n 
A 1 156 GLU 156 175 175 GLU GLU A . n 
A 1 157 GLY 157 176 176 GLY GLY A . n 
A 1 158 THR 158 177 177 THR THR A . n 
A 1 159 LEU 159 178 178 LEU LEU A . n 
A 1 160 GLY 160 179 179 GLY GLY A . n 
A 1 161 TYR 161 180 180 TYR TYR A . n 
A 1 162 ALA 162 181 181 ALA ALA A . n 
A 1 163 ILE 163 182 182 ILE ILE A . n 
A 1 164 GLY 164 183 183 GLY GLY A . n 
A 1 165 GLY 165 184 184 GLY GLY A . n 
A 1 166 THR 166 185 185 THR THR A . n 
A 1 167 TYR 167 186 186 TYR TYR A . n 
A 1 168 LEU 168 187 187 LEU LEU A . n 
A 1 169 GLY 169 188 188 GLY GLY A . n 
A 1 170 PRO 170 189 189 PRO PRO A . n 
A 1 171 ALA 171 190 190 ALA ALA A . n 
A 1 172 PHE 172 191 191 PHE PHE A . n 
A 1 173 ARG 173 192 192 ARG ARG A . n 
A 1 174 GLY 174 193 193 GLY GLY A . n 
A 1 175 LEU 175 194 194 LEU LEU A . n 
A 1 176 LYS 176 195 195 LYS LYS A . n 
A 1 177 GLY 177 196 196 GLY GLY A . n 
A 1 178 ARG 178 197 197 ARG ARG A . n 
A 1 179 THR 179 198 198 THR THR A . n 
A 1 180 LEU 180 199 199 LEU LEU A . n 
A 1 181 TYR 181 200 200 TYR TYR A . n 
A 1 182 PRO 182 201 201 PRO PRO A . n 
A 1 183 ALA 183 202 202 ALA ALA A . n 
A 1 184 VAL 184 203 203 VAL VAL A . n 
A 1 185 SER 185 204 204 SER SER A . n 
A 1 186 ALA 186 205 205 ALA ALA A . n 
A 1 187 VAL 187 206 206 VAL VAL A . n 
A 1 188 TRP 188 207 207 TRP TRP A . n 
A 1 189 GLY 189 208 208 GLY GLY A . n 
A 1 190 GLN 190 209 209 GLN GLN A . n 
A 1 191 CYS 191 210 210 CYS CYS A . n 
A 1 192 GLN 192 211 211 GLN GLN A . n 
A 1 193 VAL 193 212 212 VAL VAL A . n 
A 1 194 ARG 194 213 213 ARG ARG A . n 
A 1 195 ILE 195 214 214 ILE ILE A . n 
A 1 196 ARG 196 215 215 ARG ARG A . n 
A 1 197 TYR 197 216 216 TYR TYR A . n 
A 1 198 LEU 198 217 217 LEU LEU A . n 
A 1 199 GLY 199 218 218 GLY GLY A . n 
A 1 200 GLU 200 219 219 GLU GLU A . n 
A 1 201 ARG 201 220 220 ARG ARG A . n 
A 1 202 GLY 202 221 221 GLY GLY A . n 
A 1 203 SER 203 222 ?   ?   ?   A . n 
A 1 204 HIS 204 223 ?   ?   ?   A . n 
A 1 205 HIS 205 224 ?   ?   ?   A . n 
A 1 206 HIS 206 225 ?   ?   ?   A . n 
A 1 207 HIS 207 226 ?   ?   ?   A . n 
A 1 208 HIS 208 227 ?   ?   ?   A . n 
A 1 209 HIS 209 228 ?   ?   ?   A . n 
B 2 1   ARG 1   1   1   ARG ARG B . n 
B 2 2   GLY 2   2   2   GLY GLY B . n 
B 2 3   ASP 3   3   3   ASP ASP B . n 
B 2 4   ILE 4   4   4   ILE ILE B . n 
B 2 5   ASN 5   5   5   ASN ASN B . n 
B 2 6   ASN 6   6   6   ASN ASN B . n 
B 2 7   ASN 7   7   7   ASN ASN B . n 
B 2 8   VAL 8   8   8   VAL VAL B . n 
# 
loop_
_pdbx_nonpoly_scheme.asym_id 
_pdbx_nonpoly_scheme.entity_id 
_pdbx_nonpoly_scheme.mon_id 
_pdbx_nonpoly_scheme.ndb_seq_num 
_pdbx_nonpoly_scheme.pdb_seq_num 
_pdbx_nonpoly_scheme.auth_seq_num 
_pdbx_nonpoly_scheme.pdb_mon_id 
_pdbx_nonpoly_scheme.auth_mon_id 
_pdbx_nonpoly_scheme.pdb_strand_id 
_pdbx_nonpoly_scheme.pdb_ins_code 
C 3 HOH 1  301 83 HOH HOH A . 
C 3 HOH 2  302 15 HOH HOH A . 
C 3 HOH 3  303 38 HOH HOH A . 
C 3 HOH 4  304 19 HOH HOH A . 
C 3 HOH 5  305 40 HOH HOH A . 
C 3 HOH 6  306 14 HOH HOH A . 
C 3 HOH 7  307 43 HOH HOH A . 
C 3 HOH 8  308 2  HOH HOH A . 
C 3 HOH 9  309 57 HOH HOH A . 
C 3 HOH 10 310 62 HOH HOH A . 
C 3 HOH 11 311 18 HOH HOH A . 
C 3 HOH 12 312 5  HOH HOH A . 
C 3 HOH 13 313 21 HOH HOH A . 
C 3 HOH 14 314 12 HOH HOH A . 
C 3 HOH 15 315 42 HOH HOH A . 
C 3 HOH 16 316 26 HOH HOH A . 
C 3 HOH 17 317 27 HOH HOH A . 
C 3 HOH 18 318 35 HOH HOH A . 
C 3 HOH 19 319 20 HOH HOH A . 
C 3 HOH 20 320 34 HOH HOH A . 
C 3 HOH 21 321 53 HOH HOH A . 
C 3 HOH 22 322 48 HOH HOH A . 
C 3 HOH 23 323 11 HOH HOH A . 
C 3 HOH 24 324 3  HOH HOH A . 
C 3 HOH 25 325 1  HOH HOH A . 
C 3 HOH 26 326 24 HOH HOH A . 
C 3 HOH 27 327 4  HOH HOH A . 
C 3 HOH 28 328 13 HOH HOH A . 
C 3 HOH 29 329 10 HOH HOH A . 
C 3 HOH 30 330 41 HOH HOH A . 
C 3 HOH 31 331 25 HOH HOH A . 
C 3 HOH 32 332 7  HOH HOH A . 
C 3 HOH 33 333 33 HOH HOH A . 
C 3 HOH 34 334 39 HOH HOH A . 
C 3 HOH 35 335 50 HOH HOH A . 
C 3 HOH 36 336 23 HOH HOH A . 
C 3 HOH 37 337 47 HOH HOH A . 
C 3 HOH 38 338 65 HOH HOH A . 
C 3 HOH 39 339 17 HOH HOH A . 
C 3 HOH 40 340 8  HOH HOH A . 
C 3 HOH 41 341 46 HOH HOH A . 
C 3 HOH 42 342 51 HOH HOH A . 
C 3 HOH 43 343 37 HOH HOH A . 
C 3 HOH 44 344 55 HOH HOH A . 
C 3 HOH 45 345 9  HOH HOH A . 
C 3 HOH 46 346 29 HOH HOH A . 
C 3 HOH 47 347 60 HOH HOH A . 
C 3 HOH 48 348 22 HOH HOH A . 
C 3 HOH 49 349 16 HOH HOH A . 
C 3 HOH 50 350 28 HOH HOH A . 
C 3 HOH 51 351 36 HOH HOH A . 
C 3 HOH 52 352 30 HOH HOH A . 
D 3 HOH 1  101 54 HOH HOH B . 
D 3 HOH 2  102 32 HOH HOH B . 
# 
loop_
_pdbx_unobs_or_zero_occ_atoms.id 
_pdbx_unobs_or_zero_occ_atoms.PDB_model_num 
_pdbx_unobs_or_zero_occ_atoms.polymer_flag 
_pdbx_unobs_or_zero_occ_atoms.occupancy_flag 
_pdbx_unobs_or_zero_occ_atoms.auth_asym_id 
_pdbx_unobs_or_zero_occ_atoms.auth_comp_id 
_pdbx_unobs_or_zero_occ_atoms.auth_seq_id 
_pdbx_unobs_or_zero_occ_atoms.PDB_ins_code 
_pdbx_unobs_or_zero_occ_atoms.auth_atom_id 
_pdbx_unobs_or_zero_occ_atoms.label_alt_id 
_pdbx_unobs_or_zero_occ_atoms.label_asym_id 
_pdbx_unobs_or_zero_occ_atoms.label_comp_id 
_pdbx_unobs_or_zero_occ_atoms.label_seq_id 
_pdbx_unobs_or_zero_occ_atoms.label_atom_id 
1  1 Y 1 A LEU 23  ? CB  ? A LEU 4   CB  
2  1 Y 1 A LEU 23  ? CG  ? A LEU 4   CG  
3  1 Y 1 A LEU 23  ? CD1 ? A LEU 4   CD1 
4  1 Y 1 A LYS 145 ? CG  ? A LYS 126 CG  
5  1 Y 1 A LYS 145 ? CD  ? A LYS 126 CD  
6  1 Y 1 A LYS 145 ? CE  ? A LYS 126 CE  
7  1 Y 1 A LYS 145 ? NZ  ? A LYS 126 NZ  
8  1 Y 1 A PRO 147 ? CB  ? A PRO 128 CB  
9  1 Y 1 A PRO 147 ? CG  ? A PRO 128 CG  
10 1 Y 1 A PRO 147 ? CD  ? A PRO 128 CD  
11 1 Y 1 A GLU 159 ? CB  ? A GLU 140 CB  
12 1 Y 1 A GLU 159 ? CG  ? A GLU 140 CG  
13 1 Y 1 A GLU 159 ? CD  ? A GLU 140 CD  
14 1 Y 1 A GLU 159 ? OE1 ? A GLU 140 OE1 
15 1 Y 1 A GLU 159 ? OE2 ? A GLU 140 OE2 
16 1 Y 1 A GLU 219 ? CD  ? A GLU 200 CD  
17 1 Y 1 A GLU 219 ? OE1 ? A GLU 200 OE1 
18 1 Y 1 A GLU 219 ? OE2 ? A GLU 200 OE2 
19 1 Y 1 A ARG 220 ? CD  ? A ARG 201 CD  
20 1 Y 1 A ARG 220 ? NE  ? A ARG 201 NE  
21 1 Y 1 A ARG 220 ? CZ  ? A ARG 201 CZ  
22 1 Y 1 A ARG 220 ? NH1 ? A ARG 201 NH1 
23 1 Y 1 A ARG 220 ? NH2 ? A ARG 201 NH2 
24 1 Y 1 A GLY 221 ? C   ? A GLY 202 C   
25 1 Y 1 A GLY 221 ? O   ? A GLY 202 O   
# 
loop_
_software.citation_id 
_software.classification 
_software.compiler_name 
_software.compiler_version 
_software.contact_author 
_software.contact_author_email 
_software.date 
_software.description 
_software.dependencies 
_software.hardware 
_software.language 
_software.location 
_software.mods 
_software.name 
_software.os 
_software.os_version 
_software.type 
_software.version 
_software.pdbx_ordinal 
? refinement       ? ? ? ? ? ? ? ? ? ? ? REFMAC  ? ? ? 5.8.0155 1 
? 'data reduction' ? ? ? ? ? ? ? ? ? ? ? iMOSFLM ? ? ? .        2 
? 'data scaling'   ? ? ? ? ? ? ? ? ? ? ? Aimless ? ? ? .        3 
? phasing          ? ? ? ? ? ? ? ? ? ? ? MOLREP  ? ? ? .        4 
# 
_cell.angle_alpha                  90.00 
_cell.angle_alpha_esd              ? 
_cell.angle_beta                   102.95 
_cell.angle_beta_esd               ? 
_cell.angle_gamma                  90.00 
_cell.angle_gamma_esd              ? 
_cell.entry_id                     5XN3 
_cell.details                      ? 
_cell.formula_units_Z              ? 
_cell.length_a                     32.490 
_cell.length_a_esd                 ? 
_cell.length_b                     64.600 
_cell.length_b_esd                 ? 
_cell.length_c                     47.590 
_cell.length_c_esd                 ? 
_cell.volume                       ? 
_cell.volume_esd                   ? 
_cell.Z_PDB                        2 
_cell.reciprocal_angle_alpha       ? 
_cell.reciprocal_angle_beta        ? 
_cell.reciprocal_angle_gamma       ? 
_cell.reciprocal_angle_alpha_esd   ? 
_cell.reciprocal_angle_beta_esd    ? 
_cell.reciprocal_angle_gamma_esd   ? 
_cell.reciprocal_length_a          ? 
_cell.reciprocal_length_b          ? 
_cell.reciprocal_length_c          ? 
_cell.reciprocal_length_a_esd      ? 
_cell.reciprocal_length_b_esd      ? 
_cell.reciprocal_length_c_esd      ? 
_cell.pdbx_unique_axis             ? 
# 
_symmetry.entry_id                         5XN3 
_symmetry.cell_setting                     ? 
_symmetry.Int_Tables_number                4 
_symmetry.space_group_name_Hall            ? 
_symmetry.space_group_name_H-M             'P 1 21 1' 
_symmetry.pdbx_full_space_group_name_H-M   ? 
# 
_exptl.absorpt_coefficient_mu     ? 
_exptl.absorpt_correction_T_max   ? 
_exptl.absorpt_correction_T_min   ? 
_exptl.absorpt_correction_type    ? 
_exptl.absorpt_process_details    ? 
_exptl.entry_id                   5XN3 
_exptl.crystals_number            1 
_exptl.details                    ? 
_exptl.method                     'X-RAY DIFFRACTION' 
_exptl.method_details             ? 
# 
_exptl_crystal.colour                      ? 
_exptl_crystal.density_diffrn              ? 
_exptl_crystal.density_Matthews            2.05 
_exptl_crystal.density_method              ? 
_exptl_crystal.density_percent_sol         39.86 
_exptl_crystal.description                 ? 
_exptl_crystal.F_000                       ? 
_exptl_crystal.id                          1 
_exptl_crystal.preparation                 ? 
_exptl_crystal.size_max                    ? 
_exptl_crystal.size_mid                    ? 
_exptl_crystal.size_min                    ? 
_exptl_crystal.size_rad                    ? 
_exptl_crystal.colour_lustre               ? 
_exptl_crystal.colour_modifier             ? 
_exptl_crystal.colour_primary              ? 
_exptl_crystal.density_meas                ? 
_exptl_crystal.density_meas_esd            ? 
_exptl_crystal.density_meas_gt             ? 
_exptl_crystal.density_meas_lt             ? 
_exptl_crystal.density_meas_temp           ? 
_exptl_crystal.density_meas_temp_esd       ? 
_exptl_crystal.density_meas_temp_gt        ? 
_exptl_crystal.density_meas_temp_lt        ? 
_exptl_crystal.pdbx_crystal_image_url      ? 
_exptl_crystal.pdbx_crystal_image_format   ? 
_exptl_crystal.pdbx_mosaicity              ? 
_exptl_crystal.pdbx_mosaicity_esd          ? 
# 
_exptl_crystal_grow.apparatus       ? 
_exptl_crystal_grow.atmosphere      ? 
_exptl_crystal_grow.crystal_id      1 
_exptl_crystal_grow.details         ? 
_exptl_crystal_grow.method          'VAPOR DIFFUSION, HANGING DROP' 
_exptl_crystal_grow.method_ref      ? 
_exptl_crystal_grow.pH              7.0 
_exptl_crystal_grow.pressure        ? 
_exptl_crystal_grow.pressure_esd    ? 
_exptl_crystal_grow.seeding         ? 
_exptl_crystal_grow.seeding_ref     ? 
_exptl_crystal_grow.temp            288 
_exptl_crystal_grow.temp_details    ? 
_exptl_crystal_grow.temp_esd        ? 
_exptl_crystal_grow.time            ? 
_exptl_crystal_grow.pdbx_details    '0.2M ammonium tartrate dibasic, pH 7.0, 20% (w/v) polyethylene glycol 3350' 
_exptl_crystal_grow.pdbx_pH_range   ? 
# 
_diffrn.ambient_environment    ? 
_diffrn.ambient_temp           100 
_diffrn.ambient_temp_details   ? 
_diffrn.ambient_temp_esd       ? 
_diffrn.crystal_id             1 
_diffrn.crystal_support        ? 
_diffrn.crystal_treatment      ? 
_diffrn.details                ? 
_diffrn.id                     1 
_diffrn.ambient_pressure       ? 
_diffrn.ambient_pressure_esd   ? 
_diffrn.ambient_pressure_gt    ? 
_diffrn.ambient_pressure_lt    ? 
_diffrn.ambient_temp_gt        ? 
_diffrn.ambient_temp_lt        ? 
# 
_diffrn_detector.details                      ? 
_diffrn_detector.detector                     PIXEL 
_diffrn_detector.diffrn_id                    1 
_diffrn_detector.type                         'DECTRIS PILATUS3 6M' 
_diffrn_detector.area_resol_mean              ? 
_diffrn_detector.dtime                        ? 
_diffrn_detector.pdbx_frames_total            ? 
_diffrn_detector.pdbx_collection_time_total   ? 
_diffrn_detector.pdbx_collection_date         2015-03-15 
# 
_diffrn_radiation.collimation                      ? 
_diffrn_radiation.diffrn_id                        1 
_diffrn_radiation.filter_edge                      ? 
_diffrn_radiation.inhomogeneity                    ? 
_diffrn_radiation.monochromator                    ? 
_diffrn_radiation.polarisn_norm                    ? 
_diffrn_radiation.polarisn_ratio                   ? 
_diffrn_radiation.probe                            ? 
_diffrn_radiation.type                             ? 
_diffrn_radiation.xray_symbol                      ? 
_diffrn_radiation.wavelength_id                    1 
_diffrn_radiation.pdbx_monochromatic_or_laue_m_l   M 
_diffrn_radiation.pdbx_wavelength_list             ? 
_diffrn_radiation.pdbx_wavelength                  ? 
_diffrn_radiation.pdbx_diffrn_protocol             'SINGLE WAVELENGTH' 
_diffrn_radiation.pdbx_analyzer                    ? 
_diffrn_radiation.pdbx_scattering_type             x-ray 
# 
_diffrn_radiation_wavelength.id           1 
_diffrn_radiation_wavelength.wavelength   0.9778 
_diffrn_radiation_wavelength.wt           1.0 
# 
_diffrn_source.current                     ? 
_diffrn_source.details                     ? 
_diffrn_source.diffrn_id                   1 
_diffrn_source.power                       ? 
_diffrn_source.size                        ? 
_diffrn_source.source                      SYNCHROTRON 
_diffrn_source.target                      ? 
_diffrn_source.type                        'SSRF BEAMLINE BL19U1' 
_diffrn_source.voltage                     ? 
_diffrn_source.take-off_angle              ? 
_diffrn_source.pdbx_wavelength_list        0.9778 
_diffrn_source.pdbx_wavelength             ? 
_diffrn_source.pdbx_synchrotron_beamline   BL19U1 
_diffrn_source.pdbx_synchrotron_site       SSRF 
# 
_reflns.B_iso_Wilson_estimate            ? 
_reflns.entry_id                         5XN3 
_reflns.data_reduction_details           ? 
_reflns.data_reduction_method            ? 
_reflns.d_resolution_high                1.34 
_reflns.d_resolution_low                 64.6 
_reflns.details                          ? 
_reflns.limit_h_max                      ? 
_reflns.limit_h_min                      ? 
_reflns.limit_k_max                      ? 
_reflns.limit_k_min                      ? 
_reflns.limit_l_max                      ? 
_reflns.limit_l_min                      ? 
_reflns.number_all                       ? 
_reflns.number_obs                       38904 
_reflns.observed_criterion               ? 
_reflns.observed_criterion_F_max         ? 
_reflns.observed_criterion_F_min         ? 
_reflns.observed_criterion_I_max         ? 
_reflns.observed_criterion_I_min         ? 
_reflns.observed_criterion_sigma_F       ? 
_reflns.observed_criterion_sigma_I       ? 
_reflns.percent_possible_obs             91.2 
_reflns.R_free_details                   ? 
_reflns.Rmerge_F_all                     ? 
_reflns.Rmerge_F_obs                     ? 
_reflns.Friedel_coverage                 ? 
_reflns.number_gt                        ? 
_reflns.threshold_expression             ? 
_reflns.pdbx_redundancy                  4.5 
_reflns.pdbx_Rmerge_I_obs                0.062 
_reflns.pdbx_Rmerge_I_all                ? 
_reflns.pdbx_Rsym_value                  ? 
_reflns.pdbx_netI_over_av_sigmaI         ? 
_reflns.pdbx_netI_over_sigmaI            13.3 
_reflns.pdbx_res_netI_over_av_sigmaI_2   ? 
_reflns.pdbx_res_netI_over_sigmaI_2      ? 
_reflns.pdbx_chi_squared                 ? 
_reflns.pdbx_scaling_rejects             ? 
_reflns.pdbx_d_res_high_opt              ? 
_reflns.pdbx_d_res_low_opt               ? 
_reflns.pdbx_d_res_opt_method            ? 
_reflns.phase_calculation_details        ? 
_reflns.pdbx_Rrim_I_all                  ? 
_reflns.pdbx_Rpim_I_all                  ? 
_reflns.pdbx_d_opt                       ? 
_reflns.pdbx_number_measured_all         ? 
_reflns.pdbx_diffrn_id                   1 
_reflns.pdbx_ordinal                     1 
_reflns.pdbx_CC_half                     ? 
_reflns.pdbx_R_split                     ? 
# 
_reflns_shell.d_res_high                  1.34 
_reflns_shell.d_res_low                   1.36 
_reflns_shell.meanI_over_sigI_all         ? 
_reflns_shell.meanI_over_sigI_obs         2.2 
_reflns_shell.number_measured_all         ? 
_reflns_shell.number_measured_obs         ? 
_reflns_shell.number_possible             ? 
_reflns_shell.number_unique_all           ? 
_reflns_shell.number_unique_obs           1985 
_reflns_shell.percent_possible_all        90.2 
_reflns_shell.percent_possible_obs        ? 
_reflns_shell.Rmerge_F_all                ? 
_reflns_shell.Rmerge_F_obs                ? 
_reflns_shell.Rmerge_I_all                ? 
_reflns_shell.Rmerge_I_obs                0.690 
_reflns_shell.meanI_over_sigI_gt          ? 
_reflns_shell.meanI_over_uI_all           ? 
_reflns_shell.meanI_over_uI_gt            ? 
_reflns_shell.number_measured_gt          ? 
_reflns_shell.number_unique_gt            ? 
_reflns_shell.percent_possible_gt         ? 
_reflns_shell.Rmerge_F_gt                 ? 
_reflns_shell.Rmerge_I_gt                 ? 
_reflns_shell.pdbx_redundancy             4.3 
_reflns_shell.pdbx_Rsym_value             ? 
_reflns_shell.pdbx_chi_squared            ? 
_reflns_shell.pdbx_netI_over_sigmaI_all   ? 
_reflns_shell.pdbx_netI_over_sigmaI_obs   ? 
_reflns_shell.pdbx_Rrim_I_all             ? 
_reflns_shell.pdbx_Rpim_I_all             ? 
_reflns_shell.pdbx_rejects                ? 
_reflns_shell.pdbx_ordinal                1 
_reflns_shell.pdbx_diffrn_id              1 
_reflns_shell.pdbx_CC_half                ? 
_reflns_shell.pdbx_R_split                ? 
# 
_refine.aniso_B[1][1]                            -0.25 
_refine.aniso_B[1][2]                            -0.00 
_refine.aniso_B[1][3]                            0.31 
_refine.aniso_B[2][2]                            -0.73 
_refine.aniso_B[2][3]                            -0.00 
_refine.aniso_B[3][3]                            0.76 
_refine.B_iso_max                                ? 
_refine.B_iso_mean                               15.064 
_refine.B_iso_min                                ? 
_refine.correlation_coeff_Fo_to_Fc               0.962 
_refine.correlation_coeff_Fo_to_Fc_free          0.959 
_refine.details                                  'HYDROGENS HAVE BEEN ADDED IN THE RIDING POSITIONS' 
_refine.diff_density_max                         ? 
_refine.diff_density_max_esd                     ? 
_refine.diff_density_min                         ? 
_refine.diff_density_min_esd                     ? 
_refine.diff_density_rms                         ? 
_refine.diff_density_rms_esd                     ? 
_refine.entry_id                                 5XN3 
_refine.pdbx_refine_id                           'X-RAY DIFFRACTION' 
_refine.ls_abs_structure_details                 ? 
_refine.ls_abs_structure_Flack                   ? 
_refine.ls_abs_structure_Flack_esd               ? 
_refine.ls_abs_structure_Rogers                  ? 
_refine.ls_abs_structure_Rogers_esd              ? 
_refine.ls_d_res_high                            1.34 
_refine.ls_d_res_low                             46.38 
_refine.ls_extinction_coef                       ? 
_refine.ls_extinction_coef_esd                   ? 
_refine.ls_extinction_expression                 ? 
_refine.ls_extinction_method                     ? 
_refine.ls_goodness_of_fit_all                   ? 
_refine.ls_goodness_of_fit_all_esd               ? 
_refine.ls_goodness_of_fit_obs                   ? 
_refine.ls_goodness_of_fit_obs_esd               ? 
_refine.ls_hydrogen_treatment                    ? 
_refine.ls_matrix_type                           ? 
_refine.ls_number_constraints                    ? 
_refine.ls_number_parameters                     ? 
_refine.ls_number_reflns_all                     ? 
_refine.ls_number_reflns_obs                     36938 
_refine.ls_number_reflns_R_free                  1933 
_refine.ls_number_reflns_R_work                  ? 
_refine.ls_number_restraints                     ? 
_refine.ls_percent_reflns_obs                    90.31 
_refine.ls_percent_reflns_R_free                 5.0 
_refine.ls_R_factor_all                          ? 
_refine.ls_R_factor_obs                          0.18095 
_refine.ls_R_factor_R_free                       0.20009 
_refine.ls_R_factor_R_free_error                 ? 
_refine.ls_R_factor_R_free_error_details         ? 
_refine.ls_R_factor_R_work                       0.17992 
_refine.ls_R_Fsqd_factor_obs                     ? 
_refine.ls_R_I_factor_obs                        ? 
_refine.ls_redundancy_reflns_all                 ? 
_refine.ls_redundancy_reflns_obs                 ? 
_refine.ls_restrained_S_all                      ? 
_refine.ls_restrained_S_obs                      ? 
_refine.ls_shift_over_esd_max                    ? 
_refine.ls_shift_over_esd_mean                   ? 
_refine.ls_structure_factor_coef                 ? 
_refine.ls_weighting_details                     ? 
_refine.ls_weighting_scheme                      ? 
_refine.ls_wR_factor_all                         ? 
_refine.ls_wR_factor_obs                         ? 
_refine.ls_wR_factor_R_free                      ? 
_refine.ls_wR_factor_R_work                      ? 
_refine.occupancy_max                            ? 
_refine.occupancy_min                            ? 
_refine.solvent_model_details                    ? 
_refine.solvent_model_param_bsol                 ? 
_refine.solvent_model_param_ksol                 ? 
_refine.ls_R_factor_gt                           ? 
_refine.ls_goodness_of_fit_gt                    ? 
_refine.ls_goodness_of_fit_ref                   ? 
_refine.ls_shift_over_su_max                     ? 
_refine.ls_shift_over_su_max_lt                  ? 
_refine.ls_shift_over_su_mean                    ? 
_refine.ls_shift_over_su_mean_lt                 ? 
_refine.pdbx_ls_sigma_I                          ? 
_refine.pdbx_ls_sigma_F                          ? 
_refine.pdbx_ls_sigma_Fsqd                       ? 
_refine.pdbx_data_cutoff_high_absF               ? 
_refine.pdbx_data_cutoff_high_rms_absF           ? 
_refine.pdbx_data_cutoff_low_absF                ? 
_refine.pdbx_isotropic_thermal_model             ? 
_refine.pdbx_ls_cross_valid_method               THROUGHOUT 
_refine.pdbx_method_to_determine_struct          'MOLECULAR REPLACEMENT' 
_refine.pdbx_starting_model                      3EMW 
_refine.pdbx_stereochemistry_target_values       ? 
_refine.pdbx_R_Free_selection_details            RANDOM 
_refine.pdbx_stereochem_target_val_spec_case     ? 
_refine.pdbx_overall_ESU_R                       0.059 
_refine.pdbx_overall_ESU_R_Free                  0.059 
_refine.pdbx_solvent_vdw_probe_radii             1.20 
_refine.pdbx_solvent_ion_probe_radii             0.80 
_refine.pdbx_solvent_shrinkage_radii             0.80 
_refine.pdbx_real_space_R                        ? 
_refine.pdbx_density_correlation                 ? 
_refine.pdbx_pd_number_of_powder_patterns        ? 
_refine.pdbx_pd_number_of_points                 ? 
_refine.pdbx_pd_meas_number_of_points            ? 
_refine.pdbx_pd_proc_ls_prof_R_factor            ? 
_refine.pdbx_pd_proc_ls_prof_wR_factor           ? 
_refine.pdbx_pd_Marquardt_correlation_coeff      ? 
_refine.pdbx_pd_Fsqrd_R_factor                   ? 
_refine.pdbx_pd_ls_matrix_band_width             ? 
_refine.pdbx_overall_phase_error                 ? 
_refine.pdbx_overall_SU_R_free_Cruickshank_DPI   ? 
_refine.pdbx_overall_SU_R_free_Blow_DPI          ? 
_refine.pdbx_overall_SU_R_Blow_DPI               ? 
_refine.pdbx_TLS_residual_ADP_flag               ? 
_refine.pdbx_diffrn_id                           1 
_refine.overall_SU_B                             1.043 
_refine.overall_SU_ML                            0.042 
_refine.overall_SU_R_Cruickshank_DPI             ? 
_refine.overall_SU_R_free                        ? 
_refine.overall_FOM_free_R_set                   ? 
_refine.overall_FOM_work_R_set                   ? 
_refine.pdbx_average_fsc_overall                 ? 
_refine.pdbx_average_fsc_work                    ? 
_refine.pdbx_average_fsc_free                    ? 
# 
_refine_hist.pdbx_refine_id                   'X-RAY DIFFRACTION' 
_refine_hist.cycle_id                         1 
_refine_hist.pdbx_number_atoms_protein        1567 
_refine_hist.pdbx_number_atoms_nucleic_acid   0 
_refine_hist.pdbx_number_atoms_ligand         0 
_refine_hist.number_atoms_solvent             54 
_refine_hist.number_atoms_total               1621 
_refine_hist.d_res_high                       1.34 
_refine_hist.d_res_low                        46.38 
# 
loop_
_refine_ls_restr.pdbx_refine_id 
_refine_ls_restr.criterion 
_refine_ls_restr.dev_ideal 
_refine_ls_restr.dev_ideal_target 
_refine_ls_restr.number 
_refine_ls_restr.rejects 
_refine_ls_restr.type 
_refine_ls_restr.weight 
_refine_ls_restr.pdbx_restraint_function 
'X-RAY DIFFRACTION' ? 0.024  0.019  1606 ? r_bond_refined_d             ? ? 
'X-RAY DIFFRACTION' ? 0.002  0.020  1483 ? r_bond_other_d               ? ? 
'X-RAY DIFFRACTION' ? 2.253  1.955  2182 ? r_angle_refined_deg          ? ? 
'X-RAY DIFFRACTION' ? 1.136  3.000  3398 ? r_angle_other_deg            ? ? 
'X-RAY DIFFRACTION' ? 6.470  5.000  206  ? r_dihedral_angle_1_deg       ? ? 
'X-RAY DIFFRACTION' ? 35.372 22.973 74   ? r_dihedral_angle_2_deg       ? ? 
'X-RAY DIFFRACTION' ? 12.415 15.000 241  ? r_dihedral_angle_3_deg       ? ? 
'X-RAY DIFFRACTION' ? 10.835 15.000 15   ? r_dihedral_angle_4_deg       ? ? 
'X-RAY DIFFRACTION' ? 0.136  0.200  222  ? r_chiral_restr               ? ? 
'X-RAY DIFFRACTION' ? 0.013  0.021  1883 ? r_gen_planes_refined         ? ? 
'X-RAY DIFFRACTION' ? 0.002  0.020  386  ? r_gen_planes_other           ? ? 
'X-RAY DIFFRACTION' ? ?      ?      ?    ? r_nbd_refined                ? ? 
'X-RAY DIFFRACTION' ? ?      ?      ?    ? r_nbd_other                  ? ? 
'X-RAY DIFFRACTION' ? ?      ?      ?    ? r_nbtor_refined              ? ? 
'X-RAY DIFFRACTION' ? ?      ?      ?    ? r_nbtor_other                ? ? 
'X-RAY DIFFRACTION' ? ?      ?      ?    ? r_xyhbond_nbd_refined        ? ? 
'X-RAY DIFFRACTION' ? ?      ?      ?    ? r_xyhbond_nbd_other          ? ? 
'X-RAY DIFFRACTION' ? ?      ?      ?    ? r_metal_ion_refined          ? ? 
'X-RAY DIFFRACTION' ? ?      ?      ?    ? r_metal_ion_other            ? ? 
'X-RAY DIFFRACTION' ? ?      ?      ?    ? r_symmetry_vdw_refined       ? ? 
'X-RAY DIFFRACTION' ? ?      ?      ?    ? r_symmetry_vdw_other         ? ? 
'X-RAY DIFFRACTION' ? ?      ?      ?    ? r_symmetry_hbond_refined     ? ? 
'X-RAY DIFFRACTION' ? ?      ?      ?    ? r_symmetry_hbond_other       ? ? 
'X-RAY DIFFRACTION' ? ?      ?      ?    ? r_symmetry_metal_ion_refined ? ? 
'X-RAY DIFFRACTION' ? ?      ?      ?    ? r_symmetry_metal_ion_other   ? ? 
'X-RAY DIFFRACTION' ? 1.496  1.353  825  ? r_mcbond_it                  ? ? 
'X-RAY DIFFRACTION' ? 1.492  1.352  824  ? r_mcbond_other               ? ? 
'X-RAY DIFFRACTION' ? 2.203  2.030  1030 ? r_mcangle_it                 ? ? 
'X-RAY DIFFRACTION' ? 2.203  2.031  1031 ? r_mcangle_other              ? ? 
'X-RAY DIFFRACTION' ? 2.734  1.589  781  ? r_scbond_it                  ? ? 
'X-RAY DIFFRACTION' ? 2.732  1.590  782  ? r_scbond_other               ? ? 
'X-RAY DIFFRACTION' ? ?      ?      ?    ? r_scangle_it                 ? ? 
'X-RAY DIFFRACTION' ? 4.096  2.268  1153 ? r_scangle_other              ? ? 
'X-RAY DIFFRACTION' ? 4.711  15.772 1704 ? r_long_range_B_refined       ? ? 
'X-RAY DIFFRACTION' ? 4.712  15.764 1703 ? r_long_range_B_other         ? ? 
'X-RAY DIFFRACTION' ? ?      ?      ?    ? r_rigid_bond_restr           ? ? 
'X-RAY DIFFRACTION' ? ?      ?      ?    ? r_sphericity_free            ? ? 
'X-RAY DIFFRACTION' ? ?      ?      ?    ? r_sphericity_bonded          ? ? 
# 
_refine_ls_shell.pdbx_refine_id                   'X-RAY DIFFRACTION' 
_refine_ls_shell.d_res_high                       1.340 
_refine_ls_shell.d_res_low                        1.375 
_refine_ls_shell.number_reflns_all                ? 
_refine_ls_shell.number_reflns_obs                ? 
_refine_ls_shell.number_reflns_R_free             154 
_refine_ls_shell.number_reflns_R_work             2738 
_refine_ls_shell.percent_reflns_obs               90.54 
_refine_ls_shell.percent_reflns_R_free            ? 
_refine_ls_shell.R_factor_all                     ? 
_refine_ls_shell.R_factor_obs                     ? 
_refine_ls_shell.R_factor_R_free                  0.285 
_refine_ls_shell.R_factor_R_free_error            ? 
_refine_ls_shell.R_factor_R_work                  0.263 
_refine_ls_shell.redundancy_reflns_all            ? 
_refine_ls_shell.redundancy_reflns_obs            ? 
_refine_ls_shell.wR_factor_all                    ? 
_refine_ls_shell.wR_factor_obs                    ? 
_refine_ls_shell.wR_factor_R_free                 ? 
_refine_ls_shell.wR_factor_R_work                 ? 
_refine_ls_shell.pdbx_total_number_of_bins_used   20 
_refine_ls_shell.pdbx_phase_error                 ? 
_refine_ls_shell.pdbx_fsc_work                    ? 
_refine_ls_shell.pdbx_fsc_free                    ? 
# 
_struct.entry_id                     5XN3 
_struct.title                        
'Crystal structure of SPSB2 in complex with a rational designed RGD containing cyclic peptide inhibitor of SPSB2-iNOS interaction' 
_struct.pdbx_model_details           ? 
_struct.pdbx_formula_weight          ? 
_struct.pdbx_formula_weight_method   ? 
_struct.pdbx_model_type_details      ? 
_struct.pdbx_CASP_flag               N 
# 
_struct_keywords.entry_id        5XN3 
_struct_keywords.text            
;E3 ubiquitin, ligase, cyclic peptide inhibitor, SPRY domain-containing, SOCS box protein, inducible nitric oxide synthase, nitric oxide, PROTEIN BINDING-INHIBITOR complex
;
_struct_keywords.pdbx_keywords   'PROTEIN BINDING/INHIBITOR' 
# 
loop_
_struct_asym.id 
_struct_asym.pdbx_blank_PDB_chainid_flag 
_struct_asym.pdbx_modified 
_struct_asym.entity_id 
_struct_asym.details 
A N N 1 ? 
B N N 2 ? 
C N N 3 ? 
D N N 3 ? 
# 
loop_
_struct_ref.id 
_struct_ref.db_name 
_struct_ref.db_code 
_struct_ref.pdbx_db_accession 
_struct_ref.pdbx_db_isoform 
_struct_ref.entity_id 
_struct_ref.pdbx_seq_one_letter_code 
_struct_ref.pdbx_align_begin 
1 UNP SPSB2_HUMAN Q99619 ? 1 
;DLSCPEGLEELLSAPPPDLGAQRRHGWNPKDCSENIEVKEGGLYFERRPVAQSTDGARGKRGYSRGLHAWEISWPLEQRG
THAVVGVATALAPLQTDHYAALLGSNSESWGWDIGRGKLYHQSKGPGAPQYPAGTQGEQLEVPERLLVVLDMEEGTLGYA
IGGTYLGPAFRGLKGRTLYPAVSAVWGQCQVRIRYLGER
;
22 
2 PDB 5XN3        5XN3   ? 2 ? 1  
# 
loop_
_struct_ref_seq.align_id 
_struct_ref_seq.ref_id 
_struct_ref_seq.pdbx_PDB_id_code 
_struct_ref_seq.pdbx_strand_id 
_struct_ref_seq.seq_align_beg 
_struct_ref_seq.pdbx_seq_align_beg_ins_code 
_struct_ref_seq.seq_align_end 
_struct_ref_seq.pdbx_seq_align_end_ins_code 
_struct_ref_seq.pdbx_db_accession 
_struct_ref_seq.db_align_beg 
_struct_ref_seq.pdbx_db_align_beg_ins_code 
_struct_ref_seq.db_align_end 
_struct_ref_seq.pdbx_db_align_end_ins_code 
_struct_ref_seq.pdbx_auth_seq_align_beg 
_struct_ref_seq.pdbx_auth_seq_align_end 
1 1 5XN3 A 3 ? 201 ? Q99619 22 ? 220 ? 22 220 
2 2 5XN3 B 1 ? 8   ? 5XN3   1  ? 8   ? 1  8   
# 
loop_
_struct_ref_seq_dif.align_id 
_struct_ref_seq_dif.pdbx_pdb_id_code 
_struct_ref_seq_dif.mon_id 
_struct_ref_seq_dif.pdbx_pdb_strand_id 
_struct_ref_seq_dif.seq_num 
_struct_ref_seq_dif.pdbx_pdb_ins_code 
_struct_ref_seq_dif.pdbx_seq_db_name 
_struct_ref_seq_dif.pdbx_seq_db_accession_code 
_struct_ref_seq_dif.db_mon_id 
_struct_ref_seq_dif.pdbx_seq_db_seq_num 
_struct_ref_seq_dif.details 
_struct_ref_seq_dif.pdbx_auth_seq_num 
_struct_ref_seq_dif.pdbx_ordinal 
1 5XN3 MET A 1   ? UNP Q99619 ? ? 'cloning artifact' 20  1  
1 5XN3 GLY A 2   ? UNP Q99619 ? ? 'cloning artifact' 21  2  
1 5XN3 GLY A 202 ? UNP Q99619 ? ? 'expression tag'   221 3  
1 5XN3 SER A 203 ? UNP Q99619 ? ? 'expression tag'   222 4  
1 5XN3 HIS A 204 ? UNP Q99619 ? ? 'expression tag'   223 5  
1 5XN3 HIS A 205 ? UNP Q99619 ? ? 'expression tag'   224 6  
1 5XN3 HIS A 206 ? UNP Q99619 ? ? 'expression tag'   225 7  
1 5XN3 HIS A 207 ? UNP Q99619 ? ? 'expression tag'   226 8  
1 5XN3 HIS A 208 ? UNP Q99619 ? ? 'expression tag'   227 9  
1 5XN3 HIS A 209 ? UNP Q99619 ? ? 'expression tag'   228 10 
# 
_pdbx_struct_assembly.id                   1 
_pdbx_struct_assembly.details              author_defined_assembly 
_pdbx_struct_assembly.method_details       ? 
_pdbx_struct_assembly.oligomeric_details   dimeric 
_pdbx_struct_assembly.oligomeric_count     2 
# 
loop_
_pdbx_struct_assembly_prop.biol_id 
_pdbx_struct_assembly_prop.type 
_pdbx_struct_assembly_prop.value 
_pdbx_struct_assembly_prop.details 
1 'ABSA (A^2)' 640  ? 
1 MORE         1    ? 
1 'SSA (A^2)'  9320 ? 
# 
_pdbx_struct_assembly_gen.assembly_id       1 
_pdbx_struct_assembly_gen.oper_expression   1 
_pdbx_struct_assembly_gen.asym_id_list      A,B,C,D 
# 
_pdbx_struct_assembly_auth_evidence.id                     1 
_pdbx_struct_assembly_auth_evidence.assembly_id            1 
_pdbx_struct_assembly_auth_evidence.experimental_support   'isothermal titration calorimetry' 
_pdbx_struct_assembly_auth_evidence.details                ? 
# 
_pdbx_struct_oper_list.id                   1 
_pdbx_struct_oper_list.type                 'identity operation' 
_pdbx_struct_oper_list.name                 1_555 
_pdbx_struct_oper_list.symmetry_operation   x,y,z 
_pdbx_struct_oper_list.matrix[1][1]         1.0000000000 
_pdbx_struct_oper_list.matrix[1][2]         0.0000000000 
_pdbx_struct_oper_list.matrix[1][3]         0.0000000000 
_pdbx_struct_oper_list.vector[1]            0.0000000000 
_pdbx_struct_oper_list.matrix[2][1]         0.0000000000 
_pdbx_struct_oper_list.matrix[2][2]         1.0000000000 
_pdbx_struct_oper_list.matrix[2][3]         0.0000000000 
_pdbx_struct_oper_list.vector[2]            0.0000000000 
_pdbx_struct_oper_list.matrix[3][1]         0.0000000000 
_pdbx_struct_oper_list.matrix[3][2]         0.0000000000 
_pdbx_struct_oper_list.matrix[3][3]         1.0000000000 
_pdbx_struct_oper_list.vector[3]            0.0000000000 
# 
loop_
_struct_conf.conf_type_id 
_struct_conf.id 
_struct_conf.pdbx_PDB_helix_id 
_struct_conf.beg_label_comp_id 
_struct_conf.beg_label_asym_id 
_struct_conf.beg_label_seq_id 
_struct_conf.pdbx_beg_PDB_ins_code 
_struct_conf.end_label_comp_id 
_struct_conf.end_label_asym_id 
_struct_conf.end_label_seq_id 
_struct_conf.pdbx_end_PDB_ins_code 
_struct_conf.beg_auth_comp_id 
_struct_conf.beg_auth_asym_id 
_struct_conf.beg_auth_seq_id 
_struct_conf.end_auth_comp_id 
_struct_conf.end_auth_asym_id 
_struct_conf.end_auth_seq_id 
_struct_conf.pdbx_PDB_helix_class 
_struct_conf.details 
_struct_conf.pdbx_PDB_helix_length 
HELX_P HELX_P1 AA1 GLY A 9   ? ALA A 16  ? GLY A 28  ALA A 35  1 ? 8 
HELX_P HELX_P2 AA2 ASP A 20  ? HIS A 27  ? ASP A 39  HIS A 46  1 ? 8 
HELX_P HELX_P3 AA3 GLU A 42  ? GLY A 44  ? GLU A 61  GLY A 63  5 ? 3 
HELX_P HELX_P4 AA4 PRO A 77  ? ARG A 81  ? PRO A 96  ARG A 100 5 ? 5 
HELX_P HELX_P5 AA5 GLN A 138 ? LEU A 142 ? GLN A 157 LEU A 161 5 ? 5 
# 
_struct_conf_type.id          HELX_P 
_struct_conf_type.criteria    ? 
_struct_conf_type.reference   ? 
# 
_struct_conn.id                            covale1 
_struct_conn.conn_type_id                  covale 
_struct_conn.pdbx_leaving_atom_flag        both 
_struct_conn.pdbx_PDB_id                   ? 
_struct_conn.ptnr1_label_asym_id           B 
_struct_conn.ptnr1_label_comp_id           ARG 
_struct_conn.ptnr1_label_seq_id            1 
_struct_conn.ptnr1_label_atom_id           N 
_struct_conn.pdbx_ptnr1_label_alt_id       ? 
_struct_conn.pdbx_ptnr1_PDB_ins_code       ? 
_struct_conn.pdbx_ptnr1_standard_comp_id   ? 
_struct_conn.ptnr1_symmetry                1_555 
_struct_conn.ptnr2_label_asym_id           B 
_struct_conn.ptnr2_label_comp_id           VAL 
_struct_conn.ptnr2_label_seq_id            8 
_struct_conn.ptnr2_label_atom_id           C 
_struct_conn.pdbx_ptnr2_label_alt_id       ? 
_struct_conn.pdbx_ptnr2_PDB_ins_code       ? 
_struct_conn.ptnr1_auth_asym_id            B 
_struct_conn.ptnr1_auth_comp_id            ARG 
_struct_conn.ptnr1_auth_seq_id             1 
_struct_conn.ptnr2_auth_asym_id            B 
_struct_conn.ptnr2_auth_comp_id            VAL 
_struct_conn.ptnr2_auth_seq_id             8 
_struct_conn.ptnr2_symmetry                1_555 
_struct_conn.pdbx_ptnr3_label_atom_id      ? 
_struct_conn.pdbx_ptnr3_label_seq_id       ? 
_struct_conn.pdbx_ptnr3_label_comp_id      ? 
_struct_conn.pdbx_ptnr3_label_asym_id      ? 
_struct_conn.pdbx_ptnr3_label_alt_id       ? 
_struct_conn.pdbx_ptnr3_PDB_ins_code       ? 
_struct_conn.details                       ? 
_struct_conn.pdbx_dist_value               1.330 
_struct_conn.pdbx_value_order              sing 
_struct_conn.pdbx_role                     ? 
# 
_struct_conn_type.id          covale 
_struct_conn_type.criteria    ? 
_struct_conn_type.reference   ? 
# 
_pdbx_modification_feature.ordinal                            1 
_pdbx_modification_feature.label_comp_id                      ARG 
_pdbx_modification_feature.label_asym_id                      B 
_pdbx_modification_feature.label_seq_id                       1 
_pdbx_modification_feature.label_alt_id                       ? 
_pdbx_modification_feature.modified_residue_label_comp_id     VAL 
_pdbx_modification_feature.modified_residue_label_asym_id     B 
_pdbx_modification_feature.modified_residue_label_seq_id      8 
_pdbx_modification_feature.modified_residue_label_alt_id      ? 
_pdbx_modification_feature.auth_comp_id                       ARG 
_pdbx_modification_feature.auth_asym_id                       B 
_pdbx_modification_feature.auth_seq_id                        1 
_pdbx_modification_feature.PDB_ins_code                       ? 
_pdbx_modification_feature.symmetry                           1_555 
_pdbx_modification_feature.modified_residue_auth_comp_id      VAL 
_pdbx_modification_feature.modified_residue_auth_asym_id      B 
_pdbx_modification_feature.modified_residue_auth_seq_id       8 
_pdbx_modification_feature.modified_residue_PDB_ins_code      ? 
_pdbx_modification_feature.modified_residue_symmetry          1_555 
_pdbx_modification_feature.comp_id_linking_atom               N 
_pdbx_modification_feature.modified_residue_id_linking_atom   C 
_pdbx_modification_feature.modified_residue_id                . 
_pdbx_modification_feature.ref_pcm_id                         . 
_pdbx_modification_feature.ref_comp_id                        . 
_pdbx_modification_feature.type                               None 
_pdbx_modification_feature.category                           'Non-standard linkage' 
# 
_struct_mon_prot_cis.pdbx_id                1 
_struct_mon_prot_cis.label_comp_id          TYR 
_struct_mon_prot_cis.label_seq_id           133 
_struct_mon_prot_cis.label_asym_id          A 
_struct_mon_prot_cis.label_alt_id           . 
_struct_mon_prot_cis.pdbx_PDB_ins_code      ? 
_struct_mon_prot_cis.auth_comp_id           TYR 
_struct_mon_prot_cis.auth_seq_id            152 
_struct_mon_prot_cis.auth_asym_id           A 
_struct_mon_prot_cis.pdbx_label_comp_id_2   PRO 
_struct_mon_prot_cis.pdbx_label_seq_id_2    134 
_struct_mon_prot_cis.pdbx_label_asym_id_2   A 
_struct_mon_prot_cis.pdbx_PDB_ins_code_2    ? 
_struct_mon_prot_cis.pdbx_auth_comp_id_2    PRO 
_struct_mon_prot_cis.pdbx_auth_seq_id_2     153 
_struct_mon_prot_cis.pdbx_auth_asym_id_2    A 
_struct_mon_prot_cis.pdbx_PDB_model_num     1 
_struct_mon_prot_cis.pdbx_omega_angle       -1.53 
# 
loop_
_struct_sheet.id 
_struct_sheet.type 
_struct_sheet.number_strands 
_struct_sheet.details 
AA1 ? 3 ? 
AA2 ? 6 ? 
AA3 ? 7 ? 
# 
loop_
_struct_sheet_order.sheet_id 
_struct_sheet_order.range_id_1 
_struct_sheet_order.range_id_2 
_struct_sheet_order.offset 
_struct_sheet_order.sense 
AA1 1 2 ? anti-parallel 
AA1 2 3 ? anti-parallel 
AA2 1 2 ? anti-parallel 
AA2 2 3 ? anti-parallel 
AA2 3 4 ? anti-parallel 
AA2 4 5 ? anti-parallel 
AA2 5 6 ? anti-parallel 
AA3 1 2 ? anti-parallel 
AA3 2 3 ? anti-parallel 
AA3 3 4 ? anti-parallel 
AA3 4 5 ? anti-parallel 
AA3 5 6 ? anti-parallel 
AA3 6 7 ? anti-parallel 
# 
loop_
_struct_sheet_range.sheet_id 
_struct_sheet_range.id 
_struct_sheet_range.beg_label_comp_id 
_struct_sheet_range.beg_label_asym_id 
_struct_sheet_range.beg_label_seq_id 
_struct_sheet_range.pdbx_beg_PDB_ins_code 
_struct_sheet_range.end_label_comp_id 
_struct_sheet_range.end_label_asym_id 
_struct_sheet_range.end_label_seq_id 
_struct_sheet_range.pdbx_end_PDB_ins_code 
_struct_sheet_range.beg_auth_comp_id 
_struct_sheet_range.beg_auth_asym_id 
_struct_sheet_range.beg_auth_seq_id 
_struct_sheet_range.end_auth_comp_id 
_struct_sheet_range.end_auth_asym_id 
_struct_sheet_range.end_auth_seq_id 
AA1 1 TRP A 29  ? CYS A 34  ? TRP A 48  CYS A 53  
AA1 2 THR A 56  ? GLY A 61  ? THR A 75  GLY A 80  
AA1 3 GLN A 97  ? THR A 98  ? GLN A 116 THR A 117 
AA2 1 TRP A 29  ? CYS A 34  ? TRP A 48  CYS A 53  
AA2 2 THR A 56  ? GLY A 61  ? THR A 75  GLY A 80  
AA2 3 TYR A 181 ? ALA A 186 ? TYR A 200 ALA A 205 
AA2 4 VAL A 86  ? ALA A 90  ? VAL A 105 ALA A 109 
AA2 5 SER A 111 ? ASP A 115 ? SER A 130 ASP A 134 
AA2 6 LEU A 121 ? TYR A 122 ? LEU A 140 TYR A 141 
AA3 1 ILE A 38  ? LYS A 41  ? ILE A 57  LYS A 60  
AA3 2 TYR A 46  ? ARG A 49  ? TYR A 65  ARG A 68  
AA3 3 GLN A 192 ? ARG A 201 ? GLN A 211 ARG A 220 
AA3 4 LEU A 69  ? SER A 75  ? LEU A 88  SER A 94  
AA3 5 ARG A 147 ? ASP A 153 ? ARG A 166 ASP A 172 
AA3 6 THR A 158 ? ILE A 163 ? THR A 177 ILE A 182 
AA3 7 THR A 166 ? PHE A 172 ? THR A 185 PHE A 191 
# 
loop_
_pdbx_struct_sheet_hbond.sheet_id 
_pdbx_struct_sheet_hbond.range_id_1 
_pdbx_struct_sheet_hbond.range_id_2 
_pdbx_struct_sheet_hbond.range_1_label_atom_id 
_pdbx_struct_sheet_hbond.range_1_label_comp_id 
_pdbx_struct_sheet_hbond.range_1_label_asym_id 
_pdbx_struct_sheet_hbond.range_1_label_seq_id 
_pdbx_struct_sheet_hbond.range_1_PDB_ins_code 
_pdbx_struct_sheet_hbond.range_1_auth_atom_id 
_pdbx_struct_sheet_hbond.range_1_auth_comp_id 
_pdbx_struct_sheet_hbond.range_1_auth_asym_id 
_pdbx_struct_sheet_hbond.range_1_auth_seq_id 
_pdbx_struct_sheet_hbond.range_2_label_atom_id 
_pdbx_struct_sheet_hbond.range_2_label_comp_id 
_pdbx_struct_sheet_hbond.range_2_label_asym_id 
_pdbx_struct_sheet_hbond.range_2_label_seq_id 
_pdbx_struct_sheet_hbond.range_2_PDB_ins_code 
_pdbx_struct_sheet_hbond.range_2_auth_atom_id 
_pdbx_struct_sheet_hbond.range_2_auth_comp_id 
_pdbx_struct_sheet_hbond.range_2_auth_asym_id 
_pdbx_struct_sheet_hbond.range_2_auth_seq_id 
AA1 1 2 N ASN A 30  ? N ASN A 49  O ARG A 60  ? O ARG A 79  
AA1 2 3 N THR A 56  ? N THR A 75  O THR A 98  ? O THR A 117 
AA2 1 2 N ASN A 30  ? N ASN A 49  O ARG A 60  ? O ARG A 79  
AA2 2 3 N ASP A 57  ? N ASP A 76  O ALA A 186 ? O ALA A 205 
AA2 3 4 O TYR A 181 ? O TYR A 200 N ALA A 90  ? N ALA A 109 
AA2 4 5 N VAL A 89  ? N VAL A 108 O TRP A 112 ? O TRP A 131 
AA2 5 6 N GLY A 113 ? N GLY A 132 O TYR A 122 ? O TYR A 141 
AA3 1 2 N LYS A 41  ? N LYS A 60  O TYR A 46  ? O TYR A 65  
AA3 2 3 N PHE A 47  ? N PHE A 66  O VAL A 193 ? O VAL A 212 
AA3 3 4 O ARG A 201 ? O ARG A 220 N LEU A 69  ? N LEU A 88  
AA3 4 5 N ILE A 74  ? N ILE A 93  O LEU A 148 ? O LEU A 167 
AA3 5 6 N VAL A 151 ? N VAL A 170 O GLY A 160 ? O GLY A 179 
AA3 6 7 N TYR A 161 ? N TYR A 180 O LEU A 168 ? O LEU A 187 
# 
_pdbx_entry_details.compound_details           ? 
_pdbx_entry_details.entry_id                   5XN3 
_pdbx_entry_details.nonpolymer_details         ? 
_pdbx_entry_details.sequence_details           
'CR8 peptide contains DINNNV sequence, which refers to amino acids 23-28 of human iNOS (UniProt P35228).' 
_pdbx_entry_details.source_details             ? 
_pdbx_entry_details.has_ligand_of_interest     ? 
_pdbx_entry_details.has_protein_modification   Y 
# 
loop_
_pdbx_validate_rmsd_bond.id 
_pdbx_validate_rmsd_bond.PDB_model_num 
_pdbx_validate_rmsd_bond.auth_atom_id_1 
_pdbx_validate_rmsd_bond.auth_asym_id_1 
_pdbx_validate_rmsd_bond.auth_comp_id_1 
_pdbx_validate_rmsd_bond.auth_seq_id_1 
_pdbx_validate_rmsd_bond.PDB_ins_code_1 
_pdbx_validate_rmsd_bond.label_alt_id_1 
_pdbx_validate_rmsd_bond.auth_atom_id_2 
_pdbx_validate_rmsd_bond.auth_asym_id_2 
_pdbx_validate_rmsd_bond.auth_comp_id_2 
_pdbx_validate_rmsd_bond.auth_seq_id_2 
_pdbx_validate_rmsd_bond.PDB_ins_code_2 
_pdbx_validate_rmsd_bond.label_alt_id_2 
_pdbx_validate_rmsd_bond.bond_value 
_pdbx_validate_rmsd_bond.bond_target_value 
_pdbx_validate_rmsd_bond.bond_deviation 
_pdbx_validate_rmsd_bond.bond_standard_deviation 
_pdbx_validate_rmsd_bond.linker_flag 
1 1 CD A GLU 92  ? ? OE2 A GLU 92  ? ? 1.183 1.252 -0.069 0.011 N 
2 1 CD A GLU 98  ? ? OE1 A GLU 98  ? ? 1.341 1.252 0.089  0.011 N 
3 1 CA A SER 128 ? ? CB  A SER 128 ? ? 1.619 1.525 0.094  0.015 N 
# 
loop_
_pdbx_validate_rmsd_angle.id 
_pdbx_validate_rmsd_angle.PDB_model_num 
_pdbx_validate_rmsd_angle.auth_atom_id_1 
_pdbx_validate_rmsd_angle.auth_asym_id_1 
_pdbx_validate_rmsd_angle.auth_comp_id_1 
_pdbx_validate_rmsd_angle.auth_seq_id_1 
_pdbx_validate_rmsd_angle.PDB_ins_code_1 
_pdbx_validate_rmsd_angle.label_alt_id_1 
_pdbx_validate_rmsd_angle.auth_atom_id_2 
_pdbx_validate_rmsd_angle.auth_asym_id_2 
_pdbx_validate_rmsd_angle.auth_comp_id_2 
_pdbx_validate_rmsd_angle.auth_seq_id_2 
_pdbx_validate_rmsd_angle.PDB_ins_code_2 
_pdbx_validate_rmsd_angle.label_alt_id_2 
_pdbx_validate_rmsd_angle.auth_atom_id_3 
_pdbx_validate_rmsd_angle.auth_asym_id_3 
_pdbx_validate_rmsd_angle.auth_comp_id_3 
_pdbx_validate_rmsd_angle.auth_seq_id_3 
_pdbx_validate_rmsd_angle.PDB_ins_code_3 
_pdbx_validate_rmsd_angle.label_alt_id_3 
_pdbx_validate_rmsd_angle.angle_value 
_pdbx_validate_rmsd_angle.angle_target_value 
_pdbx_validate_rmsd_angle.angle_deviation 
_pdbx_validate_rmsd_angle.angle_standard_deviation 
_pdbx_validate_rmsd_angle.linker_flag 
1  1 CB  A ASP 39  ? ? CG A ASP 39  ? ? OD1 A ASP 39  ? ? 125.63 118.30 7.33  0.90 N 
2  1 NE  A ARG 68  ? ? CZ A ARG 68  ? ? NH2 A ARG 68  ? ? 117.24 120.30 -3.06 0.50 N 
3  1 NE  A ARG 69  ? ? CZ A ARG 69  ? ? NH1 A ARG 69  ? ? 115.73 120.30 -4.57 0.50 N 
4  1 NE  A ARG 69  ? ? CZ A ARG 69  ? ? NH2 A ARG 69  ? ? 124.18 120.30 3.88  0.50 N 
5  1 NE  A ARG 79  ? ? CZ A ARG 79  ? ? NH1 A ARG 79  ? ? 116.92 120.30 -3.38 0.50 N 
6  1 OE1 A GLU 162 ? ? CD A GLU 162 ? ? OE2 A GLU 162 ? ? 114.51 123.30 -8.79 1.20 N 
7  1 NE  A ARG 166 ? ? CZ A ARG 166 ? ? NH1 A ARG 166 ? ? 124.99 120.30 4.69  0.50 N 
8  1 NE  A ARG 166 ? ? CZ A ARG 166 ? ? NH2 A ARG 166 ? ? 115.46 120.30 -4.84 0.50 N 
9  1 NE  A ARG 192 ? ? CZ A ARG 192 ? ? NH1 A ARG 192 ? ? 125.70 120.30 5.40  0.50 N 
10 1 NE  A ARG 192 ? ? CZ A ARG 192 ? ? NH2 A ARG 192 ? ? 115.50 120.30 -4.80 0.50 N 
11 1 NE  A ARG 197 ? ? CZ A ARG 197 ? ? NH1 A ARG 197 ? ? 124.33 120.30 4.03  0.50 N 
12 1 NE  A ARG 197 ? ? CZ A ARG 197 ? ? NH2 A ARG 197 ? ? 116.57 120.30 -3.73 0.50 N 
13 1 CB  B ASP 3   ? ? CG B ASP 3   ? ? OD2 B ASP 3   ? ? 112.53 118.30 -5.77 0.90 N 
# 
loop_
_pdbx_validate_torsion.id 
_pdbx_validate_torsion.PDB_model_num 
_pdbx_validate_torsion.auth_comp_id 
_pdbx_validate_torsion.auth_asym_id 
_pdbx_validate_torsion.auth_seq_id 
_pdbx_validate_torsion.PDB_ins_code 
_pdbx_validate_torsion.label_alt_id 
_pdbx_validate_torsion.phi 
_pdbx_validate_torsion.psi 
1 1 ASP A 52  ? ? -147.18 59.62 
2 1 ASP A 118 ? ? -83.89  39.81 
# 
_pdbx_molecule_features.prd_id    PRD_002275 
_pdbx_molecule_features.name      'cR8 peptide from NOS2' 
_pdbx_molecule_features.type      'Cyclic peptide' 
_pdbx_molecule_features.class     Inhibitor 
_pdbx_molecule_features.details   ? 
# 
_pdbx_molecule.instance_id   1 
_pdbx_molecule.prd_id        PRD_002275 
_pdbx_molecule.asym_id       B 
# 
loop_
_pdbx_unobs_or_zero_occ_residues.id 
_pdbx_unobs_or_zero_occ_residues.PDB_model_num 
_pdbx_unobs_or_zero_occ_residues.polymer_flag 
_pdbx_unobs_or_zero_occ_residues.occupancy_flag 
_pdbx_unobs_or_zero_occ_residues.auth_asym_id 
_pdbx_unobs_or_zero_occ_residues.auth_comp_id 
_pdbx_unobs_or_zero_occ_residues.auth_seq_id 
_pdbx_unobs_or_zero_occ_residues.PDB_ins_code 
_pdbx_unobs_or_zero_occ_residues.label_asym_id 
_pdbx_unobs_or_zero_occ_residues.label_comp_id 
_pdbx_unobs_or_zero_occ_residues.label_seq_id 
1  1 Y 1 A MET 20  ? A MET 1   
2  1 Y 1 A GLY 21  ? A GLY 2   
3  1 Y 1 A ASP 22  ? A ASP 3   
4  1 Y 1 A SER 222 ? A SER 203 
5  1 Y 1 A HIS 223 ? A HIS 204 
6  1 Y 1 A HIS 224 ? A HIS 205 
7  1 Y 1 A HIS 225 ? A HIS 206 
8  1 Y 1 A HIS 226 ? A HIS 207 
9  1 Y 1 A HIS 227 ? A HIS 208 
10 1 Y 1 A HIS 228 ? A HIS 209 
# 
loop_
_chem_comp_atom.comp_id 
_chem_comp_atom.atom_id 
_chem_comp_atom.type_symbol 
_chem_comp_atom.pdbx_aromatic_flag 
_chem_comp_atom.pdbx_stereo_config 
_chem_comp_atom.pdbx_ordinal 
ALA N    N N N 1   
ALA CA   C N S 2   
ALA C    C N N 3   
ALA O    O N N 4   
ALA CB   C N N 5   
ALA OXT  O N N 6   
ALA H    H N N 7   
ALA H2   H N N 8   
ALA HA   H N N 9   
ALA HB1  H N N 10  
ALA HB2  H N N 11  
ALA HB3  H N N 12  
ALA HXT  H N N 13  
ARG N    N N N 14  
ARG CA   C N S 15  
ARG C    C N N 16  
ARG O    O N N 17  
ARG CB   C N N 18  
ARG CG   C N N 19  
ARG CD   C N N 20  
ARG NE   N N N 21  
ARG CZ   C N N 22  
ARG NH1  N N N 23  
ARG NH2  N N N 24  
ARG OXT  O N N 25  
ARG H    H N N 26  
ARG H2   H N N 27  
ARG HA   H N N 28  
ARG HB2  H N N 29  
ARG HB3  H N N 30  
ARG HG2  H N N 31  
ARG HG3  H N N 32  
ARG HD2  H N N 33  
ARG HD3  H N N 34  
ARG HE   H N N 35  
ARG HH11 H N N 36  
ARG HH12 H N N 37  
ARG HH21 H N N 38  
ARG HH22 H N N 39  
ARG HXT  H N N 40  
ASN N    N N N 41  
ASN CA   C N S 42  
ASN C    C N N 43  
ASN O    O N N 44  
ASN CB   C N N 45  
ASN CG   C N N 46  
ASN OD1  O N N 47  
ASN ND2  N N N 48  
ASN OXT  O N N 49  
ASN H    H N N 50  
ASN H2   H N N 51  
ASN HA   H N N 52  
ASN HB2  H N N 53  
ASN HB3  H N N 54  
ASN HD21 H N N 55  
ASN HD22 H N N 56  
ASN HXT  H N N 57  
ASP N    N N N 58  
ASP CA   C N S 59  
ASP C    C N N 60  
ASP O    O N N 61  
ASP CB   C N N 62  
ASP CG   C N N 63  
ASP OD1  O N N 64  
ASP OD2  O N N 65  
ASP OXT  O N N 66  
ASP H    H N N 67  
ASP H2   H N N 68  
ASP HA   H N N 69  
ASP HB2  H N N 70  
ASP HB3  H N N 71  
ASP HD2  H N N 72  
ASP HXT  H N N 73  
CYS N    N N N 74  
CYS CA   C N R 75  
CYS C    C N N 76  
CYS O    O N N 77  
CYS CB   C N N 78  
CYS SG   S N N 79  
CYS OXT  O N N 80  
CYS H    H N N 81  
CYS H2   H N N 82  
CYS HA   H N N 83  
CYS HB2  H N N 84  
CYS HB3  H N N 85  
CYS HG   H N N 86  
CYS HXT  H N N 87  
GLN N    N N N 88  
GLN CA   C N S 89  
GLN C    C N N 90  
GLN O    O N N 91  
GLN CB   C N N 92  
GLN CG   C N N 93  
GLN CD   C N N 94  
GLN OE1  O N N 95  
GLN NE2  N N N 96  
GLN OXT  O N N 97  
GLN H    H N N 98  
GLN H2   H N N 99  
GLN HA   H N N 100 
GLN HB2  H N N 101 
GLN HB3  H N N 102 
GLN HG2  H N N 103 
GLN HG3  H N N 104 
GLN HE21 H N N 105 
GLN HE22 H N N 106 
GLN HXT  H N N 107 
GLU N    N N N 108 
GLU CA   C N S 109 
GLU C    C N N 110 
GLU O    O N N 111 
GLU CB   C N N 112 
GLU CG   C N N 113 
GLU CD   C N N 114 
GLU OE1  O N N 115 
GLU OE2  O N N 116 
GLU OXT  O N N 117 
GLU H    H N N 118 
GLU H2   H N N 119 
GLU HA   H N N 120 
GLU HB2  H N N 121 
GLU HB3  H N N 122 
GLU HG2  H N N 123 
GLU HG3  H N N 124 
GLU HE2  H N N 125 
GLU HXT  H N N 126 
GLY N    N N N 127 
GLY CA   C N N 128 
GLY C    C N N 129 
GLY O    O N N 130 
GLY OXT  O N N 131 
GLY H    H N N 132 
GLY H2   H N N 133 
GLY HA2  H N N 134 
GLY HA3  H N N 135 
GLY HXT  H N N 136 
HIS N    N N N 137 
HIS CA   C N S 138 
HIS C    C N N 139 
HIS O    O N N 140 
HIS CB   C N N 141 
HIS CG   C Y N 142 
HIS ND1  N Y N 143 
HIS CD2  C Y N 144 
HIS CE1  C Y N 145 
HIS NE2  N Y N 146 
HIS OXT  O N N 147 
HIS H    H N N 148 
HIS H2   H N N 149 
HIS HA   H N N 150 
HIS HB2  H N N 151 
HIS HB3  H N N 152 
HIS HD1  H N N 153 
HIS HD2  H N N 154 
HIS HE1  H N N 155 
HIS HE2  H N N 156 
HIS HXT  H N N 157 
HOH O    O N N 158 
HOH H1   H N N 159 
HOH H2   H N N 160 
ILE N    N N N 161 
ILE CA   C N S 162 
ILE C    C N N 163 
ILE O    O N N 164 
ILE CB   C N S 165 
ILE CG1  C N N 166 
ILE CG2  C N N 167 
ILE CD1  C N N 168 
ILE OXT  O N N 169 
ILE H    H N N 170 
ILE H2   H N N 171 
ILE HA   H N N 172 
ILE HB   H N N 173 
ILE HG12 H N N 174 
ILE HG13 H N N 175 
ILE HG21 H N N 176 
ILE HG22 H N N 177 
ILE HG23 H N N 178 
ILE HD11 H N N 179 
ILE HD12 H N N 180 
ILE HD13 H N N 181 
ILE HXT  H N N 182 
LEU N    N N N 183 
LEU CA   C N S 184 
LEU C    C N N 185 
LEU O    O N N 186 
LEU CB   C N N 187 
LEU CG   C N N 188 
LEU CD1  C N N 189 
LEU CD2  C N N 190 
LEU OXT  O N N 191 
LEU H    H N N 192 
LEU H2   H N N 193 
LEU HA   H N N 194 
LEU HB2  H N N 195 
LEU HB3  H N N 196 
LEU HG   H N N 197 
LEU HD11 H N N 198 
LEU HD12 H N N 199 
LEU HD13 H N N 200 
LEU HD21 H N N 201 
LEU HD22 H N N 202 
LEU HD23 H N N 203 
LEU HXT  H N N 204 
LYS N    N N N 205 
LYS CA   C N S 206 
LYS C    C N N 207 
LYS O    O N N 208 
LYS CB   C N N 209 
LYS CG   C N N 210 
LYS CD   C N N 211 
LYS CE   C N N 212 
LYS NZ   N N N 213 
LYS OXT  O N N 214 
LYS H    H N N 215 
LYS H2   H N N 216 
LYS HA   H N N 217 
LYS HB2  H N N 218 
LYS HB3  H N N 219 
LYS HG2  H N N 220 
LYS HG3  H N N 221 
LYS HD2  H N N 222 
LYS HD3  H N N 223 
LYS HE2  H N N 224 
LYS HE3  H N N 225 
LYS HZ1  H N N 226 
LYS HZ2  H N N 227 
LYS HZ3  H N N 228 
LYS HXT  H N N 229 
MET N    N N N 230 
MET CA   C N S 231 
MET C    C N N 232 
MET O    O N N 233 
MET CB   C N N 234 
MET CG   C N N 235 
MET SD   S N N 236 
MET CE   C N N 237 
MET OXT  O N N 238 
MET H    H N N 239 
MET H2   H N N 240 
MET HA   H N N 241 
MET HB2  H N N 242 
MET HB3  H N N 243 
MET HG2  H N N 244 
MET HG3  H N N 245 
MET HE1  H N N 246 
MET HE2  H N N 247 
MET HE3  H N N 248 
MET HXT  H N N 249 
PHE N    N N N 250 
PHE CA   C N S 251 
PHE C    C N N 252 
PHE O    O N N 253 
PHE CB   C N N 254 
PHE CG   C Y N 255 
PHE CD1  C Y N 256 
PHE CD2  C Y N 257 
PHE CE1  C Y N 258 
PHE CE2  C Y N 259 
PHE CZ   C Y N 260 
PHE OXT  O N N 261 
PHE H    H N N 262 
PHE H2   H N N 263 
PHE HA   H N N 264 
PHE HB2  H N N 265 
PHE HB3  H N N 266 
PHE HD1  H N N 267 
PHE HD2  H N N 268 
PHE HE1  H N N 269 
PHE HE2  H N N 270 
PHE HZ   H N N 271 
PHE HXT  H N N 272 
PRO N    N N N 273 
PRO CA   C N S 274 
PRO C    C N N 275 
PRO O    O N N 276 
PRO CB   C N N 277 
PRO CG   C N N 278 
PRO CD   C N N 279 
PRO OXT  O N N 280 
PRO H    H N N 281 
PRO HA   H N N 282 
PRO HB2  H N N 283 
PRO HB3  H N N 284 
PRO HG2  H N N 285 
PRO HG3  H N N 286 
PRO HD2  H N N 287 
PRO HD3  H N N 288 
PRO HXT  H N N 289 
SER N    N N N 290 
SER CA   C N S 291 
SER C    C N N 292 
SER O    O N N 293 
SER CB   C N N 294 
SER OG   O N N 295 
SER OXT  O N N 296 
SER H    H N N 297 
SER H2   H N N 298 
SER HA   H N N 299 
SER HB2  H N N 300 
SER HB3  H N N 301 
SER HG   H N N 302 
SER HXT  H N N 303 
THR N    N N N 304 
THR CA   C N S 305 
THR C    C N N 306 
THR O    O N N 307 
THR CB   C N R 308 
THR OG1  O N N 309 
THR CG2  C N N 310 
THR OXT  O N N 311 
THR H    H N N 312 
THR H2   H N N 313 
THR HA   H N N 314 
THR HB   H N N 315 
THR HG1  H N N 316 
THR HG21 H N N 317 
THR HG22 H N N 318 
THR HG23 H N N 319 
THR HXT  H N N 320 
TRP N    N N N 321 
TRP CA   C N S 322 
TRP C    C N N 323 
TRP O    O N N 324 
TRP CB   C N N 325 
TRP CG   C Y N 326 
TRP CD1  C Y N 327 
TRP CD2  C Y N 328 
TRP NE1  N Y N 329 
TRP CE2  C Y N 330 
TRP CE3  C Y N 331 
TRP CZ2  C Y N 332 
TRP CZ3  C Y N 333 
TRP CH2  C Y N 334 
TRP OXT  O N N 335 
TRP H    H N N 336 
TRP H2   H N N 337 
TRP HA   H N N 338 
TRP HB2  H N N 339 
TRP HB3  H N N 340 
TRP HD1  H N N 341 
TRP HE1  H N N 342 
TRP HE3  H N N 343 
TRP HZ2  H N N 344 
TRP HZ3  H N N 345 
TRP HH2  H N N 346 
TRP HXT  H N N 347 
TYR N    N N N 348 
TYR CA   C N S 349 
TYR C    C N N 350 
TYR O    O N N 351 
TYR CB   C N N 352 
TYR CG   C Y N 353 
TYR CD1  C Y N 354 
TYR CD2  C Y N 355 
TYR CE1  C Y N 356 
TYR CE2  C Y N 357 
TYR CZ   C Y N 358 
TYR OH   O N N 359 
TYR OXT  O N N 360 
TYR H    H N N 361 
TYR H2   H N N 362 
TYR HA   H N N 363 
TYR HB2  H N N 364 
TYR HB3  H N N 365 
TYR HD1  H N N 366 
TYR HD2  H N N 367 
TYR HE1  H N N 368 
TYR HE2  H N N 369 
TYR HH   H N N 370 
TYR HXT  H N N 371 
VAL N    N N N 372 
VAL CA   C N S 373 
VAL C    C N N 374 
VAL O    O N N 375 
VAL CB   C N N 376 
VAL CG1  C N N 377 
VAL CG2  C N N 378 
VAL OXT  O N N 379 
VAL H    H N N 380 
VAL H2   H N N 381 
VAL HA   H N N 382 
VAL HB   H N N 383 
VAL HG11 H N N 384 
VAL HG12 H N N 385 
VAL HG13 H N N 386 
VAL HG21 H N N 387 
VAL HG22 H N N 388 
VAL HG23 H N N 389 
VAL HXT  H N N 390 
# 
loop_
_chem_comp_bond.comp_id 
_chem_comp_bond.atom_id_1 
_chem_comp_bond.atom_id_2 
_chem_comp_bond.value_order 
_chem_comp_bond.pdbx_aromatic_flag 
_chem_comp_bond.pdbx_stereo_config 
_chem_comp_bond.pdbx_ordinal 
ALA N   CA   sing N N 1   
ALA N   H    sing N N 2   
ALA N   H2   sing N N 3   
ALA CA  C    sing N N 4   
ALA CA  CB   sing N N 5   
ALA CA  HA   sing N N 6   
ALA C   O    doub N N 7   
ALA C   OXT  sing N N 8   
ALA CB  HB1  sing N N 9   
ALA CB  HB2  sing N N 10  
ALA CB  HB3  sing N N 11  
ALA OXT HXT  sing N N 12  
ARG N   CA   sing N N 13  
ARG N   H    sing N N 14  
ARG N   H2   sing N N 15  
ARG CA  C    sing N N 16  
ARG CA  CB   sing N N 17  
ARG CA  HA   sing N N 18  
ARG C   O    doub N N 19  
ARG C   OXT  sing N N 20  
ARG CB  CG   sing N N 21  
ARG CB  HB2  sing N N 22  
ARG CB  HB3  sing N N 23  
ARG CG  CD   sing N N 24  
ARG CG  HG2  sing N N 25  
ARG CG  HG3  sing N N 26  
ARG CD  NE   sing N N 27  
ARG CD  HD2  sing N N 28  
ARG CD  HD3  sing N N 29  
ARG NE  CZ   sing N N 30  
ARG NE  HE   sing N N 31  
ARG CZ  NH1  sing N N 32  
ARG CZ  NH2  doub N N 33  
ARG NH1 HH11 sing N N 34  
ARG NH1 HH12 sing N N 35  
ARG NH2 HH21 sing N N 36  
ARG NH2 HH22 sing N N 37  
ARG OXT HXT  sing N N 38  
ASN N   CA   sing N N 39  
ASN N   H    sing N N 40  
ASN N   H2   sing N N 41  
ASN CA  C    sing N N 42  
ASN CA  CB   sing N N 43  
ASN CA  HA   sing N N 44  
ASN C   O    doub N N 45  
ASN C   OXT  sing N N 46  
ASN CB  CG   sing N N 47  
ASN CB  HB2  sing N N 48  
ASN CB  HB3  sing N N 49  
ASN CG  OD1  doub N N 50  
ASN CG  ND2  sing N N 51  
ASN ND2 HD21 sing N N 52  
ASN ND2 HD22 sing N N 53  
ASN OXT HXT  sing N N 54  
ASP N   CA   sing N N 55  
ASP N   H    sing N N 56  
ASP N   H2   sing N N 57  
ASP CA  C    sing N N 58  
ASP CA  CB   sing N N 59  
ASP CA  HA   sing N N 60  
ASP C   O    doub N N 61  
ASP C   OXT  sing N N 62  
ASP CB  CG   sing N N 63  
ASP CB  HB2  sing N N 64  
ASP CB  HB3  sing N N 65  
ASP CG  OD1  doub N N 66  
ASP CG  OD2  sing N N 67  
ASP OD2 HD2  sing N N 68  
ASP OXT HXT  sing N N 69  
CYS N   CA   sing N N 70  
CYS N   H    sing N N 71  
CYS N   H2   sing N N 72  
CYS CA  C    sing N N 73  
CYS CA  CB   sing N N 74  
CYS CA  HA   sing N N 75  
CYS C   O    doub N N 76  
CYS C   OXT  sing N N 77  
CYS CB  SG   sing N N 78  
CYS CB  HB2  sing N N 79  
CYS CB  HB3  sing N N 80  
CYS SG  HG   sing N N 81  
CYS OXT HXT  sing N N 82  
GLN N   CA   sing N N 83  
GLN N   H    sing N N 84  
GLN N   H2   sing N N 85  
GLN CA  C    sing N N 86  
GLN CA  CB   sing N N 87  
GLN CA  HA   sing N N 88  
GLN C   O    doub N N 89  
GLN C   OXT  sing N N 90  
GLN CB  CG   sing N N 91  
GLN CB  HB2  sing N N 92  
GLN CB  HB3  sing N N 93  
GLN CG  CD   sing N N 94  
GLN CG  HG2  sing N N 95  
GLN CG  HG3  sing N N 96  
GLN CD  OE1  doub N N 97  
GLN CD  NE2  sing N N 98  
GLN NE2 HE21 sing N N 99  
GLN NE2 HE22 sing N N 100 
GLN OXT HXT  sing N N 101 
GLU N   CA   sing N N 102 
GLU N   H    sing N N 103 
GLU N   H2   sing N N 104 
GLU CA  C    sing N N 105 
GLU CA  CB   sing N N 106 
GLU CA  HA   sing N N 107 
GLU C   O    doub N N 108 
GLU C   OXT  sing N N 109 
GLU CB  CG   sing N N 110 
GLU CB  HB2  sing N N 111 
GLU CB  HB3  sing N N 112 
GLU CG  CD   sing N N 113 
GLU CG  HG2  sing N N 114 
GLU CG  HG3  sing N N 115 
GLU CD  OE1  doub N N 116 
GLU CD  OE2  sing N N 117 
GLU OE2 HE2  sing N N 118 
GLU OXT HXT  sing N N 119 
GLY N   CA   sing N N 120 
GLY N   H    sing N N 121 
GLY N   H2   sing N N 122 
GLY CA  C    sing N N 123 
GLY CA  HA2  sing N N 124 
GLY CA  HA3  sing N N 125 
GLY C   O    doub N N 126 
GLY C   OXT  sing N N 127 
GLY OXT HXT  sing N N 128 
HIS N   CA   sing N N 129 
HIS N   H    sing N N 130 
HIS N   H2   sing N N 131 
HIS CA  C    sing N N 132 
HIS CA  CB   sing N N 133 
HIS CA  HA   sing N N 134 
HIS C   O    doub N N 135 
HIS C   OXT  sing N N 136 
HIS CB  CG   sing N N 137 
HIS CB  HB2  sing N N 138 
HIS CB  HB3  sing N N 139 
HIS CG  ND1  sing Y N 140 
HIS CG  CD2  doub Y N 141 
HIS ND1 CE1  doub Y N 142 
HIS ND1 HD1  sing N N 143 
HIS CD2 NE2  sing Y N 144 
HIS CD2 HD2  sing N N 145 
HIS CE1 NE2  sing Y N 146 
HIS CE1 HE1  sing N N 147 
HIS NE2 HE2  sing N N 148 
HIS OXT HXT  sing N N 149 
HOH O   H1   sing N N 150 
HOH O   H2   sing N N 151 
ILE N   CA   sing N N 152 
ILE N   H    sing N N 153 
ILE N   H2   sing N N 154 
ILE CA  C    sing N N 155 
ILE CA  CB   sing N N 156 
ILE CA  HA   sing N N 157 
ILE C   O    doub N N 158 
ILE C   OXT  sing N N 159 
ILE CB  CG1  sing N N 160 
ILE CB  CG2  sing N N 161 
ILE CB  HB   sing N N 162 
ILE CG1 CD1  sing N N 163 
ILE CG1 HG12 sing N N 164 
ILE CG1 HG13 sing N N 165 
ILE CG2 HG21 sing N N 166 
ILE CG2 HG22 sing N N 167 
ILE CG2 HG23 sing N N 168 
ILE CD1 HD11 sing N N 169 
ILE CD1 HD12 sing N N 170 
ILE CD1 HD13 sing N N 171 
ILE OXT HXT  sing N N 172 
LEU N   CA   sing N N 173 
LEU N   H    sing N N 174 
LEU N   H2   sing N N 175 
LEU CA  C    sing N N 176 
LEU CA  CB   sing N N 177 
LEU CA  HA   sing N N 178 
LEU C   O    doub N N 179 
LEU C   OXT  sing N N 180 
LEU CB  CG   sing N N 181 
LEU CB  HB2  sing N N 182 
LEU CB  HB3  sing N N 183 
LEU CG  CD1  sing N N 184 
LEU CG  CD2  sing N N 185 
LEU CG  HG   sing N N 186 
LEU CD1 HD11 sing N N 187 
LEU CD1 HD12 sing N N 188 
LEU CD1 HD13 sing N N 189 
LEU CD2 HD21 sing N N 190 
LEU CD2 HD22 sing N N 191 
LEU CD2 HD23 sing N N 192 
LEU OXT HXT  sing N N 193 
LYS N   CA   sing N N 194 
LYS N   H    sing N N 195 
LYS N   H2   sing N N 196 
LYS CA  C    sing N N 197 
LYS CA  CB   sing N N 198 
LYS CA  HA   sing N N 199 
LYS C   O    doub N N 200 
LYS C   OXT  sing N N 201 
LYS CB  CG   sing N N 202 
LYS CB  HB2  sing N N 203 
LYS CB  HB3  sing N N 204 
LYS CG  CD   sing N N 205 
LYS CG  HG2  sing N N 206 
LYS CG  HG3  sing N N 207 
LYS CD  CE   sing N N 208 
LYS CD  HD2  sing N N 209 
LYS CD  HD3  sing N N 210 
LYS CE  NZ   sing N N 211 
LYS CE  HE2  sing N N 212 
LYS CE  HE3  sing N N 213 
LYS NZ  HZ1  sing N N 214 
LYS NZ  HZ2  sing N N 215 
LYS NZ  HZ3  sing N N 216 
LYS OXT HXT  sing N N 217 
MET N   CA   sing N N 218 
MET N   H    sing N N 219 
MET N   H2   sing N N 220 
MET CA  C    sing N N 221 
MET CA  CB   sing N N 222 
MET CA  HA   sing N N 223 
MET C   O    doub N N 224 
MET C   OXT  sing N N 225 
MET CB  CG   sing N N 226 
MET CB  HB2  sing N N 227 
MET CB  HB3  sing N N 228 
MET CG  SD   sing N N 229 
MET CG  HG2  sing N N 230 
MET CG  HG3  sing N N 231 
MET SD  CE   sing N N 232 
MET CE  HE1  sing N N 233 
MET CE  HE2  sing N N 234 
MET CE  HE3  sing N N 235 
MET OXT HXT  sing N N 236 
PHE N   CA   sing N N 237 
PHE N   H    sing N N 238 
PHE N   H2   sing N N 239 
PHE CA  C    sing N N 240 
PHE CA  CB   sing N N 241 
PHE CA  HA   sing N N 242 
PHE C   O    doub N N 243 
PHE C   OXT  sing N N 244 
PHE CB  CG   sing N N 245 
PHE CB  HB2  sing N N 246 
PHE CB  HB3  sing N N 247 
PHE CG  CD1  doub Y N 248 
PHE CG  CD2  sing Y N 249 
PHE CD1 CE1  sing Y N 250 
PHE CD1 HD1  sing N N 251 
PHE CD2 CE2  doub Y N 252 
PHE CD2 HD2  sing N N 253 
PHE CE1 CZ   doub Y N 254 
PHE CE1 HE1  sing N N 255 
PHE CE2 CZ   sing Y N 256 
PHE CE2 HE2  sing N N 257 
PHE CZ  HZ   sing N N 258 
PHE OXT HXT  sing N N 259 
PRO N   CA   sing N N 260 
PRO N   CD   sing N N 261 
PRO N   H    sing N N 262 
PRO CA  C    sing N N 263 
PRO CA  CB   sing N N 264 
PRO CA  HA   sing N N 265 
PRO C   O    doub N N 266 
PRO C   OXT  sing N N 267 
PRO CB  CG   sing N N 268 
PRO CB  HB2  sing N N 269 
PRO CB  HB3  sing N N 270 
PRO CG  CD   sing N N 271 
PRO CG  HG2  sing N N 272 
PRO CG  HG3  sing N N 273 
PRO CD  HD2  sing N N 274 
PRO CD  HD3  sing N N 275 
PRO OXT HXT  sing N N 276 
SER N   CA   sing N N 277 
SER N   H    sing N N 278 
SER N   H2   sing N N 279 
SER CA  C    sing N N 280 
SER CA  CB   sing N N 281 
SER CA  HA   sing N N 282 
SER C   O    doub N N 283 
SER C   OXT  sing N N 284 
SER CB  OG   sing N N 285 
SER CB  HB2  sing N N 286 
SER CB  HB3  sing N N 287 
SER OG  HG   sing N N 288 
SER OXT HXT  sing N N 289 
THR N   CA   sing N N 290 
THR N   H    sing N N 291 
THR N   H2   sing N N 292 
THR CA  C    sing N N 293 
THR CA  CB   sing N N 294 
THR CA  HA   sing N N 295 
THR C   O    doub N N 296 
THR C   OXT  sing N N 297 
THR CB  OG1  sing N N 298 
THR CB  CG2  sing N N 299 
THR CB  HB   sing N N 300 
THR OG1 HG1  sing N N 301 
THR CG2 HG21 sing N N 302 
THR CG2 HG22 sing N N 303 
THR CG2 HG23 sing N N 304 
THR OXT HXT  sing N N 305 
TRP N   CA   sing N N 306 
TRP N   H    sing N N 307 
TRP N   H2   sing N N 308 
TRP CA  C    sing N N 309 
TRP CA  CB   sing N N 310 
TRP CA  HA   sing N N 311 
TRP C   O    doub N N 312 
TRP C   OXT  sing N N 313 
TRP CB  CG   sing N N 314 
TRP CB  HB2  sing N N 315 
TRP CB  HB3  sing N N 316 
TRP CG  CD1  doub Y N 317 
TRP CG  CD2  sing Y N 318 
TRP CD1 NE1  sing Y N 319 
TRP CD1 HD1  sing N N 320 
TRP CD2 CE2  doub Y N 321 
TRP CD2 CE3  sing Y N 322 
TRP NE1 CE2  sing Y N 323 
TRP NE1 HE1  sing N N 324 
TRP CE2 CZ2  sing Y N 325 
TRP CE3 CZ3  doub Y N 326 
TRP CE3 HE3  sing N N 327 
TRP CZ2 CH2  doub Y N 328 
TRP CZ2 HZ2  sing N N 329 
TRP CZ3 CH2  sing Y N 330 
TRP CZ3 HZ3  sing N N 331 
TRP CH2 HH2  sing N N 332 
TRP OXT HXT  sing N N 333 
TYR N   CA   sing N N 334 
TYR N   H    sing N N 335 
TYR N   H2   sing N N 336 
TYR CA  C    sing N N 337 
TYR CA  CB   sing N N 338 
TYR CA  HA   sing N N 339 
TYR C   O    doub N N 340 
TYR C   OXT  sing N N 341 
TYR CB  CG   sing N N 342 
TYR CB  HB2  sing N N 343 
TYR CB  HB3  sing N N 344 
TYR CG  CD1  doub Y N 345 
TYR CG  CD2  sing Y N 346 
TYR CD1 CE1  sing Y N 347 
TYR CD1 HD1  sing N N 348 
TYR CD2 CE2  doub Y N 349 
TYR CD2 HD2  sing N N 350 
TYR CE1 CZ   doub Y N 351 
TYR CE1 HE1  sing N N 352 
TYR CE2 CZ   sing Y N 353 
TYR CE2 HE2  sing N N 354 
TYR CZ  OH   sing N N 355 
TYR OH  HH   sing N N 356 
TYR OXT HXT  sing N N 357 
VAL N   CA   sing N N 358 
VAL N   H    sing N N 359 
VAL N   H2   sing N N 360 
VAL CA  C    sing N N 361 
VAL CA  CB   sing N N 362 
VAL CA  HA   sing N N 363 
VAL C   O    doub N N 364 
VAL C   OXT  sing N N 365 
VAL CB  CG1  sing N N 366 
VAL CB  CG2  sing N N 367 
VAL CB  HB   sing N N 368 
VAL CG1 HG11 sing N N 369 
VAL CG1 HG12 sing N N 370 
VAL CG1 HG13 sing N N 371 
VAL CG2 HG21 sing N N 372 
VAL CG2 HG22 sing N N 373 
VAL CG2 HG23 sing N N 374 
VAL OXT HXT  sing N N 375 
# 
loop_
_pdbx_audit_support.funding_organization 
_pdbx_audit_support.country 
_pdbx_audit_support.grant_number 
_pdbx_audit_support.ordinal 
'National Natural Science Foundation of China' China 31270817 1 
'National Natural Science Foundation of China' China 81571539 2 
# 
_pdbx_initial_refinement_model.id               1 
_pdbx_initial_refinement_model.entity_id_list   ? 
_pdbx_initial_refinement_model.type             'experimental model' 
_pdbx_initial_refinement_model.source_name      PDB 
_pdbx_initial_refinement_model.accession_code   3EMW 
_pdbx_initial_refinement_model.details          ? 
# 
_atom_sites.entry_id                    5XN3 
_atom_sites.fract_transf_matrix[1][1]   0.00428024 
_atom_sites.fract_transf_matrix[1][2]   0.02681103 
_atom_sites.fract_transf_matrix[1][3]   -0.01613360 
_atom_sites.fract_transf_matrix[2][1]   -0.01391720 
_atom_sites.fract_transf_matrix[2][2]   -0.00172292 
_atom_sites.fract_transf_matrix[2][3]   -0.00655541 
_atom_sites.fract_transf_matrix[3][1]   -0.00809383 
_atom_sites.fract_transf_matrix[3][2]   0.01495847 
_atom_sites.fract_transf_matrix[3][3]   0.01325183 
_atom_sites.fract_transf_vector[1]      0.180538 
_atom_sites.fract_transf_vector[2]      0.011617 
_atom_sites.fract_transf_vector[3]      0.288005 
# 
loop_
_atom_type.symbol 
C 
N 
O 
S 
# 
loop_
_atom_site.group_PDB 
_atom_site.id 
_atom_site.type_symbol 
_atom_site.label_atom_id 
_atom_site.label_alt_id 
_atom_site.label_comp_id 
_atom_site.label_asym_id 
_atom_site.label_entity_id 
_atom_site.label_seq_id 
_atom_site.pdbx_PDB_ins_code 
_atom_site.Cartn_x 
_atom_site.Cartn_y 
_atom_site.Cartn_z 
_atom_site.occupancy 
_atom_site.B_iso_or_equiv 
_atom_site.pdbx_formal_charge 
_atom_site.auth_seq_id 
_atom_site.auth_comp_id 
_atom_site.auth_asym_id 
_atom_site.auth_atom_id 
_atom_site.pdbx_PDB_model_num 
ATOM   1    N N   . LEU A 1 4   ? -13.314 -18.631 -4.541  1.00 28.45 ?  23  LEU A N   1 
ATOM   2    C CA  . LEU A 1 4   ? -13.190 -18.604 -5.991  1.00 23.14 ?  23  LEU A CA  1 
ATOM   3    C C   . LEU A 1 4   ? -12.939 -17.263 -6.623  1.00 18.46 ?  23  LEU A C   1 
ATOM   4    O O   . LEU A 1 4   ? -13.108 -17.085 -7.797  1.00 16.17 ?  23  LEU A O   1 
ATOM   5    C CD2 . LEU A 1 4   ? -14.275 -21.452 -6.785  1.00 33.77 ?  23  LEU A CD2 1 
ATOM   6    N N   . SER A 1 5   ? -12.486 -16.273 -5.846  1.00 18.40 ?  24  SER A N   1 
ATOM   7    C CA  . SER A 1 5   ? -12.402 -14.890 -6.334  1.00 18.01 ?  24  SER A CA  1 
ATOM   8    C C   . SER A 1 5   ? -10.957 -14.548 -6.818  1.00 15.16 ?  24  SER A C   1 
ATOM   9    O O   . SER A 1 5   ? -10.733 -13.450 -7.377  1.00 17.42 ?  24  SER A O   1 
ATOM   10   C CB  . SER A 1 5   ? -12.844 -13.885 -5.273  1.00 20.72 ?  24  SER A CB  1 
ATOM   11   O OG  . SER A 1 5   ? -11.797 -13.741 -4.298  1.00 19.00 ?  24  SER A OG  1 
ATOM   12   N N   . CYS A 1 6   ? -10.019 -15.451 -6.690  1.00 13.83 ?  25  CYS A N   1 
ATOM   13   C CA  . CYS A 1 6   ? -8.600  -15.111 -6.959  1.00 15.24 ?  25  CYS A CA  1 
ATOM   14   C C   . CYS A 1 6   ? -8.333  -14.708 -8.392  1.00 13.66 ?  25  CYS A C   1 
ATOM   15   O O   . CYS A 1 6   ? -8.876  -15.337 -9.348  1.00 14.23 ?  25  CYS A O   1 
ATOM   16   C CB  . CYS A 1 6   ? -7.666  -16.296 -6.664  1.00 17.98 ?  25  CYS A CB  1 
ATOM   17   S SG  . CYS A 1 6   ? -7.448  -16.557 -4.890  1.00 24.58 ?  25  CYS A SG  1 
ATOM   18   N N   . PRO A 1 7   ? -7.425  -13.790 -8.650  1.00 11.45 ?  26  PRO A N   1 
ATOM   19   C CA  . PRO A 1 7   ? -6.914  -13.594 -9.996  1.00 12.19 ?  26  PRO A CA  1 
ATOM   20   C C   . PRO A 1 7   ? -6.377  -14.905 -10.574 1.00 11.76 ?  26  PRO A C   1 
ATOM   21   O O   . PRO A 1 7   ? -5.805  -15.709 -9.838  1.00 12.19 ?  26  PRO A O   1 
ATOM   22   C CB  . PRO A 1 7   ? -5.751  -12.627 -9.779  1.00 12.31 ?  26  PRO A CB  1 
ATOM   23   C CG  . PRO A 1 7   ? -6.217  -11.826 -8.622  1.00 12.54 ?  26  PRO A CG  1 
ATOM   24   C CD  . PRO A 1 7   ? -6.770  -12.871 -7.682  1.00 12.39 ?  26  PRO A CD  1 
ATOM   25   N N   . GLU A 1 8   ? -6.523  -15.044 -11.899 1.00 13.29 ?  27  GLU A N   1 
ATOM   26   C CA  . GLU A 1 8   ? -5.857  -16.140 -12.539 1.00 14.77 ?  27  GLU A CA  1 
ATOM   27   C C   . GLU A 1 8   ? -4.355  -16.176 -12.286 1.00 15.95 ?  27  GLU A C   1 
ATOM   28   O O   . GLU A 1 8   ? -3.696  -15.071 -12.333 1.00 17.56 ?  27  GLU A O   1 
ATOM   29   C CB  . GLU A 1 8   ? -6.131  -16.087 -14.036 1.00 16.23 ?  27  GLU A CB  1 
ATOM   30   C CG  . GLU A 1 8   ? -7.562  -16.318 -14.385 1.00 16.07 ?  27  GLU A CG  1 
ATOM   31   C CD  . GLU A 1 8   ? -7.802  -16.644 -15.895 1.00 17.75 ?  27  GLU A CD  1 
ATOM   32   O OE1 . GLU A 1 8   ? -7.190  -17.592 -16.440 1.00 17.65 ?  27  GLU A OE1 1 
ATOM   33   O OE2 . GLU A 1 8   ? -8.518  -15.842 -16.415 1.00 19.56 -1 27  GLU A OE2 1 
ATOM   34   N N   . GLY A 1 9   ? -3.762  -17.314 -12.013 1.00 16.89 ?  28  GLY A N   1 
ATOM   35   C CA  . GLY A 1 9   ? -2.322  -17.513 -11.828 1.00 16.89 ?  28  GLY A CA  1 
ATOM   36   C C   . GLY A 1 9   ? -1.783  -17.046 -10.459 1.00 15.96 ?  28  GLY A C   1 
ATOM   37   O O   . GLY A 1 9   ? -0.590  -17.141 -10.256 1.00 15.15 ?  28  GLY A O   1 
ATOM   38   N N   . LEU A 1 10  ? -2.650  -16.640 -9.505  1.00 14.92 ?  29  LEU A N   1 
ATOM   39   C CA  . LEU A 1 10  ? -2.128  -16.213 -8.162  1.00 13.97 ?  29  LEU A CA  1 
ATOM   40   C C   . LEU A 1 10  ? -1.375  -17.329 -7.419  1.00 15.12 ?  29  LEU A C   1 
ATOM   41   O O   . LEU A 1 10  ? -0.299  -17.092 -6.867  1.00 17.10 ?  29  LEU A O   1 
ATOM   42   C CB  . LEU A 1 10  ? -3.200  -15.644 -7.325  1.00 14.90 ?  29  LEU A CB  1 
ATOM   43   C CG  . LEU A 1 10  ? -2.675  -15.022 -6.004  1.00 15.56 ?  29  LEU A CG  1 
ATOM   44   C CD1 . LEU A 1 10  ? -1.717  -13.872 -6.196  1.00 14.50 ?  29  LEU A CD1 1 
ATOM   45   C CD2 . LEU A 1 10  ? -3.882  -14.514 -5.272  1.00 16.42 ?  29  LEU A CD2 1 
ATOM   46   N N   . GLU A 1 11  ? -1.904  -18.567 -7.446  1.00 19.00 ?  30  GLU A N   1 
ATOM   47   C CA  . GLU A 1 11  ? -1.184  -19.657 -6.711  1.00 22.49 ?  30  GLU A CA  1 
ATOM   48   C C   . GLU A 1 11  ? 0.169   -19.942 -7.317  1.00 20.65 ?  30  GLU A C   1 
ATOM   49   O O   . GLU A 1 11  ? 1.190   -20.097 -6.585  1.00 22.74 ?  30  GLU A O   1 
ATOM   50   C CB  . GLU A 1 11  ? -2.077  -20.887 -6.523  1.00 27.61 ?  30  GLU A CB  1 
ATOM   51   C CG  . GLU A 1 11  ? -2.863  -20.760 -5.216  1.00 36.35 ?  30  GLU A CG  1 
ATOM   52   C CD  . GLU A 1 11  ? -3.850  -21.895 -4.920  1.00 43.96 ?  30  GLU A CD  1 
ATOM   53   O OE1 . GLU A 1 11  ? -4.743  -22.175 -5.751  1.00 47.30 ?  30  GLU A OE1 1 
ATOM   54   O OE2 . GLU A 1 11  ? -3.745  -22.496 -3.814  1.00 52.71 -1 30  GLU A OE2 1 
ATOM   55   N N   . GLU A 1 12  ? 0.252   -19.880 -8.633  1.00 21.39 ?  31  GLU A N   1 
ATOM   56   C CA  . GLU A 1 12  ? 1.488   -20.128 -9.383  1.00 24.36 ?  31  GLU A CA  1 
ATOM   57   C C   . GLU A 1 12  ? 2.495   -19.080 -8.972  1.00 22.52 ?  31  GLU A C   1 
ATOM   58   O O   . GLU A 1 12  ? 3.640   -19.379 -8.683  1.00 25.75 ?  31  GLU A O   1 
ATOM   59   C CB  . GLU A 1 12  ? 1.256   -20.102 -10.890 1.00 26.57 ?  31  GLU A CB  1 
ATOM   60   C CG  . GLU A 1 12  ? 0.565   -21.352 -11.425 1.00 31.15 ?  31  GLU A CG  1 
ATOM   61   C CD  . GLU A 1 12  ? -0.940  -21.414 -11.152 1.00 35.37 ?  31  GLU A CD  1 
ATOM   62   O OE1 . GLU A 1 12  ? -1.546  -20.430 -10.592 1.00 30.73 ?  31  GLU A OE1 1 
ATOM   63   O OE2 . GLU A 1 12  ? -1.524  -22.478 -11.505 1.00 35.42 -1 31  GLU A OE2 1 
ATOM   64   N N   . LEU A 1 13  ? 2.044   -17.828 -8.970  1.00 19.94 ?  32  LEU A N   1 
ATOM   65   C CA  . LEU A 1 13  ? 2.913   -16.701 -8.675  1.00 20.43 ?  32  LEU A CA  1 
ATOM   66   C C   . LEU A 1 13  ? 3.460   -16.853 -7.283  1.00 21.19 ?  32  LEU A C   1 
ATOM   67   O O   . LEU A 1 13  ? 4.696   -16.732 -7.112  1.00 23.96 ?  32  LEU A O   1 
ATOM   68   C CB  . LEU A 1 13  ? 2.141   -15.394 -8.858  1.00 18.45 ?  32  LEU A CB  1 
ATOM   69   C CG  . LEU A 1 13  ? 2.856   -14.012 -8.789  1.00 17.90 ?  32  LEU A CG  1 
ATOM   70   C CD1 . LEU A 1 13  ? 2.036   -12.919 -9.410  1.00 17.86 ?  32  LEU A CD1 1 
ATOM   71   C CD2 . LEU A 1 13  ? 3.288   -13.543 -7.413  1.00 21.50 ?  32  LEU A CD2 1 
ATOM   72   N N   . LEU A 1 14  ? 2.625   -17.178 -6.304  1.00 20.69 ?  33  LEU A N   1 
ATOM   73   C CA  . LEU A 1 14  ? 3.009   -17.156 -4.887  1.00 22.45 ?  33  LEU A CA  1 
ATOM   74   C C   . LEU A 1 14  ? 3.819   -18.386 -4.541  1.00 26.89 ?  33  LEU A C   1 
ATOM   75   O O   . LEU A 1 14  ? 4.468   -18.406 -3.495  1.00 29.66 ?  33  LEU A O   1 
ATOM   76   C CB  . LEU A 1 14  ? 1.812   -17.031 -3.921  1.00 24.00 ?  33  LEU A CB  1 
ATOM   77   C CG  . LEU A 1 14  ? 0.992   -15.750 -4.003  1.00 23.32 ?  33  LEU A CG  1 
ATOM   78   C CD1 . LEU A 1 14  ? -0.117  -15.868 -2.987  1.00 24.78 ?  33  LEU A CD1 1 
ATOM   79   C CD2 . LEU A 1 14  ? 1.906   -14.568 -3.726  1.00 23.86 ?  33  LEU A CD2 1 
ATOM   80   N N   . SER A 1 15  ? 3.790   -19.395 -5.411  1.00 28.16 ?  34  SER A N   1 
ATOM   81   C CA  . SER A 1 15  ? 4.566   -20.601 -5.145  1.00 30.23 ?  34  SER A CA  1 
ATOM   82   C C   . SER A 1 15  ? 5.880   -20.586 -5.945  1.00 28.01 ?  34  SER A C   1 
ATOM   83   O O   . SER A 1 15  ? 6.725   -21.441 -5.679  1.00 29.46 ?  34  SER A O   1 
ATOM   84   C CB  . SER A 1 15  ? 3.676   -21.847 -5.338  1.00 28.18 ?  34  SER A CB  1 
ATOM   85   O OG  . SER A 1 15  ? 3.297   -21.988 -6.678  1.00 31.89 ?  34  SER A OG  1 
ATOM   86   N N   . ALA A 1 16  ? 6.099   -19.607 -6.850  1.00 25.55 ?  35  ALA A N   1 
ATOM   87   C CA  . ALA A 1 16  ? 7.348   -19.523 -7.606  1.00 28.37 ?  35  ALA A CA  1 
ATOM   88   C C   . ALA A 1 16  ? 8.493   -19.100 -6.669  1.00 28.29 ?  35  ALA A C   1 
ATOM   89   O O   . ALA A 1 16  ? 8.222   -18.536 -5.607  1.00 27.96 ?  35  ALA A O   1 
ATOM   90   C CB  . ALA A 1 16  ? 7.187   -18.541 -8.721  1.00 28.84 ?  35  ALA A CB  1 
ATOM   91   N N   . PRO A 1 17  ? 9.766   -19.419 -7.027  1.00 27.60 ?  36  PRO A N   1 
ATOM   92   C CA  . PRO A 1 17  ? 10.822  -18.932 -6.145  1.00 27.94 ?  36  PRO A CA  1 
ATOM   93   C C   . PRO A 1 17  ? 10.704  -17.400 -6.026  1.00 21.42 ?  36  PRO A C   1 
ATOM   94   O O   . PRO A 1 17  ? 10.517  -16.780 -7.046  1.00 23.57 ?  36  PRO A O   1 
ATOM   95   C CB  . PRO A 1 17  ? 12.131  -19.325 -6.870  1.00 30.21 ?  36  PRO A CB  1 
ATOM   96   C CG  . PRO A 1 17  ? 11.734  -20.340 -7.920  1.00 29.22 ?  36  PRO A CG  1 
ATOM   97   C CD  . PRO A 1 17  ? 10.297  -20.019 -8.267  1.00 28.77 ?  36  PRO A CD  1 
ATOM   98   N N   . PRO A 1 18  ? 10.845  -16.883 -4.819  1.00 23.38 ?  37  PRO A N   1 
ATOM   99   C CA  . PRO A 1 18  ? 10.618  -15.405 -4.590  1.00 21.81 ?  37  PRO A CA  1 
ATOM   100  C C   . PRO A 1 18  ? 11.666  -14.594 -5.307  1.00 21.17 ?  37  PRO A C   1 
ATOM   101  O O   . PRO A 1 18  ? 12.879  -14.948 -5.280  1.00 18.78 ?  37  PRO A O   1 
ATOM   102  C CB  . PRO A 1 18  ? 10.796  -15.257 -3.090  1.00 27.65 ?  37  PRO A CB  1 
ATOM   103  C CG  . PRO A 1 18  ? 11.476  -16.454 -2.616  1.00 30.20 ?  37  PRO A CG  1 
ATOM   104  C CD  . PRO A 1 18  ? 11.017  -17.553 -3.542  1.00 25.49 ?  37  PRO A CD  1 
ATOM   105  N N   . PRO A 1 19  ? 11.293  -13.460 -5.869  1.00 18.45 ?  38  PRO A N   1 
ATOM   106  C CA  . PRO A 1 19  ? 12.292  -12.563 -6.417  1.00 18.23 ?  38  PRO A CA  1 
ATOM   107  C C   . PRO A 1 19  ? 13.370  -12.193 -5.412  1.00 17.49 ?  38  PRO A C   1 
ATOM   108  O O   . PRO A 1 19  ? 13.098  -11.985 -4.232  1.00 16.17 ?  38  PRO A O   1 
ATOM   109  C CB  . PRO A 1 19  ? 11.456  -11.332 -6.803  1.00 19.38 ?  38  PRO A CB  1 
ATOM   110  C CG  . PRO A 1 19  ? 10.133  -11.865 -7.164  1.00 17.70 ?  38  PRO A CG  1 
ATOM   111  C CD  . PRO A 1 19  ? 9.930   -12.909 -6.086  1.00 17.31 ?  38  PRO A CD  1 
ATOM   112  N N   . ASP A 1 20  ? 14.610  -12.234 -5.899  1.00 17.83 ?  39  ASP A N   1 
ATOM   113  C CA  . ASP A 1 20  ? 15.772  -11.926 -5.059  1.00 17.54 ?  39  ASP A CA  1 
ATOM   114  C C   . ASP A 1 20  ? 15.927  -10.465 -4.766  1.00 16.18 ?  39  ASP A C   1 
ATOM   115  O O   . ASP A 1 20  ? 15.112  -9.671  -5.223  1.00 15.69 ?  39  ASP A O   1 
ATOM   116  C CB  . ASP A 1 20  ? 17.081  -12.492 -5.687  1.00 18.22 ?  39  ASP A CB  1 
ATOM   117  C CG  . ASP A 1 20  ? 17.476  -11.822 -6.997  1.00 22.48 ?  39  ASP A CG  1 
ATOM   118  O OD1 . ASP A 1 20  ? 17.020  -10.723 -7.431  1.00 21.51 ?  39  ASP A OD1 1 
ATOM   119  O OD2 . ASP A 1 20  ? 18.409  -12.374 -7.680  1.00 24.84 -1 39  ASP A OD2 1 
ATOM   120  N N   . LEU A 1 21  ? 16.917  -10.093 -3.997  1.00 15.71 ?  40  LEU A N   1 
ATOM   121  C CA  . LEU A 1 21  ? 17.043  -8.720  -3.531  1.00 14.64 ?  40  LEU A CA  1 
ATOM   122  C C   . LEU A 1 21  ? 17.138  -7.772  -4.746  1.00 15.13 ?  40  LEU A C   1 
ATOM   123  O O   . LEU A 1 21  ? 16.634  -6.615  -4.721  1.00 14.64 ?  40  LEU A O   1 
ATOM   124  C CB  . LEU A 1 21  ? 18.308  -8.509  -2.673  1.00 15.15 ?  40  LEU A CB  1 
ATOM   125  C CG  . LEU A 1 21  ? 18.254  -9.125  -1.292  1.00 16.40 ?  40  LEU A CG  1 
ATOM   126  C CD1 . LEU A 1 21  ? 19.584  -8.816  -0.590  1.00 18.10 ?  40  LEU A CD1 1 
ATOM   127  C CD2 . LEU A 1 21  ? 17.069  -8.754  -0.410  1.00 19.19 ?  40  LEU A CD2 1 
ATOM   128  N N   . GLY A 1 22  ? 17.851  -8.096  -5.774  1.00 15.58 ?  41  GLY A N   1 
ATOM   129  C CA  . GLY A 1 22  ? 17.906  -7.336  -6.963  1.00 14.65 ?  41  GLY A CA  1 
ATOM   130  C C   . GLY A 1 22  ? 16.544  -6.936  -7.572  1.00 14.93 ?  41  GLY A C   1 
ATOM   131  O O   . GLY A 1 22  ? 16.260  -5.735  -7.904  1.00 14.79 ?  41  GLY A O   1 
ATOM   132  N N   . ALA A 1 23  ? 15.725  -7.936  -7.713  1.00 15.10 ?  42  ALA A N   1 
ATOM   133  C CA  . ALA A 1 23  ? 14.361  -7.777  -8.215  1.00 14.59 ?  42  ALA A CA  1 
ATOM   134  C C   . ALA A 1 23  ? 13.553  -6.909  -7.240  1.00 13.62 ?  42  ALA A C   1 
ATOM   135  O O   . ALA A 1 23  ? 12.798  -5.998  -7.714  1.00 13.65 ?  42  ALA A O   1 
ATOM   136  C CB  . ALA A 1 23  ? 13.737  -9.090  -8.388  1.00 14.22 ?  42  ALA A CB  1 
ATOM   137  N N   . GLN A 1 24  ? 13.687  -7.150  -5.954  1.00 12.63 ?  43  GLN A N   1 
ATOM   138  C CA  . GLN A 1 24  ? 13.001  -6.366  -4.944  1.00 11.90 ?  43  GLN A CA  1 
ATOM   139  C C   . GLN A 1 24  ? 13.394  -4.912  -5.030  1.00 12.53 ?  43  GLN A C   1 
ATOM   140  O O   . GLN A 1 24  ? 12.508  -4.055  -4.894  1.00 11.33 ?  43  GLN A O   1 
ATOM   141  C CB  . GLN A 1 24  ? 13.260  -6.892  -3.579  1.00 11.70 ?  43  GLN A CB  1 
ATOM   142  C CG  . GLN A 1 24  ? 12.709  -8.302  -3.383  1.00 13.32 ?  43  GLN A CG  1 
ATOM   143  C CD  . GLN A 1 24  ? 13.150  -8.867  -2.030  1.00 14.29 ?  43  GLN A CD  1 
ATOM   144  O OE1 . GLN A 1 24  ? 13.097  -8.237  -1.007  1.00 12.90 ?  43  GLN A OE1 1 
ATOM   145  N NE2 . GLN A 1 24  ? 13.598  -10.099 -2.026  1.00 15.82 ?  43  GLN A NE2 1 
ATOM   146  N N   . ARG A 1 25  ? 14.682  -4.604  -5.319  1.00 11.94 ?  44  ARG A N   1 
ATOM   147  C CA  . ARG A 1 25  ? 15.101  -3.195  -5.405  1.00 12.06 ?  44  ARG A CA  1 
ATOM   148  C C   . ARG A 1 25  ? 14.581  -2.554  -6.705  1.00 11.32 ?  44  ARG A C   1 
ATOM   149  O O   . ARG A 1 25  ? 14.125  -1.419  -6.678  1.00 12.28 ?  44  ARG A O   1 
ATOM   150  C CB  . ARG A 1 25  ? 16.633  -3.039  -5.285  1.00 12.34 ?  44  ARG A CB  1 
ATOM   151  C CG  . ARG A 1 25  ? 17.117  -3.403  -3.902  1.00 12.84 ?  44  ARG A CG  1 
ATOM   152  C CD  . ARG A 1 25  ? 18.600  -3.090  -3.727  1.00 13.63 ?  44  ARG A CD  1 
ATOM   153  N NE  . ARG A 1 25  ? 19.032  -3.365  -2.391  1.00 12.86 ?  44  ARG A NE  1 
ATOM   154  C CZ  . ARG A 1 25  ? 19.821  -4.361  -1.987  1.00 13.57 ?  44  ARG A CZ  1 
ATOM   155  N NH1 . ARG A 1 25  ? 20.246  -5.253  -2.838  1.00 12.96 ?  44  ARG A NH1 1 
ATOM   156  N NH2 . ARG A 1 25  ? 20.133  -4.444  -0.727  1.00 13.73 ?  44  ARG A NH2 1 
ATOM   157  N N   . ARG A 1 26  ? 14.556  -3.361  -7.758  1.00 12.73 ?  45  ARG A N   1 
ATOM   158  C CA  . ARG A 1 26  ? 14.050  -2.810  -9.033  1.00 13.97 ?  45  ARG A CA  1 
ATOM   159  C C   . ARG A 1 26  ? 12.558  -2.406  -8.997  1.00 12.28 ?  45  ARG A C   1 
ATOM   160  O O   . ARG A 1 26  ? 12.119  -1.452  -9.653  1.00 13.35 ?  45  ARG A O   1 
ATOM   161  C CB  . ARG A 1 26  ? 14.238  -3.773  -10.181 1.00 16.39 ?  45  ARG A CB  1 
ATOM   162  C CG  . ARG A 1 26  ? 15.682  -3.775  -10.653 1.00 22.34 ?  45  ARG A CG  1 
ATOM   163  C CD  . ARG A 1 26  ? 15.823  -4.515  -11.991 1.00 24.81 ?  45  ARG A CD  1 
ATOM   164  N NE  . ARG A 1 26  ? 15.371  -5.869  -11.955 1.00 30.49 ?  45  ARG A NE  1 
ATOM   165  C CZ  . ARG A 1 26  ? 16.041  -6.909  -11.462 1.00 33.74 ?  45  ARG A CZ  1 
ATOM   166  N NH1 . ARG A 1 26  ? 17.240  -6.782  -10.899 1.00 36.90 ?  45  ARG A NH1 1 
ATOM   167  N NH2 . ARG A 1 26  ? 15.473  -8.100  -11.527 1.00 37.02 ?  45  ARG A NH2 1 
ATOM   168  N N   . HIS A 1 27  ? 11.773  -3.142  -8.197  1.00 11.07 ?  46  HIS A N   1 
ATOM   169  C CA  . HIS A 1 27  ? 10.315  -2.933  -8.086  1.00 11.12 ?  46  HIS A CA  1 
ATOM   170  C C   . HIS A 1 27  ? 10.003  -2.289  -6.722  1.00 10.50 ?  46  HIS A C   1 
ATOM   171  O O   . HIS A 1 27  ? 8.806   -2.140  -6.407  1.00 10.59 ?  46  HIS A O   1 
ATOM   172  C CB  . HIS A 1 27  ? 9.642   -4.258  -8.193  1.00 11.71 ?  46  HIS A CB  1 
ATOM   173  C CG  . HIS A 1 27  ? 9.593   -4.791  -9.563  1.00 12.57 ?  46  HIS A CG  1 
ATOM   174  N ND1 . HIS A 1 27  ? 8.533   -4.565  -10.405 1.00 12.56 ?  46  HIS A ND1 1 
ATOM   175  C CD2 . HIS A 1 27  ? 10.509  -5.490  -10.274 1.00 13.91 ?  46  HIS A CD2 1 
ATOM   176  C CE1 . HIS A 1 27  ? 8.767   -5.111  -11.569 1.00 14.76 ?  46  HIS A CE1 1 
ATOM   177  N NE2 . HIS A 1 27  ? 9.957   -5.706  -11.512 1.00 15.50 ?  46  HIS A NE2 1 
ATOM   178  N N   . GLY A 1 28  ? 10.985  -1.811  -5.990  1.00 9.88  ?  47  GLY A N   1 
ATOM   179  C CA  . GLY A 1 28  ? 10.800  -1.239  -4.671  1.00 9.17  ?  47  GLY A CA  1 
ATOM   180  C C   . GLY A 1 28  ? 10.560  0.247   -4.637  1.00 9.06  ?  47  GLY A C   1 
ATOM   181  O O   . GLY A 1 28  ? 10.233  0.798   -5.713  1.00 9.28  ?  47  GLY A O   1 
ATOM   182  N N   . TRP A 1 29  ? 10.626  0.844   -3.478  1.00 8.46  ?  48  TRP A N   1 
ATOM   183  C CA  . TRP A 1 29  ? 10.249  2.269   -3.371  1.00 8.82  ?  48  TRP A CA  1 
ATOM   184  C C   . TRP A 1 29  ? 11.218  3.148   -4.177  1.00 9.40  ?  48  TRP A C   1 
ATOM   185  O O   . TRP A 1 29  ? 12.426  2.810   -4.224  1.00 10.01 ?  48  TRP A O   1 
ATOM   186  C CB  . TRP A 1 29  ? 10.283  2.758   -1.946  1.00 8.52  ?  48  TRP A CB  1 
ATOM   187  C CG  . TRP A 1 29  ? 9.406   2.015   -1.020  1.00 7.69  ?  48  TRP A CG  1 
ATOM   188  C CD1 . TRP A 1 29  ? 9.783   1.393   0.121   1.00 7.96  ?  48  TRP A CD1 1 
ATOM   189  C CD2 . TRP A 1 29  ? 7.952   1.868   -1.098  1.00 7.26  ?  48  TRP A CD2 1 
ATOM   190  N NE1 . TRP A 1 29  ? 8.674   0.838   0.758   1.00 8.83  ?  48  TRP A NE1 1 
ATOM   191  C CE2 . TRP A 1 29  ? 7.554   1.141   0.019   1.00 7.81  ?  48  TRP A CE2 1 
ATOM   192  C CE3 . TRP A 1 29  ? 6.976   2.290   -2.072  1.00 8.66  ?  48  TRP A CE3 1 
ATOM   193  C CZ2 . TRP A 1 29  ? 6.210   0.797   0.244   1.00 8.44  ?  48  TRP A CZ2 1 
ATOM   194  C CZ3 . TRP A 1 29  ? 5.684   1.972   -1.854  1.00 7.72  ?  48  TRP A CZ3 1 
ATOM   195  C CH2 . TRP A 1 29  ? 5.277   1.251   -0.671  1.00 7.78  ?  48  TRP A CH2 1 
ATOM   196  N N   . ASN A 1 30  ? 10.660  4.201   -4.804  1.00 8.80  ?  49  ASN A N   1 
ATOM   197  C CA  . ASN A 1 30  ? 11.454  5.037   -5.670  1.00 10.24 ?  49  ASN A CA  1 
ATOM   198  C C   . ASN A 1 30  ? 11.978  6.177   -4.854  1.00 11.53 ?  49  ASN A C   1 
ATOM   199  O O   . ASN A 1 30  ? 11.217  7.040   -4.466  1.00 10.28 ?  49  ASN A O   1 
ATOM   200  C CB  . ASN A 1 30  ? 10.592  5.488   -6.837  1.00 9.57  ?  49  ASN A CB  1 
ATOM   201  C CG  . ASN A 1 30  ? 11.379  6.099   -7.990  1.00 10.27 ?  49  ASN A CG  1 
ATOM   202  O OD1 . ASN A 1 30  ? 10.791  6.379   -9.123  1.00 12.94 ?  49  ASN A OD1 1 
ATOM   203  N ND2 . ASN A 1 30  ? 12.600  6.382   -7.784  1.00 9.69  ?  49  ASN A ND2 1 
ATOM   204  N N   . PRO A 1 31  ? 13.351  6.362   -4.718  1.00 12.54 ?  50  PRO A N   1 
ATOM   205  C CA  . PRO A 1 31  ? 13.854  7.580   -4.022  1.00 12.86 ?  50  PRO A CA  1 
ATOM   206  C C   . PRO A 1 31  ? 13.482  8.833   -4.746  1.00 12.87 ?  50  PRO A C   1 
ATOM   207  O O   . PRO A 1 31  ? 13.411  9.929   -4.090  1.00 14.59 ?  50  PRO A O   1 
ATOM   208  C CB  . PRO A 1 31  ? 15.361  7.420   -4.040  1.00 13.27 ?  50  PRO A CB  1 
ATOM   209  C CG  . PRO A 1 31  ? 15.610  6.076   -4.281  1.00 16.24 ?  50  PRO A CG  1 
ATOM   210  C CD  . PRO A 1 31  ? 14.417  5.432   -5.010  1.00 11.46 ?  50  PRO A CD  1 
ATOM   211  N N   . LYS A 1 32  ? 13.211  8.725   -6.018  1.00 12.62 ?  51  LYS A N   1 
ATOM   212  C CA  . LYS A 1 32  ? 12.820  9.888   -6.819  1.00 14.18 ?  51  LYS A CA  1 
ATOM   213  C C   . LYS A 1 32  ? 11.350  10.036  -6.972  1.00 13.65 ?  51  LYS A C   1 
ATOM   214  O O   . LYS A 1 32  ? 10.894  10.890  -7.788  1.00 16.40 ?  51  LYS A O   1 
ATOM   215  C CB  . LYS A 1 32  ? 13.438  9.811   -8.162  1.00 17.10 ?  51  LYS A CB  1 
ATOM   216  C CG  . LYS A 1 32  ? 14.934  9.864   -8.142  1.00 20.80 ?  51  LYS A CG  1 
ATOM   217  C CD  . LYS A 1 32  ? 15.517  9.151   -9.345  1.00 30.01 ?  51  LYS A CD  1 
ATOM   218  C CE  . LYS A 1 32  ? 16.700  9.923   -9.925  1.00 38.07 ?  51  LYS A CE  1 
ATOM   219  N NZ  . LYS A 1 32  ? 17.661  10.449  -8.918  1.00 41.43 ?  51  LYS A NZ  1 
ATOM   220  N N   . ASP A 1 33  ? 10.543  9.285   -6.185  1.00 12.37 ?  52  ASP A N   1 
ATOM   221  C CA  . ASP A 1 33  ? 9.083   9.443   -6.258  1.00 11.35 ?  52  ASP A CA  1 
ATOM   222  C C   . ASP A 1 33  ? 8.454   9.203   -4.918  1.00 10.57 ?  52  ASP A C   1 
ATOM   223  O O   . ASP A 1 33  ? 7.585   8.348   -4.757  1.00 10.09 ?  52  ASP A O   1 
ATOM   224  C CB  . ASP A 1 33  ? 8.522   8.543   -7.321  1.00 11.17 ?  52  ASP A CB  1 
ATOM   225  C CG  . ASP A 1 33  ? 7.196   9.039   -7.859  1.00 9.41  ?  52  ASP A CG  1 
ATOM   226  O OD1 . ASP A 1 33  ? 6.774   10.174  -7.672  1.00 11.84 ?  52  ASP A OD1 1 
ATOM   227  O OD2 . ASP A 1 33  ? 6.534   8.178   -8.547  1.00 9.63  -1 52  ASP A OD2 1 
ATOM   228  N N   . CYS A 1 34  ? 8.852   9.999   -3.949  1.00 9.46  ?  53  CYS A N   1 
ATOM   229  C CA  . CYS A 1 34  ? 8.316   9.930   -2.576  1.00 10.24 ?  53  CYS A CA  1 
ATOM   230  C C   . CYS A 1 34  ? 8.222   11.278  -1.955  1.00 10.64 ?  53  CYS A C   1 
ATOM   231  O O   . CYS A 1 34  ? 8.882   12.221  -2.462  1.00 10.45 ?  53  CYS A O   1 
ATOM   232  C CB  . CYS A 1 34  ? 9.123   9.011   -1.724  1.00 11.65 ?  53  CYS A CB  1 
ATOM   233  S SG  . CYS A 1 34  ? 10.812  9.484   -1.474  1.00 13.87 ?  53  CYS A SG  1 
ATOM   234  N N   . SER A 1 35  ? 7.452   11.455  -0.922  1.00 10.36 ?  54  SER A N   1 
ATOM   235  C CA  . SER A 1 35  ? 7.487   12.638  -0.132  1.00 10.37 ?  54  SER A CA  1 
ATOM   236  C C   . SER A 1 35  ? 8.880   13.115  0.208   1.00 11.73 ?  54  SER A C   1 
ATOM   237  O O   . SER A 1 35  ? 9.747   12.306  0.533   1.00 11.41 ?  54  SER A O   1 
ATOM   238  C CB  . SER A 1 35  ? 6.680   12.439  1.134   1.00 10.28 ?  54  SER A CB  1 
ATOM   239  O OG  . SER A 1 35  ? 6.906   13.535  1.996   1.00 11.37 ?  54  SER A OG  1 
ATOM   240  N N   . GLU A 1 36  ? 9.019   14.448  0.288   1.00 12.79 ?  55  GLU A N   1 
ATOM   241  C CA  . GLU A 1 36  ? 10.272  15.061  0.756   1.00 13.89 ?  55  GLU A CA  1 
ATOM   242  C C   . GLU A 1 36  ? 10.578  14.653  2.174   1.00 12.83 ?  55  GLU A C   1 
ATOM   243  O O   . GLU A 1 36  ? 11.699  14.745  2.584   1.00 14.42 ?  55  GLU A O   1 
ATOM   244  C CB  . GLU A 1 36  ? 10.208  16.617  0.690   1.00 16.57 ?  55  GLU A CB  1 
ATOM   245  C CG  . GLU A 1 36  ? 9.151   17.264  1.570   1.00 19.52 ?  55  GLU A CG  1 
ATOM   246  C CD  . GLU A 1 36  ? 9.082   18.794  1.527   1.00 27.44 ?  55  GLU A CD  1 
ATOM   247  O OE1 . GLU A 1 36  ? 10.035  19.431  1.044   1.00 35.06 ?  55  GLU A OE1 1 
ATOM   248  O OE2 . GLU A 1 36  ? 8.008   19.295  1.914   1.00 29.06 -1 55  GLU A OE2 1 
ATOM   249  N N   . ASN A 1 37  ? 9.570   14.132  2.936   1.00 11.73 ?  56  ASN A N   1 
ATOM   250  C CA  . ASN A 1 37  ? 9.782   13.737  4.323   1.00 10.15 ?  56  ASN A CA  1 
ATOM   251  C C   . ASN A 1 37  ? 10.038  12.246  4.459   1.00 10.93 ?  56  ASN A C   1 
ATOM   252  O O   . ASN A 1 37  ? 10.111  11.724  5.581   1.00 12.15 ?  56  ASN A O   1 
ATOM   253  C CB  . ASN A 1 37  ? 8.565   14.089  5.151   1.00 12.45 ?  56  ASN A CB  1 
ATOM   254  C CG  . ASN A 1 37  ? 8.272   15.560  5.205   1.00 12.40 ?  56  ASN A CG  1 
ATOM   255  O OD1 . ASN A 1 37  ? 9.260   16.377  5.321   1.00 12.53 ?  56  ASN A OD1 1 
ATOM   256  N ND2 . ASN A 1 37  ? 7.060   15.972  5.005   1.00 13.15 ?  56  ASN A ND2 1 
ATOM   257  N N   . ILE A 1 38  ? 10.194  11.537  3.335   1.00 9.72  ?  57  ILE A N   1 
ATOM   258  C CA  . ILE A 1 38  ? 10.513  10.114  3.365   1.00 10.33 ?  57  ILE A CA  1 
ATOM   259  C C   . ILE A 1 38  ? 11.907  9.878   2.764   1.00 10.56 ?  57  ILE A C   1 
ATOM   260  O O   . ILE A 1 38  ? 12.275  10.508  1.748   1.00 12.39 ?  57  ILE A O   1 
ATOM   261  C CB  . ILE A 1 38  ? 9.453   9.287   2.562   1.00 10.70 ?  57  ILE A CB  1 
ATOM   262  C CG1 . ILE A 1 38  ? 8.238   9.239   3.397   1.00 10.60 ?  57  ILE A CG1 1 
ATOM   263  C CG2 . ILE A 1 38  ? 9.934   7.904   2.162   1.00 11.40 ?  57  ILE A CG2 1 
ATOM   264  C CD1 . ILE A 1 38  ? 7.017   8.544   2.760   1.00 11.13 ?  57  ILE A CD1 1 
ATOM   265  N N   . GLU A 1 39  ? 12.708  8.996   3.386   1.00 11.05 ?  58  GLU A N   1 
ATOM   266  C CA  . GLU A 1 39  ? 14.009  8.565   2.894   1.00 12.59 ?  58  GLU A CA  1 
ATOM   267  C C   . GLU A 1 39  ? 13.880  7.095   2.479   1.00 9.82  ?  58  GLU A C   1 
ATOM   268  O O   . GLU A 1 39  ? 13.557  6.290   3.320   1.00 11.56 ?  58  GLU A O   1 
ATOM   269  C CB  . GLU A 1 39  ? 15.062  8.717   3.983   1.00 17.31 ?  58  GLU A CB  1 
ATOM   270  C CG  . GLU A 1 39  ? 16.437  8.366   3.426   1.00 21.45 ?  58  GLU A CG  1 
ATOM   271  C CD  . GLU A 1 39  ? 17.588  8.437   4.449   1.00 28.67 ?  58  GLU A CD  1 
ATOM   272  O OE1 . GLU A 1 39  ? 17.401  8.984   5.551   1.00 36.37 ?  58  GLU A OE1 1 
ATOM   273  O OE2 . GLU A 1 39  ? 18.685  7.887   4.128   1.00 34.55 -1 58  GLU A OE2 1 
ATOM   274  N N   . VAL A 1 40  ? 14.154  6.804   1.222   1.00 10.26 ?  59  VAL A N   1 
ATOM   275  C CA  . VAL A 1 40  ? 14.163  5.449   0.707   1.00 10.28 ?  59  VAL A CA  1 
ATOM   276  C C   . VAL A 1 40  ? 15.506  4.794   1.069   1.00 10.56 ?  59  VAL A C   1 
ATOM   277  O O   . VAL A 1 40  ? 16.597  5.376   0.823   1.00 12.42 ?  59  VAL A O   1 
ATOM   278  C CB  . VAL A 1 40  ? 13.871  5.400   -0.749  1.00 11.04 ?  59  VAL A CB  1 
ATOM   279  C CG1 . VAL A 1 40  ? 14.116  3.989   -1.292  1.00 11.20 ?  59  VAL A CG1 1 
ATOM   280  C CG2 . VAL A 1 40  ? 12.476  5.923   -1.037  1.00 10.90 ?  59  VAL A CG2 1 
ATOM   281  N N   . LYS A 1 41  ? 15.513  3.634   1.652   1.00 10.54 ?  60  LYS A N   1 
ATOM   282  C CA  . LYS A 1 41  ? 16.727  2.947   2.097   1.00 10.74 ?  60  LYS A CA  1 
ATOM   283  C C   . LYS A 1 41  ? 16.919  1.691   1.307   1.00 10.88 ?  60  LYS A C   1 
ATOM   284  O O   . LYS A 1 41  ? 15.981  1.096   0.722   1.00 11.07 ?  60  LYS A O   1 
ATOM   285  C CB  . LYS A 1 41  ? 16.565  2.579   3.535   1.00 13.72 ?  60  LYS A CB  1 
ATOM   286  C CG  . LYS A 1 41  ? 16.258  3.729   4.463   1.00 19.17 ?  60  LYS A CG  1 
ATOM   287  C CD  . LYS A 1 41  ? 17.460  4.561   4.766   1.00 23.62 ?  60  LYS A CD  1 
ATOM   288  C CE  . LYS A 1 41  ? 17.172  5.511   5.935   1.00 32.19 ?  60  LYS A CE  1 
ATOM   289  N NZ  . LYS A 1 41  ? 16.700  4.934   7.224   1.00 39.76 ?  60  LYS A NZ  1 
ATOM   290  N N   . GLU A 1 42  ? 18.161  1.198   1.361   1.00 11.20 ?  61  GLU A N   1 
ATOM   291  C CA  . GLU A 1 42  ? 18.477  -0.095  0.778   1.00 11.08 ?  61  GLU A CA  1 
ATOM   292  C C   . GLU A 1 42  ? 18.085  -0.204  -0.674  1.00 11.01 ?  61  GLU A C   1 
ATOM   293  O O   . GLU A 1 42  ? 17.746  -1.222  -1.164  1.00 11.37 ?  61  GLU A O   1 
ATOM   294  C CB  . GLU A 1 42  ? 17.937  -1.257  1.675   1.00 12.19 ?  61  GLU A CB  1 
ATOM   295  C CG  . GLU A 1 42  ? 18.864  -1.471  2.851   1.00 12.57 ?  61  GLU A CG  1 
ATOM   296  C CD  . GLU A 1 42  ? 20.261  -2.008  2.514   1.00 14.27 ?  61  GLU A CD  1 
ATOM   297  O OE1 . GLU A 1 42  ? 20.496  -2.463  1.391   1.00 14.26 ?  61  GLU A OE1 1 
ATOM   298  O OE2 . GLU A 1 42  ? 21.128  -1.802  3.414   1.00 16.42 -1 61  GLU A OE2 1 
ATOM   299  N N   . GLY A 1 43  ? 18.170  0.932   -1.422  1.00 10.93 ?  62  GLY A N   1 
ATOM   300  C CA  . GLY A 1 43  ? 17.857  0.892   -2.807  1.00 10.57 ?  62  GLY A CA  1 
ATOM   301  C C   . GLY A 1 43  ? 16.425  0.548   -3.176  1.00 10.70 ?  62  GLY A C   1 
ATOM   302  O O   . GLY A 1 43  ? 16.141  0.140   -4.309  1.00 11.52 ?  62  GLY A O   1 
ATOM   303  N N   . GLY A 1 44  ? 15.497  0.787   -2.211  1.00 10.47 ?  63  GLY A N   1 
ATOM   304  C CA  . GLY A 1 44  ? 14.109  0.526   -2.502  1.00 9.94  ?  63  GLY A CA  1 
ATOM   305  C C   . GLY A 1 44  ? 13.437  -0.509  -1.633  1.00 10.30 ?  63  GLY A C   1 
ATOM   306  O O   . GLY A 1 44  ? 12.209  -0.622  -1.619  1.00 10.11 ?  63  GLY A O   1 
ATOM   307  N N   . LEU A 1 45  ? 14.181  -1.263  -0.811  1.00 8.63  ?  64  LEU A N   1 
ATOM   308  C CA  . LEU A 1 45  ? 13.581  -2.321  -0.008  1.00 8.94  ?  64  LEU A CA  1 
ATOM   309  C C   . LEU A 1 45  ? 12.705  -1.753  1.070   1.00 9.36  ?  64  LEU A C   1 
ATOM   310  O O   . LEU A 1 45  ? 11.701  -2.423  1.455   1.00 9.88  ?  64  LEU A O   1 
ATOM   311  C CB  . LEU A 1 45  ? 14.653  -3.218  0.639   1.00 9.87  ?  64  LEU A CB  1 
ATOM   312  C CG  . LEU A 1 45  ? 15.561  -3.949  -0.298  1.00 10.78 ?  64  LEU A CG  1 
ATOM   313  C CD1 . LEU A 1 45  ? 16.573  -4.775  0.523   1.00 12.26 ?  64  LEU A CD1 1 
ATOM   314  C CD2 . LEU A 1 45  ? 14.802  -4.764  -1.334  1.00 11.13 ?  64  LEU A CD2 1 
ATOM   315  N N   . TYR A 1 46  ? 12.989  -0.595  1.665   1.00 8.46  ?  65  TYR A N   1 
ATOM   316  C CA  . TYR A 1 46  ? 12.086  -0.001  2.652   1.00 9.13  ?  65  TYR A CA  1 
ATOM   317  C C   . TYR A 1 46  ? 12.274  1.475   2.656   1.00 8.50  ?  65  TYR A C   1 
ATOM   318  O O   . TYR A 1 46  ? 13.233  1.975   2.025   1.00 10.47 ?  65  TYR A O   1 
ATOM   319  C CB  . TYR A 1 46  ? 12.252  -0.572  4.088   1.00 10.26 ?  65  TYR A CB  1 
ATOM   320  C CG  . TYR A 1 46  ? 13.574  -0.264  4.831   1.00 10.40 ?  65  TYR A CG  1 
ATOM   321  C CD1 . TYR A 1 46  ? 14.762  -1.044  4.582   1.00 11.62 ?  65  TYR A CD1 1 
ATOM   322  C CD2 . TYR A 1 46  ? 13.625  0.754   5.736   1.00 12.16 ?  65  TYR A CD2 1 
ATOM   323  C CE1 . TYR A 1 46  ? 15.959  -0.731  5.275   1.00 12.74 ?  65  TYR A CE1 1 
ATOM   324  C CE2 . TYR A 1 46  ? 14.813  1.006   6.430   1.00 14.63 ?  65  TYR A CE2 1 
ATOM   325  C CZ  . TYR A 1 46  ? 15.899  0.248   6.186   1.00 12.80 ?  65  TYR A CZ  1 
ATOM   326  O OH  . TYR A 1 46  ? 16.956  0.711   7.007   1.00 19.42 ?  65  TYR A OH  1 
ATOM   327  N N   . PHE A 1 47  ? 11.416  2.217   3.305   1.00 8.43  ?  66  PHE A N   1 
ATOM   328  C CA  . PHE A 1 47  ? 11.570  3.624   3.538   1.00 8.82  ?  66  PHE A CA  1 
ATOM   329  C C   . PHE A 1 47  ? 11.464  3.892   4.999   1.00 10.72 ?  66  PHE A C   1 
ATOM   330  O O   . PHE A 1 47  ? 10.835  3.157   5.719   1.00 10.56 ?  66  PHE A O   1 
ATOM   331  C CB  . PHE A 1 47  ? 10.679  4.464   2.655   1.00 9.31  ?  66  PHE A CB  1 
ATOM   332  C CG  . PHE A 1 47  ? 9.211   4.510   3.025   1.00 8.84  ?  66  PHE A CG  1 
ATOM   333  C CD1 . PHE A 1 47  ? 8.780   5.079   4.155   1.00 10.29 ?  66  PHE A CD1 1 
ATOM   334  C CD2 . PHE A 1 47  ? 8.235   4.001   2.171   1.00 10.14 ?  66  PHE A CD2 1 
ATOM   335  C CE1 . PHE A 1 47  ? 7.432   5.152   4.506   1.00 9.94  ?  66  PHE A CE1 1 
ATOM   336  C CE2 . PHE A 1 47  ? 6.898   4.003   2.503   1.00 9.10  ?  66  PHE A CE2 1 
ATOM   337  C CZ  . PHE A 1 47  ? 6.489   4.593   3.681   1.00 9.60  ?  66  PHE A CZ  1 
ATOM   338  N N   . GLU A 1 48  ? 11.956  5.061   5.410   1.00 10.55 ?  67  GLU A N   1 
ATOM   339  C CA  . GLU A 1 48  ? 11.804  5.562   6.742   1.00 10.77 ?  67  GLU A CA  1 
ATOM   340  C C   . GLU A 1 48  ? 11.198  6.963   6.610   1.00 11.79 ?  67  GLU A C   1 
ATOM   341  O O   . GLU A 1 48  ? 11.739  7.818   5.895   1.00 14.21 ?  67  GLU A O   1 
ATOM   342  C CB  . GLU A 1 48  ? 13.119  5.535   7.558   1.00 14.38 ?  67  GLU A CB  1 
ATOM   343  C CG  . GLU A 1 48  ? 12.970  6.007   9.024   1.00 17.48 ?  67  GLU A CG  1 
ATOM   344  C CD  . GLU A 1 48  ? 14.197  5.739   9.870   1.00 21.70 ?  67  GLU A CD  1 
ATOM   345  O OE1 . GLU A 1 48  ? 14.780  4.625   9.752   1.00 23.22 ?  67  GLU A OE1 1 
ATOM   346  O OE2 . GLU A 1 48  ? 14.543  6.677   10.580  1.00 29.94 -1 67  GLU A OE2 1 
ATOM   347  N N   . ARG A 1 49  ? 10.070  7.209   7.263   1.00 11.29 ?  68  ARG A N   1 
ATOM   348  C CA  . ARG A 1 49  ? 9.427   8.510   7.322   1.00 11.32 ?  68  ARG A CA  1 
ATOM   349  C C   . ARG A 1 49  ? 10.092  9.355   8.421   1.00 12.61 ?  68  ARG A C   1 
ATOM   350  O O   . ARG A 1 49  ? 10.161  8.884   9.560   1.00 13.96 ?  68  ARG A O   1 
ATOM   351  C CB  . ARG A 1 49  ? 7.915   8.474   7.522   1.00 11.81 ?  68  ARG A CB  1 
ATOM   352  C CG  . ARG A 1 49  ? 7.203   9.785   7.420   1.00 11.83 ?  68  ARG A CG  1 
ATOM   353  C CD  . ARG A 1 49  ? 5.728   9.699   7.788   1.00 11.38 ?  68  ARG A CD  1 
ATOM   354  N NE  . ARG A 1 49  ? 5.105   10.961  8.089   1.00 11.43 ?  68  ARG A NE  1 
ATOM   355  C CZ  . ARG A 1 49  ? 5.240   11.655  9.253   1.00 10.68 ?  68  ARG A CZ  1 
ATOM   356  N NH1 . ARG A 1 49  ? 5.996   11.141  10.203  1.00 12.36 ?  68  ARG A NH1 1 
ATOM   357  N NH2 . ARG A 1 49  ? 4.525   12.709  9.393   1.00 12.82 ?  68  ARG A NH2 1 
ATOM   358  N N   . ARG A 1 50  ? 10.595  10.560  8.109   1.00 12.66 ?  69  ARG A N   1 
ATOM   359  C CA  . ARG A 1 50  ? 11.206  11.385  9.121   1.00 13.62 ?  69  ARG A CA  1 
ATOM   360  C C   . ARG A 1 50  ? 10.100  11.786  10.092  1.00 14.11 ?  69  ARG A C   1 
ATOM   361  O O   . ARG A 1 50  ? 8.876   11.866  9.767   1.00 12.74 ?  69  ARG A O   1 
ATOM   362  C CB  . ARG A 1 50  ? 11.861  12.593  8.434   1.00 16.40 ?  69  ARG A CB  1 
ATOM   363  C CG  . ARG A 1 50  ? 13.133  12.125  7.789   1.00 20.64 ?  69  ARG A CG  1 
ATOM   364  C CD  . ARG A 1 50  ? 14.084  13.229  7.414   1.00 27.89 ?  69  ARG A CD  1 
ATOM   365  N NE  . ARG A 1 50  ? 13.773  13.544  6.067   1.00 31.88 ?  69  ARG A NE  1 
ATOM   366  C CZ  . ARG A 1 50  ? 14.316  12.990  4.990   1.00 34.18 ?  69  ARG A CZ  1 
ATOM   367  N NH1 . ARG A 1 50  ? 13.794  13.343  3.847   1.00 31.75 ?  69  ARG A NH1 1 
ATOM   368  N NH2 . ARG A 1 50  ? 15.352  12.156  5.021   1.00 35.99 ?  69  ARG A NH2 1 
ATOM   369  N N   . PRO A 1 51  ? 10.486  12.190  11.330  1.00 14.90 ?  70  PRO A N   1 
ATOM   370  C CA  . PRO A 1 51  ? 9.509   12.730  12.266  1.00 14.12 ?  70  PRO A CA  1 
ATOM   371  C C   . PRO A 1 51  ? 9.127   14.139  11.873  1.00 16.50 ?  70  PRO A C   1 
ATOM   372  O O   . PRO A 1 51  ? 9.979   15.063  11.978  1.00 18.01 ?  70  PRO A O   1 
ATOM   373  C CB  . PRO A 1 51  ? 10.261  12.628  13.601  1.00 14.60 ?  70  PRO A CB  1 
ATOM   374  C CG  . PRO A 1 51  ? 11.709  12.748  13.207  1.00 17.37 ?  70  PRO A CG  1 
ATOM   375  C CD  . PRO A 1 51  ? 11.818  11.994  11.938  1.00 15.08 ?  70  PRO A CD  1 
ATOM   376  N N   . VAL A 1 52  ? 7.936   14.408  11.374  1.00 14.70 ?  71  VAL A N   1 
ATOM   377  C CA  . VAL A 1 52  ? 7.423   15.666  10.903  1.00 15.25 ?  71  VAL A CA  1 
ATOM   378  C C   . VAL A 1 52  ? 6.043   15.792  11.404  1.00 16.48 ?  71  VAL A C   1 
ATOM   379  O O   . VAL A 1 52  ? 5.149   14.968  11.070  1.00 13.99 ?  71  VAL A O   1 
ATOM   380  C CB  . VAL A 1 52  ? 7.529   15.745  9.356   1.00 15.84 ?  71  VAL A CB  1 
ATOM   381  C CG1 . VAL A 1 52  ? 6.925   17.003  8.873   1.00 16.51 ?  71  VAL A CG1 1 
ATOM   382  C CG2 . VAL A 1 52  ? 8.959   15.619  8.894   1.00 16.09 ?  71  VAL A CG2 1 
ATOM   383  N N   . ALA A 1 53  ? 5.747   16.805  12.212  1.00 15.42 ?  72  ALA A N   1 
ATOM   384  C CA  . ALA A 1 53  ? 4.450   16.958  12.806  1.00 16.86 ?  72  ALA A CA  1 
ATOM   385  C C   . ALA A 1 53  ? 3.468   17.486  11.775  1.00 14.86 ?  72  ALA A C   1 
ATOM   386  O O   . ALA A 1 53  ? 3.827   18.219  10.859  1.00 16.56 ?  72  ALA A O   1 
ATOM   387  C CB  . ALA A 1 53  ? 4.539   17.983  13.958  1.00 21.87 ?  72  ALA A CB  1 
ATOM   388  N N   . GLN A 1 54  ? 2.240   17.011  11.858  1.00 15.93 ?  73  GLN A N   1 
ATOM   389  C CA  . GLN A 1 54  ? 1.170   17.534  11.029  1.00 17.90 ?  73  GLN A CA  1 
ATOM   390  C C   . GLN A 1 54  ? 1.423   17.377  9.502   1.00 17.78 ?  73  GLN A C   1 
ATOM   391  O O   . GLN A 1 54  ? 1.359   18.267  8.685   1.00 17.43 ?  73  GLN A O   1 
ATOM   392  C CB  . GLN A 1 54  ? 0.882   19.012  11.369  1.00 19.11 ?  73  GLN A CB  1 
ATOM   393  C CG  . GLN A 1 54  ? 0.354   19.124  12.813  1.00 20.62 ?  73  GLN A CG  1 
ATOM   394  C CD  . GLN A 1 54  ? -0.974  18.425  12.986  1.00 21.25 ?  73  GLN A CD  1 
ATOM   395  O OE1 . GLN A 1 54  ? -1.826  18.480  12.143  1.00 24.50 ?  73  GLN A OE1 1 
ATOM   396  N NE2 . GLN A 1 54  ? -1.161  17.794  14.115  1.00 26.58 ?  73  GLN A NE2 1 
ATOM   397  N N   . SER A 1 55  ? 1.772   16.155  9.139   1.00 15.20 ?  74  SER A N   1 
ATOM   398  C CA  . SER A 1 55  ? 2.066   15.792  7.758   1.00 13.92 ?  74  SER A CA  1 
ATOM   399  C C   . SER A 1 55  ? 1.630   14.317  7.527   1.00 12.09 ?  74  SER A C   1 
ATOM   400  O O   . SER A 1 55  ? 1.897   13.470  8.389   1.00 12.93 ?  74  SER A O   1 
ATOM   401  C CB  . SER A 1 55  ? 3.569   15.843  7.503   1.00 13.04 ?  74  SER A CB  1 
ATOM   402  O OG  . SER A 1 55  ? 3.905   15.630  6.120   1.00 13.97 ?  74  SER A OG  1 
ATOM   403  N N   . THR A 1 56  ? 1.130   14.070  6.324   1.00 11.87 ?  75  THR A N   1 
ATOM   404  C CA  . THR A 1 56  ? 1.004   12.670  5.808   1.00 11.12 ?  75  THR A CA  1 
ATOM   405  C C   . THR A 1 56  ? 1.813   12.590  4.536   1.00 10.60 ?  75  THR A C   1 
ATOM   406  O O   . THR A 1 56  ? 1.900   13.501  3.724   1.00 11.14 ?  75  THR A O   1 
ATOM   407  C CB  . THR A 1 56  ? -0.438  12.374  5.508   1.00 11.09 ?  75  THR A CB  1 
ATOM   408  O OG1 . THR A 1 56  ? -1.307  12.656  6.622   1.00 11.34 ?  75  THR A OG1 1 
ATOM   409  C CG2 . THR A 1 56  ? -0.741  10.910  5.120   1.00 10.71 ?  75  THR A CG2 1 
ATOM   410  N N   . ASP A 1 57  ? 2.461   11.435  4.393   1.00 9.91  ?  76  ASP A N   1 
ATOM   411  C CA  . ASP A 1 57  ? 3.557   11.281  3.472   1.00 9.84  ?  76  ASP A CA  1 
ATOM   412  C C   . ASP A 1 57  ? 3.445   9.990   2.737   1.00 10.58 ?  76  ASP A C   1 
ATOM   413  O O   . ASP A 1 57  ? 3.309   8.959   3.405   1.00 11.63 ?  76  ASP A O   1 
ATOM   414  C CB  . ASP A 1 57  ? 4.844   11.435  4.265   1.00 10.32 ?  76  ASP A CB  1 
ATOM   415  C CG  . ASP A 1 57  ? 4.926   12.851  4.875   1.00 12.11 ?  76  ASP A CG  1 
ATOM   416  O OD1 . ASP A 1 57  ? 5.396   13.753  4.123   1.00 11.37 ?  76  ASP A OD1 1 
ATOM   417  O OD2 . ASP A 1 57  ? 4.544   12.946  6.037   1.00 12.06 -1 76  ASP A OD2 1 
ATOM   418  N N   . GLY A 1 58  ? 3.537   10.053  1.415   1.00 9.21  ?  77  GLY A N   1 
ATOM   419  C CA  . GLY A 1 58  ? 3.483   8.802   0.593   1.00 10.20 ?  77  GLY A CA  1 
ATOM   420  C C   . GLY A 1 58  ? 4.703   8.467   -0.168  1.00 11.04 ?  77  GLY A C   1 
ATOM   421  O O   . GLY A 1 58  ? 5.607   9.315   -0.363  1.00 9.30  ?  77  GLY A O   1 
ATOM   422  N N   . ALA A 1 59  ? 4.745   7.257   -0.711  1.00 10.08 ?  78  ALA A N   1 
ATOM   423  C CA  . ALA A 1 59  ? 5.826   6.856   -1.591  1.00 9.90  ?  78  ALA A CA  1 
ATOM   424  C C   . ALA A 1 59  ? 5.207   5.975   -2.670  1.00 8.74  ?  78  ALA A C   1 
ATOM   425  O O   . ALA A 1 59  ? 4.179   5.261   -2.425  1.00 8.68  ?  78  ALA A O   1 
ATOM   426  C CB  . ALA A 1 59  ? 6.805   6.004   -0.772  1.00 10.58 ?  78  ALA A CB  1 
ATOM   427  N N   . ARG A 1 60  ? 5.772   6.014   -3.866  1.00 8.55  ?  79  ARG A N   1 
ATOM   428  C CA  . ARG A 1 60  ? 5.481   5.061   -4.936  1.00 7.22  ?  79  ARG A CA  1 
ATOM   429  C C   . ARG A 1 60  ? 6.643   4.146   -5.229  1.00 8.01  ?  79  ARG A C   1 
ATOM   430  O O   . ARG A 1 60  ? 7.818   4.528   -5.115  1.00 8.12  ?  79  ARG A O   1 
ATOM   431  C CB  . ARG A 1 60  ? 5.078   5.755   -6.288  1.00 8.16  ?  79  ARG A CB  1 
ATOM   432  C CG  . ARG A 1 60  ? 3.656   6.238   -6.325  1.00 9.18  ?  79  ARG A CG  1 
ATOM   433  C CD  . ARG A 1 60  ? 3.195   6.855   -7.675  1.00 8.86  ?  79  ARG A CD  1 
ATOM   434  N NE  . ARG A 1 60  ? 3.849   8.198   -7.828  1.00 9.72  ?  79  ARG A NE  1 
ATOM   435  C CZ  . ARG A 1 60  ? 3.224   9.344   -7.546  1.00 9.89  ?  79  ARG A CZ  1 
ATOM   436  N NH1 . ARG A 1 60  ? 3.972   10.438  -7.484  1.00 10.76 ?  79  ARG A NH1 1 
ATOM   437  N NH2 . ARG A 1 60  ? 1.958   9.390   -7.266  1.00 9.58  ?  79  ARG A NH2 1 
ATOM   438  N N   . GLY A 1 61  ? 6.263   2.971   -5.715  1.00 6.95  ?  80  GLY A N   1 
ATOM   439  C CA  . GLY A 1 61  ? 7.273   2.085   -6.264  1.00 7.52  ?  80  GLY A CA  1 
ATOM   440  C C   . GLY A 1 61  ? 7.847   2.618   -7.524  1.00 7.94  ?  80  GLY A C   1 
ATOM   441  O O   . GLY A 1 61  ? 7.268   3.454   -8.208  1.00 9.02  ?  80  GLY A O   1 
ATOM   442  N N   . LYS A 1 62  ? 8.993   2.046   -7.895  1.00 8.76  ?  81  LYS A N   1 
ATOM   443  C CA  . LYS A 1 62  ? 9.675   2.436   -9.139  1.00 9.55  ?  81  LYS A CA  1 
ATOM   444  C C   . LYS A 1 62  ? 8.990   2.041   -10.398 1.00 10.75 ?  81  LYS A C   1 
ATOM   445  O O   . LYS A 1 62  ? 9.207   2.690   -11.484 1.00 11.23 ?  81  LYS A O   1 
ATOM   446  C CB  . LYS A 1 62  ? 11.079  1.766   -9.156  1.00 10.04 ?  81  LYS A CB  1 
ATOM   447  C CG  . LYS A 1 62  ? 12.034  2.356   -8.153  1.00 9.78  ?  81  LYS A CG  1 
ATOM   448  C CD  . LYS A 1 62  ? 13.306  1.461   -8.055  1.00 11.49 ?  81  LYS A CD  1 
ATOM   449  C CE  . LYS A 1 62  ? 14.304  1.961   -7.009  1.00 12.40 ?  81  LYS A CE  1 
ATOM   450  N NZ  . LYS A 1 62  ? 15.441  1.081   -6.919  1.00 13.95 ?  81  LYS A NZ  1 
ATOM   451  N N   . ARG A 1 63  ? 8.201   1.008   -10.370 1.00 10.86 ?  82  ARG A N   1 
ATOM   452  C CA  . ARG A 1 63  ? 7.605   0.391   -11.599 1.00 12.66 ?  82  ARG A CA  1 
ATOM   453  C C   . ARG A 1 63  ? 6.094   0.463   -11.541 1.00 12.58 ?  82  ARG A C   1 
ATOM   454  O O   . ARG A 1 63  ? 5.483   0.074   -10.558 1.00 11.79 ?  82  ARG A O   1 
ATOM   455  C CB  . ARG A 1 63  ? 8.061   -1.039  -11.694 1.00 13.94 ?  82  ARG A CB  1 
ATOM   456  C CG  . ARG A 1 63  ? 9.531   -1.162  -11.880 1.00 17.31 ?  82  ARG A CG  1 
ATOM   457  C CD  . ARG A 1 63  ? 10.007  -0.909  -13.267 1.00 23.98 ?  82  ARG A CD  1 
ATOM   458  N NE  . ARG A 1 63  ? 9.507   -1.981  -14.136 1.00 30.51 ?  82  ARG A NE  1 
ATOM   459  C CZ  . ARG A 1 63  ? 10.078  -3.171  -14.361 1.00 30.84 ?  82  ARG A CZ  1 
ATOM   460  N NH1 . ARG A 1 63  ? 11.253  -3.508  -13.847 1.00 34.22 ?  82  ARG A NH1 1 
ATOM   461  N NH2 . ARG A 1 63  ? 9.463   -4.024  -15.187 1.00 37.74 ?  82  ARG A NH2 1 
ATOM   462  N N   . GLY A 1 64  ? 5.481   0.974   -12.626 1.00 11.85 ?  83  GLY A N   1 
ATOM   463  C CA  . GLY A 1 64  ? 4.051   1.055   -12.790 1.00 11.11 ?  83  GLY A CA  1 
ATOM   464  C C   . GLY A 1 64  ? 3.560   -0.081  -13.636 1.00 11.75 ?  83  GLY A C   1 
ATOM   465  O O   . GLY A 1 64  ? 4.183   -0.389  -14.631 1.00 14.77 ?  83  GLY A O   1 
ATOM   466  N N   . TYR A 1 65  ? 2.410   -0.620  -13.235 1.00 10.98 ?  84  TYR A N   1 
ATOM   467  C CA  . TYR A 1 65  ? 1.909   -1.867  -13.852 1.00 12.43 ?  84  TYR A CA  1 
ATOM   468  C C   . TYR A 1 65  ? 0.649   -1.506  -14.615 1.00 12.32 ?  84  TYR A C   1 
ATOM   469  O O   . TYR A 1 65  ? -0.270  -0.850  -14.087 1.00 11.05 ?  84  TYR A O   1 
ATOM   470  C CB  . TYR A 1 65  ? 1.641   -2.865  -12.716 1.00 11.39 ?  84  TYR A CB  1 
ATOM   471  C CG  . TYR A 1 65  ? 2.873   -3.076  -11.859 1.00 11.39 ?  84  TYR A CG  1 
ATOM   472  C CD1 . TYR A 1 65  ? 4.094   -3.377  -12.417 1.00 11.99 ?  84  TYR A CD1 1 
ATOM   473  C CD2 . TYR A 1 65  ? 2.769   -3.017  -10.454 1.00 11.94 ?  84  TYR A CD2 1 
ATOM   474  C CE1 . TYR A 1 65  ? 5.224   -3.576  -11.623 1.00 12.53 ?  84  TYR A CE1 1 
ATOM   475  C CE2 . TYR A 1 65  ? 3.837   -3.225  -9.659  1.00 11.08 ?  84  TYR A CE2 1 
ATOM   476  C CZ  . TYR A 1 65  ? 5.096   -3.466  -10.237 1.00 12.62 ?  84  TYR A CZ  1 
ATOM   477  O OH  . TYR A 1 65  ? 6.197   -3.601  -9.427  1.00 12.51 ?  84  TYR A OH  1 
ATOM   478  N N   . SER A 1 66  ? 0.540   -2.045  -15.854 1.00 13.95 ?  85  SER A N   1 
ATOM   479  C CA  . SER A 1 66  ? -0.592  -1.842  -16.744 1.00 15.13 ?  85  SER A CA  1 
ATOM   480  C C   . SER A 1 66  ? -1.239  -3.131  -17.273 1.00 14.14 ?  85  SER A C   1 
ATOM   481  O O   . SER A 1 66  ? -2.363  -3.012  -17.783 1.00 15.95 ?  85  SER A O   1 
ATOM   482  C CB  . SER A 1 66  ? -0.186  -0.955  -17.889 1.00 16.97 ?  85  SER A CB  1 
ATOM   483  O OG  . SER A 1 66  ? 0.819   -1.484  -18.684 1.00 19.94 ?  85  SER A OG  1 
ATOM   484  N N   . ARG A 1 67  ? -0.549  -4.251  -17.115 1.00 14.58 ?  86  ARG A N   1 
ATOM   485  C CA  . ARG A 1 67  ? -0.969  -5.554  -17.647 1.00 16.82 ?  86  ARG A CA  1 
ATOM   486  C C   . ARG A 1 67  ? -0.573  -6.662  -16.743 1.00 15.75 ?  86  ARG A C   1 
ATOM   487  O O   . ARG A 1 67  ? 0.349   -6.459  -15.934 1.00 18.31 ?  86  ARG A O   1 
ATOM   488  C CB  . ARG A 1 67  ? -0.282  -5.822  -19.019 1.00 19.90 ?  86  ARG A CB  1 
ATOM   489  C CG  . ARG A 1 67  ? -0.532  -4.847  -20.133 1.00 24.48 ?  86  ARG A CG  1 
ATOM   490  C CD  . ARG A 1 67  ? -2.005  -4.615  -20.524 1.00 28.88 ?  86  ARG A CD  1 
ATOM   491  N NE  . ARG A 1 67  ? -2.854  -5.827  -20.637 1.00 35.91 ?  86  ARG A NE  1 
ATOM   492  C CZ  . ARG A 1 67  ? -3.018  -6.571  -21.740 1.00 43.71 ?  86  ARG A CZ  1 
ATOM   493  N NH1 . ARG A 1 67  ? -2.399  -6.274  -22.883 1.00 45.07 ?  86  ARG A NH1 1 
ATOM   494  N NH2 . ARG A 1 67  ? -3.820  -7.630  -21.705 1.00 44.33 ?  86  ARG A NH2 1 
ATOM   495  N N   . GLY A 1 68  ? -1.303  -7.771  -16.787 1.00 14.89 ?  87  GLY A N   1 
ATOM   496  C CA  . GLY A 1 68  ? -0.947  -8.930  -16.021 1.00 15.72 ?  87  GLY A CA  1 
ATOM   497  C C   . GLY A 1 68  ? -1.210  -8.825  -14.551 1.00 13.74 ?  87  GLY A C   1 
ATOM   498  O O   . GLY A 1 68  ? -1.891  -7.912  -14.076 1.00 17.30 ?  87  GLY A O   1 
ATOM   499  N N   . LEU A 1 69  ? -0.617  -9.743  -13.869 1.00 13.15 ?  88  LEU A N   1 
ATOM   500  C CA  . LEU A 1 69  ? -0.809  -9.915  -12.428 1.00 12.98 ?  88  LEU A CA  1 
ATOM   501  C C   . LEU A 1 69  ? 0.501   -9.557  -11.754 1.00 13.15 ?  88  LEU A C   1 
ATOM   502  O O   . LEU A 1 69  ? 1.554   -10.070 -12.144 1.00 12.13 ?  88  LEU A O   1 
ATOM   503  C CB  . LEU A 1 69  ? -1.155  -11.364 -12.077 1.00 13.00 ?  88  LEU A CB  1 
ATOM   504  C CG  . LEU A 1 69  ? -1.369  -11.674 -10.618 1.00 12.70 ?  88  LEU A CG  1 
ATOM   505  C CD1 . LEU A 1 69  ? -2.583  -10.879 -10.061 1.00 12.26 ?  88  LEU A CD1 1 
ATOM   506  C CD2 . LEU A 1 69  ? -1.555  -13.198 -10.379 1.00 13.16 ?  88  LEU A CD2 1 
ATOM   507  N N   . HIS A 1 70  ? 0.441   -8.755  -10.688 1.00 11.33 ?  89  HIS A N   1 
ATOM   508  C CA  . HIS A 1 70  ? 1.626   -8.402  -9.888  1.00 11.46 ?  89  HIS A CA  1 
ATOM   509  C C   . HIS A 1 70  ? 1.253   -8.447  -8.447  1.00 10.70 ?  89  HIS A C   1 
ATOM   510  O O   . HIS A 1 70  ? 0.096   -8.130  -8.044  1.00 11.17 ?  89  HIS A O   1 
ATOM   511  C CB  . HIS A 1 70  ? 2.168   -6.965  -10.202 1.00 13.60 ?  89  HIS A CB  1 
ATOM   512  C CG  . HIS A 1 70  ? 2.530   -6.750  -11.623 1.00 14.98 ?  89  HIS A CG  1 
ATOM   513  N ND1 . HIS A 1 70  ? 3.812   -6.805  -12.098 1.00 18.32 ?  89  HIS A ND1 1 
ATOM   514  C CD2 . HIS A 1 70  ? 1.729   -6.536  -12.703 1.00 15.98 ?  89  HIS A CD2 1 
ATOM   515  C CE1 . HIS A 1 70  ? 3.786   -6.651  -13.423 1.00 18.35 ?  89  HIS A CE1 1 
ATOM   516  N NE2 . HIS A 1 70  ? 2.541   -6.429  -13.778 1.00 19.28 ?  89  HIS A NE2 1 
ATOM   517  N N   . ALA A 1 71  ? 2.187   -8.891  -7.637  1.00 11.31 ?  90  ALA A N   1 
ATOM   518  C CA  . ALA A 1 71  ? 1.950   -8.899  -6.213  1.00 11.40 ?  90  ALA A CA  1 
ATOM   519  C C   . ALA A 1 71  ? 3.209   -8.474  -5.428  1.00 9.67  ?  90  ALA A C   1 
ATOM   520  O O   . ALA A 1 71  ? 4.336   -8.693  -5.918  1.00 10.30 ?  90  ALA A O   1 
ATOM   521  C CB  . ALA A 1 71  ? 1.437   -10.218 -5.721  1.00 12.26 ?  90  ALA A CB  1 
ATOM   522  N N   . TRP A 1 72  ? 3.018   -7.927  -4.232  1.00 9.28  ?  91  TRP A N   1 
ATOM   523  C CA  . TRP A 1 72  ? 4.108   -7.498  -3.390  1.00 8.93  ?  91  TRP A CA  1 
ATOM   524  C C   . TRP A 1 72  ? 3.678   -7.561  -1.956  1.00 9.44  ?  91  TRP A C   1 
ATOM   525  O O   . TRP A 1 72  ? 2.511   -7.337  -1.640  1.00 9.74  ?  91  TRP A O   1 
ATOM   526  C CB  . TRP A 1 72  ? 4.653   -6.130  -3.762  1.00 8.70  ?  91  TRP A CB  1 
ATOM   527  C CG  . TRP A 1 72  ? 3.616   -5.013  -3.744  1.00 8.37  ?  91  TRP A CG  1 
ATOM   528  C CD1 . TRP A 1 72  ? 3.364   -4.138  -2.722  1.00 8.33  ?  91  TRP A CD1 1 
ATOM   529  C CD2 . TRP A 1 72  ? 2.752   -4.602  -4.825  1.00 8.26  ?  91  TRP A CD2 1 
ATOM   530  N NE1 . TRP A 1 72  ? 2.343   -3.251  -3.012  1.00 7.81  ?  91  TRP A NE1 1 
ATOM   531  C CE2 . TRP A 1 72  ? 1.969   -3.538  -4.331  1.00 7.68  ?  91  TRP A CE2 1 
ATOM   532  C CE3 . TRP A 1 72  ? 2.537   -5.059  -6.161  1.00 8.87  ?  91  TRP A CE3 1 
ATOM   533  C CZ2 . TRP A 1 72  ? 1.037   -2.896  -5.153  1.00 8.17  ?  91  TRP A CZ2 1 
ATOM   534  C CZ3 . TRP A 1 72  ? 1.623   -4.411  -6.943  1.00 9.49  ?  91  TRP A CZ3 1 
ATOM   535  C CH2 . TRP A 1 72  ? 0.820   -3.394  -6.434  1.00 8.70  ?  91  TRP A CH2 1 
ATOM   536  N N   . GLU A 1 73  ? 4.615   -7.839  -1.075  1.00 10.01 ?  92  GLU A N   1 
ATOM   537  C CA  . GLU A 1 73  ? 4.342   -7.852  0.361   1.00 9.48  ?  92  GLU A CA  1 
ATOM   538  C C   . GLU A 1 73  ? 4.736   -6.558  0.984   1.00 9.74  ?  92  GLU A C   1 
ATOM   539  O O   . GLU A 1 73  ? 5.870   -6.068  0.712   1.00 12.37 ?  92  GLU A O   1 
ATOM   540  C CB  . GLU A 1 73  ? 5.135   -8.953  1.017   1.00 11.48 ?  92  GLU A CB  1 
ATOM   541  C CG  . GLU A 1 73  ? 5.068   -9.142  2.521   1.00 14.61 ?  92  GLU A CG  1 
ATOM   542  C CD  . GLU A 1 73  ? 6.181   -10.101 3.011   1.00 18.21 ?  92  GLU A CD  1 
ATOM   543  O OE1 . GLU A 1 73  ? 7.402   -9.729  3.060   1.00 17.71 ?  92  GLU A OE1 1 
ATOM   544  O OE2 . GLU A 1 73  ? 5.775   -11.190 3.231   1.00 23.56 -1 92  GLU A OE2 1 
ATOM   545  N N   . ILE A 1 74  ? 3.871   -5.962  1.773   1.00 8.89  ?  93  ILE A N   1 
ATOM   546  C CA  . ILE A 1 74  ? 4.181   -4.795  2.562   1.00 7.72  ?  93  ILE A CA  1 
ATOM   547  C C   . ILE A 1 74  ? 4.407   -5.276  4.001   1.00 8.20  ?  93  ILE A C   1 
ATOM   548  O O   . ILE A 1 74  ? 3.616   -6.055  4.544   1.00 9.11  ?  93  ILE A O   1 
ATOM   549  C CB  . ILE A 1 74  ? 3.001   -3.770  2.519   1.00 7.78  ?  93  ILE A CB  1 
ATOM   550  C CG1 . ILE A 1 74  ? 2.906   -3.211  1.112   1.00 8.05  ?  93  ILE A CG1 1 
ATOM   551  C CG2 . ILE A 1 74  ? 3.198   -2.696  3.571   1.00 8.80  ?  93  ILE A CG2 1 
ATOM   552  C CD1 . ILE A 1 74  ? 4.033   -2.319  0.749   1.00 8.37  ?  93  ILE A CD1 1 
ATOM   553  N N   . SER A 1 75  ? 5.464   -4.800  4.674   1.00 8.01  ?  94  SER A N   1 
ATOM   554  C CA  . SER A 1 75  ? 5.750   -5.093  6.089   1.00 8.41  ?  94  SER A CA  1 
ATOM   555  C C   . SER A 1 75  ? 5.721   -3.801  6.803   1.00 9.48  ?  94  SER A C   1 
ATOM   556  O O   . SER A 1 75  ? 6.575   -2.890  6.483   1.00 9.44  ?  94  SER A O   1 
ATOM   557  C CB  . SER A 1 75  ? 7.092   -5.792  6.243   1.00 10.94 ?  94  SER A CB  1 
ATOM   558  O OG  . SER A 1 75  ? 7.136   -7.019  5.657   1.00 16.34 ?  94  SER A OG  1 
ATOM   559  N N   . TRP A 1 76  ? 4.807   -3.627  7.758   1.00 9.63  ?  95  TRP A N   1 
ATOM   560  C CA  . TRP A 1 76  ? 4.545   -2.303  8.420   1.00 9.87  ?  95  TRP A CA  1 
ATOM   561  C C   . TRP A 1 76  ? 4.272   -2.636  9.863   1.00 11.21 ?  95  TRP A C   1 
ATOM   562  O O   . TRP A 1 76  ? 3.232   -3.112  10.263  1.00 10.17 ?  95  TRP A O   1 
ATOM   563  C CB  . TRP A 1 76  ? 3.358   -1.608  7.808   1.00 9.00  ?  95  TRP A CB  1 
ATOM   564  C CG  . TRP A 1 76  ? 3.226   -0.185  8.185   1.00 9.77  ?  95  TRP A CG  1 
ATOM   565  C CD1 . TRP A 1 76  ? 3.755   0.477   9.281   1.00 10.14 ?  95  TRP A CD1 1 
ATOM   566  C CD2 . TRP A 1 76  ? 2.564   0.805   7.422   1.00 8.40  ?  95  TRP A CD2 1 
ATOM   567  N NE1 . TRP A 1 76  ? 3.465   1.778   9.233   1.00 10.19 ?  95  TRP A NE1 1 
ATOM   568  C CE2 . TRP A 1 76  ? 2.741   2.039   8.081   1.00 9.77  ?  95  TRP A CE2 1 
ATOM   569  C CE3 . TRP A 1 76  ? 1.898   0.782   6.174   1.00 9.30  ?  95  TRP A CE3 1 
ATOM   570  C CZ2 . TRP A 1 76  ? 2.197   3.196   7.593   1.00 9.40  ?  95  TRP A CZ2 1 
ATOM   571  C CZ3 . TRP A 1 76  ? 1.370   1.969   5.684   1.00 9.72  ?  95  TRP A CZ3 1 
ATOM   572  C CH2 . TRP A 1 76  ? 1.538   3.156   6.389   1.00 9.01  ?  95  TRP A CH2 1 
ATOM   573  N N   . PRO A 1 77  ? 5.306   -2.482  10.703  1.00 11.55 ?  96  PRO A N   1 
ATOM   574  C CA  . PRO A 1 77  ? 5.187   -2.889  12.129  1.00 12.06 ?  96  PRO A CA  1 
ATOM   575  C C   . PRO A 1 77  ? 3.958   -2.275  12.777  1.00 11.98 ?  96  PRO A C   1 
ATOM   576  O O   . PRO A 1 77  ? 3.646   -1.084  12.571  1.00 10.83 ?  96  PRO A O   1 
ATOM   577  C CB  . PRO A 1 77  ? 6.489   -2.309  12.731  1.00 13.39 ?  96  PRO A CB  1 
ATOM   578  C CG  . PRO A 1 77  ? 7.447   -2.458  11.664  1.00 13.88 ?  96  PRO A CG  1 
ATOM   579  C CD  . PRO A 1 77  ? 6.686   -1.999  10.438  1.00 12.24 ?  96  PRO A CD  1 
ATOM   580  N N   . LEU A 1 78  ? 3.267   -3.073  13.631  1.00 13.66 ?  97  LEU A N   1 
ATOM   581  C CA  . LEU A 1 78  ? 2.007   -2.572  14.179  1.00 14.89 ?  97  LEU A CA  1 
ATOM   582  C C   . LEU A 1 78  ? 2.126   -1.302  14.980  1.00 13.82 ?  97  LEU A C   1 
ATOM   583  O O   . LEU A 1 78  ? 1.266   -0.418  14.964  1.00 15.36 ?  97  LEU A O   1 
ATOM   584  C CB  . LEU A 1 78  ? 1.284   -3.665  15.009  1.00 16.44 ?  97  LEU A CB  1 
ATOM   585  C CG  . LEU A 1 78  ? 0.198   -4.418  14.176  1.00 19.96 ?  97  LEU A CG  1 
ATOM   586  C CD1 . LEU A 1 78  ? 0.898   -5.184  13.081  1.00 22.17 ?  97  LEU A CD1 1 
ATOM   587  C CD2 . LEU A 1 78  ? -0.558  -5.336  15.110  1.00 22.07 ?  97  LEU A CD2 1 
ATOM   588  N N   . GLU A 1 79  ? 3.263   -1.211  15.692  1.00 13.44 ?  98  GLU A N   1 
ATOM   589  C CA  . GLU A 1 79  ? 3.499   -0.070  16.525  1.00 14.43 ?  98  GLU A CA  1 
ATOM   590  C C   . GLU A 1 79  ? 3.968   1.161   15.796  1.00 15.04 ?  98  GLU A C   1 
ATOM   591  O O   . GLU A 1 79  ? 4.280   2.184   16.415  1.00 16.25 ?  98  GLU A O   1 
ATOM   592  C CB  . GLU A 1 79  ? 4.475   -0.472  17.679  1.00 17.40 ?  98  GLU A CB  1 
ATOM   593  C CG  . GLU A 1 79  ? 5.900   -0.607  17.265  1.00 21.08 ?  98  GLU A CG  1 
ATOM   594  C CD  . GLU A 1 79  ? 6.365   -1.839  16.477  1.00 26.63 ?  98  GLU A CD  1 
ATOM   595  O OE1 . GLU A 1 79  ? 5.605   -2.884  16.120  1.00 25.65 ?  98  GLU A OE1 1 
ATOM   596  O OE2 . GLU A 1 79  ? 7.646   -1.695  16.258  1.00 33.17 -1 98  GLU A OE2 1 
ATOM   597  N N   . GLN A 1 80  ? 4.108   1.086   14.484  1.00 12.50 ?  99  GLN A N   1 
ATOM   598  C CA  . GLN A 1 80  ? 4.611   2.179   13.669  1.00 12.20 ?  99  GLN A CA  1 
ATOM   599  C C   . GLN A 1 80  ? 3.521   2.681   12.735  1.00 10.63 ?  99  GLN A C   1 
ATOM   600  O O   . GLN A 1 80  ? 3.818   3.314   11.666  1.00 11.36 ?  99  GLN A O   1 
ATOM   601  C CB  . GLN A 1 80  ? 5.836   1.793   12.933  1.00 12.26 ?  99  GLN A CB  1 
ATOM   602  C CG  . GLN A 1 80  ? 7.024   1.379   13.829  1.00 13.33 ?  99  GLN A CG  1 
ATOM   603  C CD  . GLN A 1 80  ? 8.187   0.863   13.010  1.00 15.88 ?  99  GLN A CD  1 
ATOM   604  O OE1 . GLN A 1 80  ? 8.302   1.158   11.858  1.00 17.05 ?  99  GLN A OE1 1 
ATOM   605  N NE2 . GLN A 1 80  ? 9.072   0.112   13.608  1.00 18.72 ?  99  GLN A NE2 1 
ATOM   606  N N   . ARG A 1 81  ? 2.247   2.478   13.057  1.00 10.33 ?  100 ARG A N   1 
ATOM   607  C CA  . ARG A 1 81  ? 1.175   2.879   12.118  1.00 11.08 ?  100 ARG A CA  1 
ATOM   608  C C   . ARG A 1 81  ? 0.477   4.167   12.519  1.00 12.18 ?  100 ARG A C   1 
ATOM   609  O O   . ARG A 1 81  ? 0.094   4.924   11.635  1.00 12.52 ?  100 ARG A O   1 
ATOM   610  C CB  . ARG A 1 81  ? 0.132   1.752   11.991  1.00 10.82 ?  100 ARG A CB  1 
ATOM   611  C CG  . ARG A 1 81  ? 0.730   0.512   11.329  1.00 11.15 ?  100 ARG A CG  1 
ATOM   612  C CD  . ARG A 1 81  ? -0.167  -0.654  11.390  1.00 11.49 ?  100 ARG A CD  1 
ATOM   613  N NE  . ARG A 1 81  ? 0.482   -1.796  10.766  1.00 10.66 ?  100 ARG A NE  1 
ATOM   614  C CZ  . ARG A 1 81  ? -0.129  -2.916  10.467  1.00 10.49 ?  100 ARG A CZ  1 
ATOM   615  N NH1 . ARG A 1 81  ? 0.525   -3.870  9.843   1.00 11.48 ?  100 ARG A NH1 1 
ATOM   616  N NH2 . ARG A 1 81  ? -1.377  -3.148  10.867  1.00 11.69 ?  100 ARG A NH2 1 
ATOM   617  N N   . GLY A 1 82  ? 0.372   4.531   13.799  1.00 14.16 ?  101 GLY A N   1 
ATOM   618  C CA  . GLY A 1 82  ? -0.237  5.779   14.108  1.00 12.73 ?  101 GLY A CA  1 
ATOM   619  C C   . GLY A 1 82  ? -1.672  5.859   13.676  1.00 13.07 ?  101 GLY A C   1 
ATOM   620  O O   . GLY A 1 82  ? -2.434  4.825   13.638  1.00 13.04 ?  101 GLY A O   1 
ATOM   621  N N   . THR A 1 83  ? -2.156  7.058   13.436  1.00 12.16 ?  102 THR A N   1 
ATOM   622  C CA  . THR A 1 83  ? -3.527  7.278   13.237  1.00 12.08 ?  102 THR A CA  1 
ATOM   623  C C   . THR A 1 83  ? -4.047  6.975   11.809  1.00 12.59 ?  102 THR A C   1 
ATOM   624  O O   . THR A 1 83  ? -5.248  6.783   11.646  1.00 14.06 ?  102 THR A O   1 
ATOM   625  C CB  . THR A 1 83  ? -3.893  8.784   13.542  1.00 13.59 ?  102 THR A CB  1 
ATOM   626  O OG1 . THR A 1 83  ? -3.172  9.651   12.667  1.00 13.37 ?  102 THR A OG1 1 
ATOM   627  C CG2 . THR A 1 83  ? -3.565  9.113   14.929  1.00 14.72 ?  102 THR A CG2 1 
ATOM   628  N N   . HIS A 1 84  ? -3.158  6.987   10.843  1.00 12.09 ?  103 HIS A N   1 
ATOM   629  C CA  . HIS A 1 84  ? -3.542  6.787   9.404   1.00 11.85 ?  103 HIS A CA  1 
ATOM   630  C C   . HIS A 1 84  ? -2.468  6.045   8.659   1.00 10.99 ?  103 HIS A C   1 
ATOM   631  O O   . HIS A 1 84  ? -1.472  6.630   8.250   1.00 10.92 ?  103 HIS A O   1 
ATOM   632  C CB  . HIS A 1 84  ? -3.858  8.090   8.700   1.00 13.19 ?  103 HIS A CB  1 
ATOM   633  C CG  . HIS A 1 84  ? -4.931  8.919   9.344   1.00 13.43 ?  103 HIS A CG  1 
ATOM   634  N ND1 . HIS A 1 84  ? -4.655  9.798   10.376  1.00 13.61 ?  103 HIS A ND1 1 
ATOM   635  C CD2 . HIS A 1 84  ? -6.235  9.037   9.050   1.00 15.08 ?  103 HIS A CD2 1 
ATOM   636  C CE1 . HIS A 1 84  ? -5.810  10.394  10.703  1.00 15.80 ?  103 HIS A CE1 1 
ATOM   637  N NE2 . HIS A 1 84  ? -6.769  9.941   9.922   1.00 17.30 ?  103 HIS A NE2 1 
ATOM   638  N N   . ALA A 1 85  ? -2.677  4.734   8.417   1.00 9.40  ?  104 ALA A N   1 
ATOM   639  C CA  . ALA A 1 85  ? -1.749  3.834   7.735   1.00 9.45  ?  104 ALA A CA  1 
ATOM   640  C C   . ALA A 1 85  ? -2.530  3.239   6.579   1.00 8.10  ?  104 ALA A C   1 
ATOM   641  O O   . ALA A 1 85  ? -3.490  2.452   6.823   1.00 9.39  ?  104 ALA A O   1 
ATOM   642  C CB  . ALA A 1 85  ? -1.179  2.740   8.639   1.00 10.17 ?  104 ALA A CB  1 
ATOM   643  N N   . VAL A 1 86  ? -2.205  3.623   5.319   1.00 7.96  ?  105 VAL A N   1 
ATOM   644  C CA  . VAL A 1 86  ? -3.019  3.249   4.146   1.00 8.44  ?  105 VAL A CA  1 
ATOM   645  C C   . VAL A 1 86  ? -2.145  2.576   3.141   1.00 7.42  ?  105 VAL A C   1 
ATOM   646  O O   . VAL A 1 86  ? -1.057  3.070   2.830   1.00 8.24  ?  105 VAL A O   1 
ATOM   647  C CB  . VAL A 1 86  ? -3.748  4.437   3.570   1.00 9.45  ?  105 VAL A CB  1 
ATOM   648  C CG1 . VAL A 1 86  ? -4.715  3.936   2.508   1.00 9.06  ?  105 VAL A CG1 1 
ATOM   649  C CG2 . VAL A 1 86  ? -4.479  5.176   4.677   1.00 9.98  ?  105 VAL A CG2 1 
ATOM   650  N N   . VAL A 1 87  ? -2.597  1.439   2.590   1.00 7.52  ?  106 VAL A N   1 
ATOM   651  C CA  . VAL A 1 87  ? -1.825  0.608   1.718   1.00 7.89  ?  106 VAL A CA  1 
ATOM   652  C C   . VAL A 1 87  ? -2.538  0.383   0.388   1.00 7.92  ?  106 VAL A C   1 
ATOM   653  O O   . VAL A 1 87  ? -3.722  -0.087  0.436   1.00 8.16  ?  106 VAL A O   1 
ATOM   654  C CB  . VAL A 1 87  ? -1.503  -0.764  2.361   1.00 8.20  ?  106 VAL A CB  1 
ATOM   655  C CG1 . VAL A 1 87  ? -0.771  -1.671  1.422   1.00 8.58  ?  106 VAL A CG1 1 
ATOM   656  C CG2 . VAL A 1 87  ? -0.727  -0.584  3.668   1.00 8.76  ?  106 VAL A CG2 1 
ATOM   657  N N   . GLY A 1 88  ? -1.983  0.647   -0.775  1.00 7.92  ?  107 GLY A N   1 
ATOM   658  C CA  . GLY A 1 88  ? -2.698  0.430   -2.032  1.00 7.19  ?  107 GLY A CA  1 
ATOM   659  C C   . GLY A 1 88  ? -1.824  0.734   -3.220  1.00 7.50  ?  107 GLY A C   1 
ATOM   660  O O   . GLY A 1 88  ? -0.729  0.186   -3.330  1.00 7.16  ?  107 GLY A O   1 
ATOM   661  N N   . VAL A 1 89  ? -2.435  1.444   -4.171  1.00 7.05  ?  108 VAL A N   1 
ATOM   662  C CA  . VAL A 1 89  ? -1.736  1.801   -5.395  1.00 7.14  ?  108 VAL A CA  1 
ATOM   663  C C   . VAL A 1 89  ? -2.103  3.246   -5.721  1.00 7.48  ?  108 VAL A C   1 
ATOM   664  O O   . VAL A 1 89  ? -3.076  3.812   -5.220  1.00 7.54  ?  108 VAL A O   1 
ATOM   665  C CB  . VAL A 1 89  ? -2.085  0.895   -6.614  1.00 7.92  ?  108 VAL A CB  1 
ATOM   666  C CG1 . VAL A 1 89  ? -1.652  -0.508  -6.324  1.00 8.04  ?  108 VAL A CG1 1 
ATOM   667  C CG2 . VAL A 1 89  ? -3.558  0.984   -6.995  1.00 7.61  ?  108 VAL A CG2 1 
ATOM   668  N N   . ALA A 1 90  ? -1.316  3.831   -6.640  1.00 7.88  ?  109 ALA A N   1 
ATOM   669  C CA  . ALA A 1 90  ? -1.580  5.223   -7.107  1.00 8.06  ?  109 ALA A CA  1 
ATOM   670  C C   . ALA A 1 90  ? -1.112  5.300   -8.545  1.00 8.81  ?  109 ALA A C   1 
ATOM   671  O O   . ALA A 1 90  ? -0.203  4.609   -9.016  1.00 9.12  ?  109 ALA A O   1 
ATOM   672  C CB  . ALA A 1 90  ? -0.789  6.188   -6.303  1.00 8.66  ?  109 ALA A CB  1 
ATOM   673  N N   . THR A 1 91  ? -1.760  6.238   -9.256  1.00 9.20  ?  110 THR A N   1 
ATOM   674  C CA  . THR A 1 91  ? -1.201  6.649   -10.509 1.00 9.34  ?  110 THR A CA  1 
ATOM   675  C C   . THR A 1 91  ? 0.055   7.480   -10.269 1.00 9.56  ?  110 THR A C   1 
ATOM   676  O O   . THR A 1 91  ? 0.339   7.887   -9.146  1.00 9.28  ?  110 THR A O   1 
ATOM   677  C CB  . THR A 1 91  ? -2.204  7.538   -11.338 1.00 9.94  ?  110 THR A CB  1 
ATOM   678  O OG1 . THR A 1 91  ? -2.160  8.818   -10.764 1.00 9.91  ?  110 THR A OG1 1 
ATOM   679  C CG2 . THR A 1 91  ? -3.568  6.888   -11.363 1.00 11.54 ?  110 THR A CG2 1 
ATOM   680  N N   . ALA A 1 92  ? 0.798   7.796   -11.324 1.00 9.54  ?  111 ALA A N   1 
ATOM   681  C CA  . ALA A 1 92  ? 1.947   8.656   -11.275 1.00 9.87  ?  111 ALA A CA  1 
ATOM   682  C C   . ALA A 1 92  ? 1.668   10.085  -10.855 1.00 8.99  ?  111 ALA A C   1 
ATOM   683  O O   . ALA A 1 92  ? 2.598   10.836  -10.563 1.00 10.58 ?  111 ALA A O   1 
ATOM   684  C CB  . ALA A 1 92  ? 2.761   8.675   -12.558 1.00 11.68 ?  111 ALA A CB  1 
ATOM   685  N N   . LEU A 1 93  ? 0.424   10.483  -10.842 1.00 9.77  ?  112 LEU A N   1 
ATOM   686  C CA  . LEU A 1 93  ? 0.063   11.831  -10.535 1.00 10.37 ?  112 LEU A CA  1 
ATOM   687  C C   . LEU A 1 93  ? -0.525  12.114  -9.149  1.00 10.73 ?  112 LEU A C   1 
ATOM   688  O O   . LEU A 1 93  ? -0.771  13.244  -8.754  1.00 10.48 ?  112 LEU A O   1 
ATOM   689  C CB  . LEU A 1 93  ? -0.948  12.358  -11.570 1.00 12.70 ?  112 LEU A CB  1 
ATOM   690  C CG  . LEU A 1 93  ? -0.381  12.759  -12.905 1.00 14.69 ?  112 LEU A CG  1 
ATOM   691  C CD1 . LEU A 1 93  ? -1.555  12.979  -13.895 1.00 17.04 ?  112 LEU A CD1 1 
ATOM   692  C CD2 . LEU A 1 93  ? 0.563   13.943  -12.812 1.00 18.10 ?  112 LEU A CD2 1 
ATOM   693  N N   . ALA A 1 94  ? -0.702  11.049  -8.360  1.00 9.45  ?  113 ALA A N   1 
ATOM   694  C CA  . ALA A 1 94  ? -1.282  11.227  -7.012  1.00 10.03 ?  113 ALA A CA  1 
ATOM   695  C C   . ALA A 1 94  ? -0.370  12.089  -6.163  1.00 10.04 ?  113 ALA A C   1 
ATOM   696  O O   . ALA A 1 94  ? 0.846   11.793  -6.148  1.00 10.22 ?  113 ALA A O   1 
ATOM   697  C CB  . ALA A 1 94  ? -1.553  9.925   -6.346  1.00 9.68  ?  113 ALA A CB  1 
ATOM   698  N N   . PRO A 1 95  ? -0.893  12.986  -5.405  1.00 10.06 ?  114 PRO A N   1 
ATOM   699  C CA  . PRO A 1 95  ? -0.052  13.735  -4.419  1.00 11.51 ?  114 PRO A CA  1 
ATOM   700  C C   . PRO A 1 95  ? 0.489   12.827  -3.362  1.00 10.11 ?  114 PRO A C   1 
ATOM   701  O O   . PRO A 1 95  ? -0.209  11.981  -2.818  1.00 11.32 ?  114 PRO A O   1 
ATOM   702  C CB  . PRO A 1 95  ? -1.020  14.737  -3.817  1.00 12.84 ?  114 PRO A CB  1 
ATOM   703  C CG  . PRO A 1 95  ? -2.226  14.689  -4.621  1.00 18.05 ?  114 PRO A CG  1 
ATOM   704  C CD  . PRO A 1 95  ? -2.282  13.495  -5.443  1.00 12.73 ?  114 PRO A CD  1 
ATOM   705  N N   . LEU A 1 96  ? 1.689   13.143  -2.935  1.00 10.55 ?  115 LEU A N   1 
ATOM   706  C CA  . LEU A 1 96  ? 2.419   12.335  -1.955  1.00 11.47 ?  115 LEU A CA  1 
ATOM   707  C C   . LEU A 1 96  ? 2.623   13.031  -0.622  1.00 10.24 ?  115 LEU A C   1 
ATOM   708  O O   . LEU A 1 96  ? 3.280   12.444  0.263   1.00 11.49 ?  115 LEU A O   1 
ATOM   709  C CB  . LEU A 1 96  ? 3.784   11.935  -2.538  1.00 15.64 ?  115 LEU A CB  1 
ATOM   710  C CG  . LEU A 1 96  ? 3.845   11.212  -3.872  1.00 19.96 ?  115 LEU A CG  1 
ATOM   711  C CD1 . LEU A 1 96  ? 5.327   11.263  -4.383  1.00 21.98 ?  115 LEU A CD1 1 
ATOM   712  C CD2 . LEU A 1 96  ? 3.247   9.886   -3.638  1.00 23.19 ?  115 LEU A CD2 1 
ATOM   713  N N   . GLN A 1 97  ? 2.085   14.236  -0.432  1.00 11.62 ?  116 GLN A N   1 
ATOM   714  C CA  . GLN A 1 97  ? 2.269   14.912  0.832   1.00 12.47 ?  116 GLN A CA  1 
ATOM   715  C C   . GLN A 1 97  ? 1.101   15.841  1.095   1.00 13.33 ?  116 GLN A C   1 
ATOM   716  O O   . GLN A 1 97  ? 0.624   16.442  0.144   1.00 14.64 ?  116 GLN A O   1 
ATOM   717  C CB  . GLN A 1 97  ? 3.629   15.665  0.846   1.00 14.72 ?  116 GLN A CB  1 
ATOM   718  C CG  . GLN A 1 97  ? 4.116   16.107  2.244   1.00 14.73 ?  116 GLN A CG  1 
ATOM   719  C CD  . GLN A 1 97  ? 3.458   17.424  2.703   1.00 18.31 ?  116 GLN A CD  1 
ATOM   720  O OE1 . GLN A 1 97  ? 3.171   18.270  1.861   1.00 18.48 ?  116 GLN A OE1 1 
ATOM   721  N NE2 . GLN A 1 97  ? 3.293   17.610  4.029   1.00 17.36 ?  116 GLN A NE2 1 
ATOM   722  N N   . THR A 1 98  ? 0.674   15.929  2.358   1.00 13.46 ?  117 THR A N   1 
ATOM   723  C CA  . THR A 1 98  ? -0.311  16.915  2.722   1.00 14.22 ?  117 THR A CA  1 
ATOM   724  C C   . THR A 1 98  ? -0.017  17.321  4.162   1.00 15.11 ?  117 THR A C   1 
ATOM   725  O O   . THR A 1 98  ? 0.487   16.547  5.001   1.00 13.96 ?  117 THR A O   1 
ATOM   726  C CB  . THR A 1 98  ? -1.700  16.394  2.475   1.00 15.80 ?  117 THR A CB  1 
ATOM   727  O OG1 . THR A 1 98  ? -2.648  17.461  2.674   1.00 18.39 ?  117 THR A OG1 1 
ATOM   728  C CG2 . THR A 1 98  ? -2.079  15.344  3.359   1.00 14.45 ?  117 THR A CG2 1 
ATOM   729  N N   . ASP A 1 99  ? -0.328  18.596  4.465   1.00 18.50 ?  118 ASP A N   1 
ATOM   730  C CA  . ASP A 1 99  ? -0.025  19.165  5.779   1.00 19.42 ?  118 ASP A CA  1 
ATOM   731  C C   . ASP A 1 99  ? -1.042  18.907  6.924   1.00 21.26 ?  118 ASP A C   1 
ATOM   732  O O   . ASP A 1 99  ? -1.332  19.793  7.760   1.00 20.34 ?  118 ASP A O   1 
ATOM   733  C CB  . ASP A 1 99  ? 0.194   20.710  5.638   1.00 20.73 ?  118 ASP A CB  1 
ATOM   734  C CG  . ASP A 1 99  ? 1.545   21.079  4.940   1.00 25.00 ?  118 ASP A CG  1 
ATOM   735  O OD1 . ASP A 1 99  ? 2.539   20.266  4.954   1.00 22.46 ?  118 ASP A OD1 1 
ATOM   736  O OD2 . ASP A 1 99  ? 1.618   22.239  4.426   1.00 33.03 -1 118 ASP A OD2 1 
ATOM   737  N N   . HIS A 1 100 ? -1.588  17.715  6.996   1.00 18.05 ?  119 HIS A N   1 
ATOM   738  C CA  . HIS A 1 100 ? -2.371  17.309  8.149   1.00 18.08 ?  119 HIS A CA  1 
ATOM   739  C C   . HIS A 1 100 ? -2.319  15.774  8.200   1.00 16.60 ?  119 HIS A C   1 
ATOM   740  O O   . HIS A 1 100 ? -1.828  15.186  7.215   1.00 15.73 ?  119 HIS A O   1 
ATOM   741  C CB  . HIS A 1 100 ? -3.785  17.813  8.095   1.00 21.13 ?  119 HIS A CB  1 
ATOM   742  C CG  . HIS A 1 100 ? -4.533  17.464  6.864   1.00 21.49 ?  119 HIS A CG  1 
ATOM   743  N ND1 . HIS A 1 100 ? -5.611  16.615  6.873   1.00 26.85 ?  119 HIS A ND1 1 
ATOM   744  C CD2 . HIS A 1 100 ? -4.408  17.897  5.588   1.00 22.36 ?  119 HIS A CD2 1 
ATOM   745  C CE1 . HIS A 1 100 ? -6.114  16.521  5.649   1.00 23.96 ?  119 HIS A CE1 1 
ATOM   746  N NE2 . HIS A 1 100 ? -5.388  17.281  4.851   1.00 28.45 ?  119 HIS A NE2 1 
ATOM   747  N N   . TYR A 1 101 ? -2.818  15.186  9.257   1.00 14.91 ?  120 TYR A N   1 
ATOM   748  C CA  . TYR A 1 101 ? -2.886  13.698  9.350   1.00 14.08 ?  120 TYR A CA  1 
ATOM   749  C C   . TYR A 1 101 ? -4.133  13.226  8.669   1.00 14.02 ?  120 TYR A C   1 
ATOM   750  O O   . TYR A 1 101 ? -5.261  13.624  9.067   1.00 16.49 ?  120 TYR A O   1 
ATOM   751  C CB  . TYR A 1 101 ? -2.883  13.233  10.833  1.00 15.92 ?  120 TYR A CB  1 
ATOM   752  C CG  . TYR A 1 101 ? -1.655  13.619  11.601  1.00 15.70 ?  120 TYR A CG  1 
ATOM   753  C CD1 . TYR A 1 101 ? -0.377  13.478  11.047  1.00 14.32 ?  120 TYR A CD1 1 
ATOM   754  C CD2 . TYR A 1 101 ? -1.742  14.218  12.918  1.00 16.43 ?  120 TYR A CD2 1 
ATOM   755  C CE1 . TYR A 1 101 ? 0.768   13.805  11.747  1.00 16.10 ?  120 TYR A CE1 1 
ATOM   756  C CE2 . TYR A 1 101 ? -0.581  14.541  13.630  1.00 15.20 ?  120 TYR A CE2 1 
ATOM   757  C CZ  . TYR A 1 101 ? 0.659   14.400  13.037  1.00 15.16 ?  120 TYR A CZ  1 
ATOM   758  O OH  . TYR A 1 101 ? 1.879   14.697  13.643  1.00 16.32 ?  120 TYR A OH  1 
ATOM   759  N N   . ALA A 1 102 ? -4.067  12.321  7.671   1.00 13.56 ?  121 ALA A N   1 
ATOM   760  C CA  . ALA A 1 102 ? -5.208  11.981  6.897   1.00 13.64 ?  121 ALA A CA  1 
ATOM   761  C C   . ALA A 1 102 ? -4.906  10.681  6.157   1.00 12.37 ?  121 ALA A C   1 
ATOM   762  O O   . ALA A 1 102 ? -3.735  10.250  6.018   1.00 11.03 ?  121 ALA A O   1 
ATOM   763  C CB  . ALA A 1 102 ? -5.552  13.021  5.868   1.00 14.74 ?  121 ALA A CB  1 
ATOM   764  N N   . ALA A 1 103 ? -5.966  10.084  5.640   1.00 10.78 ?  122 ALA A N   1 
ATOM   765  C CA  . ALA A 1 103 ? -5.811  8.915   4.707   1.00 10.49 ?  122 ALA A CA  1 
ATOM   766  C C   . ALA A 1 103 ? -5.541  9.423   3.301   1.00 9.97  ?  122 ALA A C   1 
ATOM   767  O O   . ALA A 1 103 ? -6.421  9.453   2.413   1.00 11.85 ?  122 ALA A O   1 
ATOM   768  C CB  . ALA A 1 103 ? -7.002  8.006   4.742   1.00 11.79 ?  122 ALA A CB  1 
ATOM   769  N N   . LEU A 1 104 ? -4.353  9.939   3.101   1.00 9.66  ?  123 LEU A N   1 
ATOM   770  C CA  . LEU A 1 104 ? -3.936  10.593  1.851   1.00 9.31  ?  123 LEU A CA  1 
ATOM   771  C C   . LEU A 1 104 ? -4.125  9.694   0.666   1.00 9.91  ?  123 LEU A C   1 
ATOM   772  O O   . LEU A 1 104 ? -4.622  10.106  -0.406  1.00 10.28 ?  123 LEU A O   1 
ATOM   773  C CB  . LEU A 1 104 ? -2.521  11.090  1.944   1.00 9.98  ?  123 LEU A CB  1 
ATOM   774  C CG  . LEU A 1 104 ? -1.872  11.675  0.717   1.00 11.11 ?  123 LEU A CG  1 
ATOM   775  C CD1 . LEU A 1 104 ? -2.613  12.849  0.151   1.00 13.91 ?  123 LEU A CD1 1 
ATOM   776  C CD2 . LEU A 1 104 ? -0.433  12.010  0.997   1.00 13.56 ?  123 LEU A CD2 1 
ATOM   777  N N   . LEU A 1 105 ? -3.633  8.476   0.813   1.00 9.17  ?  124 LEU A N   1 
ATOM   778  C CA  . LEU A 1 105 ? -3.851  7.467   -0.219  1.00 8.68  ?  124 LEU A CA  1 
ATOM   779  C C   . LEU A 1 105 ? -5.271  7.021   -0.293  1.00 8.67  ?  124 LEU A C   1 
ATOM   780  O O   . LEU A 1 105 ? -5.775  6.501   0.670   1.00 9.67  ?  124 LEU A O   1 
ATOM   781  C CB  . LEU A 1 105 ? -2.888  6.269   -0.040  1.00 8.71  ?  124 LEU A CB  1 
ATOM   782  C CG  . LEU A 1 105 ? -2.768  5.381   -1.313  1.00 8.33  ?  124 LEU A CG  1 
ATOM   783  C CD1 . LEU A 1 105 ? -1.838  6.005   -2.327  1.00 9.31  ?  124 LEU A CD1 1 
ATOM   784  C CD2 . LEU A 1 105 ? -2.210  4.016   -0.957  1.00 8.74  ?  124 LEU A CD2 1 
ATOM   785  N N   . GLY A 1 106 ? -5.925  7.344   -1.409  1.00 9.10  ?  125 GLY A N   1 
ATOM   786  C CA  . GLY A 1 106 ? -7.342  7.047   -1.598  1.00 10.25 ?  125 GLY A CA  1 
ATOM   787  C C   . GLY A 1 106 ? -8.214  8.316   -1.361  1.00 10.79 ?  125 GLY A C   1 
ATOM   788  O O   . GLY A 1 106 ? -9.464  8.222   -1.528  1.00 12.70 ?  125 GLY A O   1 
ATOM   789  N N   . SER A 1 107 ? -7.617  9.438   -1.082  1.00 11.69 ?  126 SER A N   1 
ATOM   790  C CA  . SER A 1 107 ? -8.356  10.712  -0.905  1.00 13.11 ?  126 SER A CA  1 
ATOM   791  C C   . SER A 1 107 ? -8.705  11.407  -2.215  1.00 14.04 ?  126 SER A C   1 
ATOM   792  O O   . SER A 1 107 ? -9.299  12.536  -2.132  1.00 16.03 ?  126 SER A O   1 
ATOM   793  C CB  . SER A 1 107 ? -7.593  11.633  -0.019  1.00 12.78 ?  126 SER A CB  1 
ATOM   794  O OG  . SER A 1 107 ? -6.427  12.096  -0.595  1.00 13.17 ?  126 SER A OG  1 
ATOM   795  N N   . ASN A 1 108 ? -8.341  10.855  -3.338  1.00 11.47 ?  127 ASN A N   1 
ATOM   796  C CA  . ASN A 1 108 ? -8.438  11.579  -4.605  1.00 12.14 ?  127 ASN A CA  1 
ATOM   797  C C   . ASN A 1 108 ? -8.665  10.564  -5.706  1.00 13.51 ?  127 ASN A C   1 
ATOM   798  O O   . ASN A 1 108 ? -8.739  9.325   -5.497  1.00 13.27 ?  127 ASN A O   1 
ATOM   799  C CB  . ASN A 1 108 ? -7.222  12.416  -4.798  1.00 12.40 ?  127 ASN A CB  1 
ATOM   800  C CG  . ASN A 1 108 ? -5.924  11.582  -4.675  1.00 12.74 ?  127 ASN A CG  1 
ATOM   801  O OD1 . ASN A 1 108 ? -5.755  10.567  -5.354  1.00 11.98 ?  127 ASN A OD1 1 
ATOM   802  N ND2 . ASN A 1 108 ? -5.087  12.000  -3.797  1.00 13.68 ?  127 ASN A ND2 1 
ATOM   803  N N   . SER A 1 109 ? -8.836  11.115  -6.950  1.00 13.83 ?  128 SER A N   1 
ATOM   804  C CA  . SER A 1 109 ? -9.003  10.323  -8.152  1.00 13.72 ?  128 SER A CA  1 
ATOM   805  C C   . SER A 1 109 ? -7.865  9.398   -8.532  1.00 12.65 ?  128 SER A C   1 
ATOM   806  O O   . SER A 1 109 ? -8.047  8.515   -9.365  1.00 11.77 ?  128 SER A O   1 
ATOM   807  C CB  . SER A 1 109 ? -9.213  11.233  -9.474  1.00 14.44 ?  128 SER A CB  1 
ATOM   808  O OG  . SER A 1 109 ? -8.205  12.139  -9.591  1.00 17.47 ?  128 SER A OG  1 
ATOM   809  N N   . GLU A 1 110 ? -6.700  9.665   -7.986  1.00 11.61 ?  129 GLU A N   1 
ATOM   810  C CA  . GLU A 1 110 ? -5.485  9.064   -8.477  1.00 10.43 ?  129 GLU A CA  1 
ATOM   811  C C   . GLU A 1 110 ? -4.948  7.956   -7.564  1.00 9.51  ?  129 GLU A C   1 
ATOM   812  O O   . GLU A 1 110 ? -3.844  7.498   -7.751  1.00 9.69  ?  129 GLU A O   1 
ATOM   813  C CB  . GLU A 1 110 ? -4.392  10.127  -8.595  1.00 10.26 ?  129 GLU A CB  1 
ATOM   814  C CG  . GLU A 1 110 ? -4.769  11.332  -9.524  1.00 11.78 ?  129 GLU A CG  1 
ATOM   815  C CD  . GLU A 1 110 ? -5.131  10.850  -10.855 1.00 13.25 ?  129 GLU A CD  1 
ATOM   816  O OE1 . GLU A 1 110 ? -4.313  10.238  -11.574 1.00 14.40 ?  129 GLU A OE1 1 
ATOM   817  O OE2 . GLU A 1 110 ? -6.345  10.995  -11.250 1.00 14.26 -1 129 GLU A OE2 1 
ATOM   818  N N   . SER A 1 111 ? -5.711  7.542   -6.555  1.00 9.21  ?  130 SER A N   1 
ATOM   819  C CA  . SER A 1 111 ? -5.185  6.633   -5.579  1.00 8.62  ?  130 SER A CA  1 
ATOM   820  C C   . SER A 1 111 ? -6.303  5.748   -4.998  1.00 8.38  ?  130 SER A C   1 
ATOM   821  O O   . SER A 1 111 ? -7.458  6.207   -4.890  1.00 9.60  ?  130 SER A O   1 
ATOM   822  C CB  . SER A 1 111 ? -4.431  7.412   -4.479  1.00 9.56  ?  130 SER A CB  1 
ATOM   823  O OG  . SER A 1 111 ? -5.180  8.387   -3.804  1.00 10.57 ?  130 SER A OG  1 
ATOM   824  N N   . TRP A 1 112 ? -5.897  4.577   -4.531  1.00 8.81  ?  131 TRP A N   1 
ATOM   825  C CA  . TRP A 1 112 ? -6.843  3.622   -3.970  1.00 8.10  ?  131 TRP A CA  1 
ATOM   826  C C   . TRP A 1 112 ? -6.135  2.947   -2.771  1.00 8.96  ?  131 TRP A C   1 
ATOM   827  O O   . TRP A 1 112 ? -4.996  2.406   -2.946  1.00 9.13  ?  131 TRP A O   1 
ATOM   828  C CB  . TRP A 1 112 ? -7.128  2.488   -4.973  1.00 8.86  ?  131 TRP A CB  1 
ATOM   829  C CG  . TRP A 1 112 ? -7.800  2.914   -6.326  1.00 9.36  ?  131 TRP A CG  1 
ATOM   830  C CD1 . TRP A 1 112 ? -9.126  2.665   -6.622  1.00 9.77  ?  131 TRP A CD1 1 
ATOM   831  C CD2 . TRP A 1 112 ? -7.236  3.594   -7.425  1.00 8.81  ?  131 TRP A CD2 1 
ATOM   832  N NE1 . TRP A 1 112 ? -9.358  3.162   -7.880  1.00 9.72  ?  131 TRP A NE1 1 
ATOM   833  C CE2 . TRP A 1 112 ? -8.255  3.770   -8.382  1.00 9.44  ?  131 TRP A CE2 1 
ATOM   834  C CE3 . TRP A 1 112 ? -5.979  4.103   -7.702  1.00 9.49  ?  131 TRP A CE3 1 
ATOM   835  C CZ2 . TRP A 1 112 ? -8.024  4.367   -9.604  1.00 9.78  ?  131 TRP A CZ2 1 
ATOM   836  C CZ3 . TRP A 1 112 ? -5.762  4.722   -8.910  1.00 9.53  ?  131 TRP A CZ3 1 
ATOM   837  C CH2 . TRP A 1 112 ? -6.801  4.883   -9.839  1.00 8.88  ?  131 TRP A CH2 1 
ATOM   838  N N   . GLY A 1 113 ? -6.758  2.947   -1.631  1.00 9.17  ?  132 GLY A N   1 
ATOM   839  C CA  . GLY A 1 113 ? -6.111  2.485   -0.392  1.00 9.96  ?  132 GLY A CA  1 
ATOM   840  C C   . GLY A 1 113 ? -7.005  1.734   0.543   1.00 9.84  ?  132 GLY A C   1 
ATOM   841  O O   . GLY A 1 113 ? -8.182  2.069   0.705   1.00 10.55 ?  132 GLY A O   1 
ATOM   842  N N   . TRP A 1 114 ? -6.382  0.827   1.292   1.00 8.07  ?  133 TRP A N   1 
ATOM   843  C CA  . TRP A 1 114 ? -6.988  0.133   2.365   1.00 8.79  ?  133 TRP A CA  1 
ATOM   844  C C   . TRP A 1 114 ? -6.353  0.729   3.630   1.00 8.35  ?  133 TRP A C   1 
ATOM   845  O O   . TRP A 1 114 ? -5.140  0.629   3.851   1.00 8.25  ?  133 TRP A O   1 
ATOM   846  C CB  . TRP A 1 114 ? -6.735  -1.403  2.285   1.00 8.58  ?  133 TRP A CB  1 
ATOM   847  C CG  . TRP A 1 114 ? -7.430  -2.250  3.350   1.00 8.48  ?  133 TRP A CG  1 
ATOM   848  C CD1 . TRP A 1 114 ? -8.610  -1.987  3.955   1.00 9.46  ?  133 TRP A CD1 1 
ATOM   849  C CD2 . TRP A 1 114 ? -6.990  -3.535  3.799   1.00 8.78  ?  133 TRP A CD2 1 
ATOM   850  N NE1 . TRP A 1 114 ? -8.896  -3.013  4.803   1.00 9.84  ?  133 TRP A NE1 1 
ATOM   851  C CE2 . TRP A 1 114 ? -7.958  -4.011  4.713   1.00 8.59  ?  133 TRP A CE2 1 
ATOM   852  C CE3 . TRP A 1 114 ? -5.914  -4.353  3.525   1.00 9.24  ?  133 TRP A CE3 1 
ATOM   853  C CZ2 . TRP A 1 114 ? -7.805  -5.231  5.332   1.00 9.04  ?  133 TRP A CZ2 1 
ATOM   854  C CZ3 . TRP A 1 114 ? -5.800  -5.556  4.114   1.00 10.04 ?  133 TRP A CZ3 1 
ATOM   855  C CH2 . TRP A 1 114 ? -6.739  -6.000  5.003   1.00 9.50  ?  133 TRP A CH2 1 
ATOM   856  N N   . ASP A 1 115 ? -7.158  1.240   4.502   1.00 8.35  ?  134 ASP A N   1 
ATOM   857  C CA  . ASP A 1 115 ? -6.734  1.652   5.860   1.00 8.78  ?  134 ASP A CA  1 
ATOM   858  C C   . ASP A 1 115 ? -6.551  0.527   6.746   1.00 10.19 ?  134 ASP A C   1 
ATOM   859  O O   . ASP A 1 115 ? -7.613  -0.156  7.083   1.00 12.02 ?  134 ASP A O   1 
ATOM   860  C CB  . ASP A 1 115 ? -7.849  2.540   6.422   1.00 10.07 ?  134 ASP A CB  1 
ATOM   861  C CG  . ASP A 1 115 ? -7.485  3.218   7.727   1.00 10.95 ?  134 ASP A CG  1 
ATOM   862  O OD1 . ASP A 1 115 ? -6.829  2.558   8.565   1.00 10.74 ?  134 ASP A OD1 1 
ATOM   863  O OD2 . ASP A 1 115 ? -7.866  4.437   7.914   1.00 12.87 -1 134 ASP A OD2 1 
ATOM   864  N N   . ILE A 1 116 ? -5.321  0.098   6.994   1.00 10.23 ?  135 ILE A N   1 
ATOM   865  C CA  . ILE A 1 116 ? -5.057  -1.123  7.701   1.00 11.05 ?  135 ILE A CA  1 
ATOM   866  C C   . ILE A 1 116 ? -5.313  -1.042  9.212   1.00 12.45 ?  135 ILE A C   1 
ATOM   867  O O   . ILE A 1 116 ? -5.184  -2.073  9.895   1.00 14.41 ?  135 ILE A O   1 
ATOM   868  C CB  . ILE A 1 116 ? -3.676  -1.680  7.377   1.00 11.42 ?  135 ILE A CB  1 
ATOM   869  C CG1 . ILE A 1 116 ? -2.519  -0.727  7.822   1.00 11.56 ?  135 ILE A CG1 1 
ATOM   870  C CG2 . ILE A 1 116 ? -3.648  -1.991  5.903   1.00 11.79 ?  135 ILE A CG2 1 
ATOM   871  C CD1 . ILE A 1 116 ? -1.105  -1.265  7.577   1.00 12.07 ?  135 ILE A CD1 1 
ATOM   872  N N   . GLY A 1 117 ? -5.639  0.154   9.728   1.00 11.89 ?  136 GLY A N   1 
ATOM   873  C CA  . GLY A 1 117 ? -6.097  0.238   11.143  1.00 11.86 ?  136 GLY A CA  1 
ATOM   874  C C   . GLY A 1 117 ? -7.628  0.224   11.221  1.00 14.29 ?  136 GLY A C   1 
ATOM   875  O O   . GLY A 1 117 ? -8.207  -0.478  12.040  1.00 17.08 ?  136 GLY A O   1 
ATOM   876  N N   . ARG A 1 118 ? -8.348  0.915   10.349  1.00 11.34 ?  137 ARG A N   1 
ATOM   877  C CA  . ARG A 1 118 ? -9.792  1.052   10.416  1.00 13.19 ?  137 ARG A CA  1 
ATOM   878  C C   . ARG A 1 118 ? -10.464 -0.018  9.558   1.00 11.99 ?  137 ARG A C   1 
ATOM   879  O O   . ARG A 1 118 ? -11.678 -0.327  9.800   1.00 12.53 ?  137 ARG A O   1 
ATOM   880  C CB  . ARG A 1 118 ? -10.267 2.408   9.950   1.00 13.71 ?  137 ARG A CB  1 
ATOM   881  C CG  . ARG A 1 118 ? -9.831  3.519   10.870  1.00 15.06 ?  137 ARG A CG  1 
ATOM   882  C CD  . ARG A 1 118 ? -10.268 4.872   10.337  1.00 16.37 ?  137 ARG A CD  1 
ATOM   883  N NE  . ARG A 1 118 ? -9.755  5.937   11.156  1.00 17.03 ?  137 ARG A NE  1 
ATOM   884  C CZ  . ARG A 1 118 ? -8.499  6.355   11.156  1.00 16.39 ?  137 ARG A CZ  1 
ATOM   885  N NH1 . ARG A 1 118 ? -7.614  5.914   10.286  1.00 15.45 ?  137 ARG A NH1 1 
ATOM   886  N NH2 . ARG A 1 118 ? -8.111  7.255   12.043  1.00 17.99 ?  137 ARG A NH2 1 
ATOM   887  N N   . GLY A 1 119 ? -9.785  -0.636  8.596   1.00 11.73 ?  138 GLY A N   1 
ATOM   888  C CA  . GLY A 1 119 ? -10.390 -1.562  7.730   1.00 10.74 ?  138 GLY A CA  1 
ATOM   889  C C   . GLY A 1 119 ? -11.130 -1.006  6.523   1.00 10.95 ?  138 GLY A C   1 
ATOM   890  O O   . GLY A 1 119 ? -11.676 -1.755  5.757   1.00 12.14 ?  138 GLY A O   1 
ATOM   891  N N   . LYS A 1 120 ? -11.156 0.283   6.389   1.00 11.00 ?  139 LYS A N   1 
ATOM   892  C CA  . LYS A 1 120 ? -11.890 0.934   5.368   1.00 11.57 ?  139 LYS A CA  1 
ATOM   893  C C   . LYS A 1 120 ? -11.185 1.078   4.045   1.00 11.96 ?  139 LYS A C   1 
ATOM   894  O O   . LYS A 1 120 ? -9.957  1.176   3.965   1.00 10.96 ?  139 LYS A O   1 
ATOM   895  C CB  . LYS A 1 120 ? -12.364 2.274   5.897   1.00 15.12 ?  139 LYS A CB  1 
ATOM   896  C CG  . LYS A 1 120 ? -13.338 2.127   7.064   1.00 19.14 ?  139 LYS A CG  1 
ATOM   897  C CD  . LYS A 1 120 ? -13.708 3.547   7.528   1.00 24.56 ?  139 LYS A CD  1 
ATOM   898  C CE  . LYS A 1 120 ? -15.167 3.664   7.961   1.00 34.09 ?  139 LYS A CE  1 
ATOM   899  N NZ  . LYS A 1 120 ? -15.280 3.639   9.436   1.00 38.49 ?  139 LYS A NZ  1 
ATOM   900  N N   . LEU A 1 121 ? -11.950 1.078   2.962   1.00 11.18 ?  140 LEU A N   1 
ATOM   901  C CA  . LEU A 1 121 ? -11.441 1.295   1.598   1.00 10.68 ?  140 LEU A CA  1 
ATOM   902  C C   . LEU A 1 121 ? -11.681 2.738   1.157   1.00 12.08 ?  140 LEU A C   1 
ATOM   903  O O   . LEU A 1 121 ? -12.811 3.187   1.170   1.00 14.57 ?  140 LEU A O   1 
ATOM   904  C CB  . LEU A 1 121 ? -12.052 0.342   0.568   1.00 9.99  ?  140 LEU A CB  1 
ATOM   905  C CG  . LEU A 1 121 ? -11.914 -1.103  0.845   1.00 11.63 ?  140 LEU A CG  1 
ATOM   906  C CD1 . LEU A 1 121 ? -12.707 -1.923  -0.178  1.00 12.89 ?  140 LEU A CD1 1 
ATOM   907  C CD2 . LEU A 1 121 ? -10.408 -1.484  0.765   1.00 11.87 ?  140 LEU A CD2 1 
ATOM   908  N N   . TYR A 1 122 ? -10.669 3.409   0.633   1.00 11.17 ?  141 TYR A N   1 
ATOM   909  C CA  . TYR A 1 122 ? -10.717 4.779   0.150   1.00 11.08 ?  141 TYR A CA  1 
ATOM   910  C C   . TYR A 1 122 ? -10.358 4.856   -1.321  1.00 10.78 ?  141 TYR A C   1 
ATOM   911  O O   . TYR A 1 122 ? -9.295  4.425   -1.760  1.00 9.87  ?  141 TYR A O   1 
ATOM   912  C CB  . TYR A 1 122 ? -9.773  5.628   0.953   1.00 12.79 ?  141 TYR A CB  1 
ATOM   913  C CG  . TYR A 1 122 ? -9.904  5.529   2.452   1.00 14.08 ?  141 TYR A CG  1 
ATOM   914  C CD1 . TYR A 1 122 ? -11.068 5.628   3.095   1.00 18.54 ?  141 TYR A CD1 1 
ATOM   915  C CD2 . TYR A 1 122 ? -8.778  5.297   3.185   1.00 16.82 ?  141 TYR A CD2 1 
ATOM   916  C CE1 . TYR A 1 122 ? -11.118 5.583   4.498   1.00 18.69 ?  141 TYR A CE1 1 
ATOM   917  C CE2 . TYR A 1 122 ? -8.808  5.197   4.575   1.00 17.77 ?  141 TYR A CE2 1 
ATOM   918  C CZ  . TYR A 1 122 ? -10.014 5.321   5.205   1.00 17.00 ?  141 TYR A CZ  1 
ATOM   919  O OH  . TYR A 1 122 ? -10.078 5.216   6.618   1.00 19.77 ?  141 TYR A OH  1 
ATOM   920  N N   . HIS A 1 123 ? -11.255 5.493   -2.105  1.00 10.54 ?  142 HIS A N   1 
ATOM   921  C CA  . HIS A 1 123 ? -10.958 6.004   -3.431  1.00 11.33 ?  142 HIS A CA  1 
ATOM   922  C C   . HIS A 1 123 ? -11.787 7.233   -3.639  1.00 13.47 ?  142 HIS A C   1 
ATOM   923  O O   . HIS A 1 123 ? -13.021 7.081   -3.505  1.00 15.05 ?  142 HIS A O   1 
ATOM   924  C CB  . HIS A 1 123 ? -11.235 4.939   -4.508  1.00 10.79 ?  142 HIS A CB  1 
ATOM   925  C CG  . HIS A 1 123 ? -11.029 5.460   -5.908  1.00 11.04 ?  142 HIS A CG  1 
ATOM   926  N ND1 . HIS A 1 123 ? -9.835  5.967   -6.367  1.00 10.92 ?  142 HIS A ND1 1 
ATOM   927  C CD2 . HIS A 1 123 ? -11.892 5.598   -6.941  1.00 11.76 ?  142 HIS A CD2 1 
ATOM   928  C CE1 . HIS A 1 123 ? -9.964  6.387   -7.614  1.00 12.04 ?  142 HIS A CE1 1 
ATOM   929  N NE2 . HIS A 1 123 ? -11.228 6.231   -7.942  1.00 12.77 ?  142 HIS A NE2 1 
ATOM   930  N N   . GLN A 1 124 ? -11.176 8.368   -3.932  1.00 12.32 ?  143 GLN A N   1 
ATOM   931  C CA  . GLN A 1 124 ? -11.901 9.651   -3.973  1.00 16.94 ?  143 GLN A CA  1 
ATOM   932  C C   . GLN A 1 124 ? -12.750 9.793   -2.709  1.00 17.29 ?  143 GLN A C   1 
ATOM   933  O O   . GLN A 1 124 ? -13.938 10.253  -2.782  1.00 19.60 ?  143 GLN A O   1 
ATOM   934  C CB  . GLN A 1 124 ? -12.820 9.757   -5.214  1.00 22.25 ?  143 GLN A CB  1 
ATOM   935  C CG  . GLN A 1 124 ? -12.169 9.395   -6.493  1.00 22.79 ?  143 GLN A CG  1 
ATOM   936  C CD  . GLN A 1 124 ? -13.007 9.851   -7.666  1.00 22.26 ?  143 GLN A CD  1 
ATOM   937  O OE1 . GLN A 1 124 ? -12.849 10.930  -8.070  1.00 29.51 ?  143 GLN A OE1 1 
ATOM   938  N NE2 . GLN A 1 124 ? -13.923 9.068   -8.080  1.00 24.21 ?  143 GLN A NE2 1 
ATOM   939  N N   . SER A 1 125 ? -12.209 9.460   -1.557  1.00 17.13 ?  144 SER A N   1 
ATOM   940  C CA  . SER A 1 125 ? -12.951 9.433   -0.289  1.00 18.01 ?  144 SER A CA  1 
ATOM   941  C C   . SER A 1 125 ? -12.204 10.163  0.823   1.00 23.45 ?  144 SER A C   1 
ATOM   942  O O   . SER A 1 125 ? -11.001 9.965   0.978   1.00 21.95 ?  144 SER A O   1 
ATOM   943  C CB  . SER A 1 125 ? -13.143 7.956   0.180   1.00 24.16 ?  144 SER A CB  1 
ATOM   944  O OG  . SER A 1 125 ? -13.652 7.942   1.533   1.00 28.58 ?  144 SER A OG  1 
ATOM   945  N N   . LYS A 1 126 ? -12.916 10.976  1.600   1.00 26.56 ?  145 LYS A N   1 
ATOM   946  C CA  . LYS A 1 126 ? -12.404 11.709  2.789   1.00 28.98 ?  145 LYS A CA  1 
ATOM   947  C C   . LYS A 1 126 ? -12.415 10.784  3.990   1.00 33.69 ?  145 LYS A C   1 
ATOM   948  O O   . LYS A 1 126 ? -11.766 11.087  4.987   1.00 39.89 ?  145 LYS A O   1 
ATOM   949  C CB  . LYS A 1 126 ? -13.277 12.950  3.094   1.00 29.24 ?  145 LYS A CB  1 
ATOM   950  N N   . GLY A 1 127 ? -13.166 9.682   3.960   1.00 33.52 ?  146 GLY A N   1 
ATOM   951  C CA  . GLY A 1 127 ? -13.043 8.675   5.009   1.00 37.49 ?  146 GLY A CA  1 
ATOM   952  C C   . GLY A 1 127 ? -14.265 8.300   5.815   1.00 41.33 ?  146 GLY A C   1 
ATOM   953  O O   . GLY A 1 127 ? -14.476 7.119   6.090   1.00 38.12 ?  146 GLY A O   1 
ATOM   954  N N   . PRO A 1 128 ? -15.071 9.291   6.223   1.00 45.40 ?  147 PRO A N   1 
ATOM   955  C CA  . PRO A 1 128 ? -16.310 8.836   6.872   1.00 41.90 ?  147 PRO A CA  1 
ATOM   956  C C   . PRO A 1 128 ? -17.282 8.209   5.860   1.00 41.30 ?  147 PRO A C   1 
ATOM   957  O O   . PRO A 1 128 ? -17.435 8.745   4.748   1.00 42.72 ?  147 PRO A O   1 
ATOM   958  N N   . GLY A 1 129 ? -17.897 7.071   6.237   1.00 37.43 ?  148 GLY A N   1 
ATOM   959  C CA  . GLY A 1 129 ? -18.816 6.314   5.388   1.00 33.29 ?  148 GLY A CA  1 
ATOM   960  C C   . GLY A 1 129 ? -18.166 5.292   4.470   1.00 31.88 ?  148 GLY A C   1 
ATOM   961  O O   . GLY A 1 129 ? -18.852 4.550   3.771   1.00 28.15 ?  148 GLY A O   1 
ATOM   962  N N   . ALA A 1 130 ? -16.833 5.264   4.429   1.00 24.32 ?  149 ALA A N   1 
ATOM   963  C CA  . ALA A 1 130 ? -16.167 4.348   3.495   1.00 21.74 ?  149 ALA A CA  1 
ATOM   964  C C   . ALA A 1 130 ? -16.458 2.877   3.912   1.00 17.50 ?  149 ALA A C   1 
ATOM   965  O O   . ALA A 1 130 ? -16.602 2.607   5.091   1.00 18.57 ?  149 ALA A O   1 
ATOM   966  C CB  . ALA A 1 130 ? -14.686 4.678   3.518   1.00 19.81 ?  149 ALA A CB  1 
ATOM   967  N N   . PRO A 1 131 ? -16.542 1.950   2.941   1.00 15.61 ?  150 PRO A N   1 
ATOM   968  C CA  . PRO A 1 131 ? -16.901 0.538   3.203   1.00 16.44 ?  150 PRO A CA  1 
ATOM   969  C C   . PRO A 1 131 ? -15.779 -0.256  3.853   1.00 14.68 ?  150 PRO A C   1 
ATOM   970  O O   . PRO A 1 131 ? -14.536 -0.011  3.627   1.00 15.20 ?  150 PRO A O   1 
ATOM   971  C CB  . PRO A 1 131 ? -17.173 -0.057  1.823   1.00 17.27 ?  150 PRO A CB  1 
ATOM   972  C CG  . PRO A 1 131 ? -16.412 0.833   0.856   1.00 16.78 ?  150 PRO A CG  1 
ATOM   973  C CD  . PRO A 1 131 ? -16.368 2.196   1.491   1.00 17.70 ?  150 PRO A CD  1 
ATOM   974  N N   . GLN A 1 132 ? -16.126 -1.254  4.619   1.00 14.09 ?  151 GLN A N   1 
ATOM   975  C CA  . GLN A 1 132 ? -15.187 -2.140  5.234   1.00 12.93 ?  151 GLN A CA  1 
ATOM   976  C C   . GLN A 1 132 ? -14.739 -3.232  4.331   1.00 13.09 ?  151 GLN A C   1 
ATOM   977  O O   . GLN A 1 132 ? -15.489 -3.757  3.472   1.00 14.07 ?  151 GLN A O   1 
ATOM   978  C CB  . GLN A 1 132 ? -15.888 -2.771  6.432   1.00 13.97 ?  151 GLN A CB  1 
ATOM   979  C CG  . GLN A 1 132 ? -16.221 -1.864  7.558   1.00 14.56 ?  151 GLN A CG  1 
ATOM   980  C CD  . GLN A 1 132 ? -15.110 -1.111  8.222   1.00 15.56 ?  151 GLN A CD  1 
ATOM   981  O OE1 . GLN A 1 132 ? -13.930 -1.628  8.447   1.00 16.33 ?  151 GLN A OE1 1 
ATOM   982  N NE2 . GLN A 1 132 ? -15.455 0.037   8.686   1.00 14.12 ?  151 GLN A NE2 1 
ATOM   983  N N   . TYR A 1 133 ? -13.480 -3.658  4.468   1.00 10.96 ?  152 TYR A N   1 
ATOM   984  C CA  . TYR A 1 133 ? -12.914 -4.769  3.783   1.00 11.10 ?  152 TYR A CA  1 
ATOM   985  C C   . TYR A 1 133 ? -12.011 -5.494  4.735   1.00 10.44 ?  152 TYR A C   1 
ATOM   986  O O   . TYR A 1 133 ? -11.297 -4.860  5.555   1.00 11.01 ?  152 TYR A O   1 
ATOM   987  C CB  . TYR A 1 133 ? -12.076 -4.237  2.567   1.00 11.04 ?  152 TYR A CB  1 
ATOM   988  C CG  . TYR A 1 133 ? -11.301 -5.244  1.822   1.00 10.69 ?  152 TYR A CG  1 
ATOM   989  C CD1 . TYR A 1 133 ? -11.832 -5.958  0.744   1.00 10.80 ?  152 TYR A CD1 1 
ATOM   990  C CD2 . TYR A 1 133 ? -9.979  -5.553  2.173   1.00 9.87  ?  152 TYR A CD2 1 
ATOM   991  C CE1 . TYR A 1 133 ? -11.090 -6.858  0.036   1.00 9.85  ?  152 TYR A CE1 1 
ATOM   992  C CE2 . TYR A 1 133 ? -9.257  -6.493  1.514   1.00 9.21  ?  152 TYR A CE2 1 
ATOM   993  C CZ  . TYR A 1 133 ? -9.739  -7.150  0.370   1.00 9.03  ?  152 TYR A CZ  1 
ATOM   994  O OH  . TYR A 1 133 ? -8.973  -7.998  -0.332  1.00 10.15 ?  152 TYR A OH  1 
ATOM   995  N N   . PRO A 1 134 ? -12.000 -6.834  4.662   1.00 10.70 ?  153 PRO A N   1 
ATOM   996  C CA  . PRO A 1 134 ? -12.813 -7.659  3.758   1.00 12.40 ?  153 PRO A CA  1 
ATOM   997  C C   . PRO A 1 134 ? -14.284 -7.749  4.220   1.00 12.48 ?  153 PRO A C   1 
ATOM   998  O O   . PRO A 1 134 ? -14.661 -7.251  5.273   1.00 11.97 ?  153 PRO A O   1 
ATOM   999  C CB  . PRO A 1 134 ? -12.179 -9.002  3.922   1.00 12.84 ?  153 PRO A CB  1 
ATOM   1000 C CG  . PRO A 1 134 ? -11.604 -9.058  5.270   1.00 12.27 ?  153 PRO A CG  1 
ATOM   1001 C CD  . PRO A 1 134 ? -11.114 -7.674  5.527   1.00 11.22 ?  153 PRO A CD  1 
ATOM   1002 N N   . ALA A 1 135 ? -15.068 -8.376  3.371   1.00 12.32 ?  154 ALA A N   1 
ATOM   1003 C CA  . ALA A 1 135 ? -16.527 -8.461  3.672   1.00 13.55 ?  154 ALA A CA  1 
ATOM   1004 C C   . ALA A 1 135 ? -16.775 -9.098  5.015   1.00 13.01 ?  154 ALA A C   1 
ATOM   1005 O O   . ALA A 1 135 ? -16.182 -10.087 5.399   1.00 14.78 ?  154 ALA A O   1 
ATOM   1006 C CB  . ALA A 1 135 ? -17.224 -9.249  2.620   1.00 16.02 ?  154 ALA A CB  1 
ATOM   1007 N N   . GLY A 1 136 ? -17.728 -8.503  5.737   1.00 13.54 ?  155 GLY A N   1 
ATOM   1008 C CA  . GLY A 1 136 ? -18.184 -9.074  7.033   1.00 15.42 ?  155 GLY A CA  1 
ATOM   1009 C C   . GLY A 1 136 ? -17.298 -8.775  8.229   1.00 16.59 ?  155 GLY A C   1 
ATOM   1010 O O   . GLY A 1 136 ? -17.406 -9.435  9.248   1.00 17.27 ?  155 GLY A O   1 
ATOM   1011 N N   . THR A 1 137 ? -16.383 -7.798  8.134   1.00 15.20 ?  156 THR A N   1 
ATOM   1012 C CA  . THR A 1 137 ? -15.455 -7.443  9.216   1.00 16.39 ?  156 THR A CA  1 
ATOM   1013 C C   . THR A 1 137 ? -15.645 -5.955  9.572   1.00 19.96 ?  156 THR A C   1 
ATOM   1014 O O   . THR A 1 137 ? -16.328 -5.193  8.868   1.00 21.46 ?  156 THR A O   1 
ATOM   1015 C CB  . THR A 1 137 ? -13.991 -7.660  8.834   1.00 16.61 ?  156 THR A CB  1 
ATOM   1016 O OG1 . THR A 1 137 ? -13.589 -6.705  7.795   1.00 17.33 ?  156 THR A OG1 1 
ATOM   1017 C CG2 . THR A 1 137 ? -13.733 -9.081  8.412   1.00 16.41 ?  156 THR A CG2 1 
ATOM   1018 N N   . GLN A 1 138 ? -15.027 -5.556  10.663  1.00 19.89 ?  157 GLN A N   1 
ATOM   1019 C CA  . GLN A 1 138 ? -14.974 -4.106  11.039  1.00 21.48 ?  157 GLN A CA  1 
ATOM   1020 C C   . GLN A 1 138 ? -13.776 -3.839  11.856  1.00 22.44 ?  157 GLN A C   1 
ATOM   1021 O O   . GLN A 1 138 ? -13.200 -4.761  12.522  1.00 17.17 ?  157 GLN A O   1 
ATOM   1022 C CB  . GLN A 1 138 ? -16.281 -3.683  11.714  1.00 25.58 ?  157 GLN A CB  1 
ATOM   1023 C CG  . GLN A 1 138 ? -16.597 -4.514  12.913  1.00 27.55 ?  157 GLN A CG  1 
ATOM   1024 C CD  . GLN A 1 138 ? -17.746 -3.958  13.714  1.00 34.99 ?  157 GLN A CD  1 
ATOM   1025 O OE1 . GLN A 1 138 ? -17.641 -3.779  14.943  1.00 49.00 ?  157 GLN A OE1 1 
ATOM   1026 N NE2 . GLN A 1 138 ? -18.850 -3.683  13.044  1.00 41.91 ?  157 GLN A NE2 1 
ATOM   1027 N N   . GLY A 1 139 ? -13.289 -2.597  11.788  1.00 19.97 ?  158 GLY A N   1 
ATOM   1028 C CA  . GLY A 1 139 ? -12.014 -2.200  12.406  1.00 23.17 ?  158 GLY A CA  1 
ATOM   1029 C C   . GLY A 1 139 ? -11.782 -2.697  13.806  1.00 22.84 ?  158 GLY A C   1 
ATOM   1030 O O   . GLY A 1 139 ? -10.679 -3.152  14.151  1.00 21.84 ?  158 GLY A O   1 
ATOM   1031 N N   . GLU A 1 140 ? -12.835 -2.501  14.603  1.00 22.22 ?  159 GLU A N   1 
ATOM   1032 C CA  . GLU A 1 140 ? -12.742 -2.686  16.040  1.00 22.50 ?  159 GLU A CA  1 
ATOM   1033 C C   . GLU A 1 140 ? -12.569 -4.141  16.350  1.00 23.37 ?  159 GLU A C   1 
ATOM   1034 O O   . GLU A 1 140 ? -12.271 -4.503  17.511  1.00 24.47 ?  159 GLU A O   1 
ATOM   1035 N N   . GLN A 1 141 ? -12.842 -4.998  15.372  1.00 20.37 ?  160 GLN A N   1 
ATOM   1036 C CA  . GLN A 1 141 ? -12.774 -6.424  15.590  1.00 22.52 ?  160 GLN A CA  1 
ATOM   1037 C C   . GLN A 1 141 ? -11.911 -7.126  14.551  1.00 19.25 ?  160 GLN A C   1 
ATOM   1038 O O   . GLN A 1 141 ? -12.133 -8.288  14.161  1.00 18.19 ?  160 GLN A O   1 
ATOM   1039 C CB  . GLN A 1 141 ? -14.165 -6.963  15.610  1.00 26.23 ?  160 GLN A CB  1 
ATOM   1040 C CG  . GLN A 1 141 ? -14.917 -6.344  16.768  1.00 31.77 ?  160 GLN A CG  1 
ATOM   1041 C CD  . GLN A 1 141 ? -16.117 -7.127  17.143  1.00 37.06 ?  160 GLN A CD  1 
ATOM   1042 O OE1 . GLN A 1 141 ? -16.608 -7.906  16.346  1.00 35.00 ?  160 GLN A OE1 1 
ATOM   1043 N NE2 . GLN A 1 141 ? -16.619 -6.907  18.367  1.00 44.44 ?  160 GLN A NE2 1 
ATOM   1044 N N   . LEU A 1 142 ? -10.879 -6.387  14.112  1.00 17.76 ?  161 LEU A N   1 
ATOM   1045 C CA  . LEU A 1 142 ? -9.838  -7.005  13.329  1.00 20.13 ?  161 LEU A CA  1 
ATOM   1046 C C   . LEU A 1 142 ? -8.518  -6.357  13.501  1.00 16.43 ?  161 LEU A C   1 
ATOM   1047 O O   . LEU A 1 142 ? -8.427  -5.216  14.026  1.00 17.39 ?  161 LEU A O   1 
ATOM   1048 C CB  . LEU A 1 142 ? -10.203 -7.004  11.885  1.00 22.95 ?  161 LEU A CB  1 
ATOM   1049 C CG  . LEU A 1 142 ? -10.161 -5.786  11.056  1.00 24.45 ?  161 LEU A CG  1 
ATOM   1050 C CD1 . LEU A 1 142 ? -8.730  -5.419  10.642  1.00 24.75 ?  161 LEU A CD1 1 
ATOM   1051 C CD2 . LEU A 1 142 ? -10.999 -6.013  9.798   1.00 32.62 ?  161 LEU A CD2 1 
ATOM   1052 N N   . GLU A 1 143 ? -7.464  -7.116  13.183  1.00 13.82 ?  162 GLU A N   1 
ATOM   1053 C CA  . GLU A 1 143 ? -6.159  -6.554  13.300  1.00 14.42 ?  162 GLU A CA  1 
ATOM   1054 C C   . GLU A 1 143 ? -5.364  -7.071  12.095  1.00 13.11 ?  162 GLU A C   1 
ATOM   1055 O O   . GLU A 1 143 ? -5.149  -8.292  11.917  1.00 14.21 ?  162 GLU A O   1 
ATOM   1056 C CB  . GLU A 1 143 ? -5.514  -6.948  14.603  1.00 18.53 ?  162 GLU A CB  1 
ATOM   1057 C CG  . GLU A 1 143 ? -4.155  -6.413  14.970  1.00 24.72 ?  162 GLU A CG  1 
ATOM   1058 C CD  . GLU A 1 143 ? -3.501  -7.269  16.137  1.00 32.78 ?  162 GLU A CD  1 
ATOM   1059 O OE1 . GLU A 1 143 ? -4.064  -8.226  16.771  1.00 36.79 ?  162 GLU A OE1 1 
ATOM   1060 O OE2 . GLU A 1 143 ? -2.323  -7.089  16.430  1.00 35.80 -1 162 GLU A OE2 1 
ATOM   1061 N N   . VAL A 1 144 ? -4.948  -6.147  11.222  1.00 10.62 ?  163 VAL A N   1 
ATOM   1062 C CA  . VAL A 1 144 ? -4.082  -6.491  10.111  1.00 10.85 ?  163 VAL A CA  1 
ATOM   1063 C C   . VAL A 1 144 ? -2.683  -6.749  10.670  1.00 9.70  ?  163 VAL A C   1 
ATOM   1064 O O   . VAL A 1 144 ? -2.110  -5.856  11.282  1.00 10.28 ?  163 VAL A O   1 
ATOM   1065 C CB  . VAL A 1 144 ? -4.098  -5.384  9.029   1.00 10.95 ?  163 VAL A CB  1 
ATOM   1066 C CG1 . VAL A 1 144 ? -3.131  -5.759  7.861   1.00 11.40 ?  163 VAL A CG1 1 
ATOM   1067 C CG2 . VAL A 1 144 ? -5.523  -5.172  8.572   1.00 11.37 ?  163 VAL A CG2 1 
ATOM   1068 N N   . PRO A 1 145 ? -2.092  -7.896  10.446  1.00 9.41  ?  164 PRO A N   1 
ATOM   1069 C CA  . PRO A 1 145 ? -0.782  -8.166  10.972  1.00 10.45 ?  164 PRO A CA  1 
ATOM   1070 C C   . PRO A 1 145 ? 0.330   -7.385  10.241  1.00 10.50 ?  164 PRO A C   1 
ATOM   1071 O O   . PRO A 1 145 ? 0.080   -6.627  9.332   1.00 10.15 ?  164 PRO A O   1 
ATOM   1072 C CB  . PRO A 1 145 ? -0.643  -9.664  10.764  1.00 11.05 ?  164 PRO A CB  1 
ATOM   1073 C CG  . PRO A 1 145 ? -1.453  -9.970  9.588   1.00 10.79 ?  164 PRO A CG  1 
ATOM   1074 C CD  . PRO A 1 145 ? -2.602  -9.063  9.673   1.00 9.00  ?  164 PRO A CD  1 
ATOM   1075 N N   . GLU A 1 146 ? 1.542   -7.543  10.697  1.00 9.92  ?  165 GLU A N   1 
ATOM   1076 C CA  . GLU A 1 146 ? 2.686   -6.778  10.185  1.00 10.24 ?  165 GLU A CA  1 
ATOM   1077 C C   . GLU A 1 146 ? 2.830   -6.918  8.724   1.00 10.50 ?  165 GLU A C   1 
ATOM   1078 O O   . GLU A 1 146 ? 3.109   -5.904  7.996   1.00 11.55 ?  165 GLU A O   1 
ATOM   1079 C CB  . GLU A 1 146 ? 3.983   -7.229  10.901  1.00 11.66 ?  165 GLU A CB  1 
ATOM   1080 C CG  . GLU A 1 146 ? 5.221   -6.430  10.379  1.00 13.19 ?  165 GLU A CG  1 
ATOM   1081 C CD  . GLU A 1 146 ? 6.423   -6.447  11.313  1.00 19.48 ?  165 GLU A CD  1 
ATOM   1082 O OE1 . GLU A 1 146 ? 6.264   -6.513  12.514  1.00 24.69 ?  165 GLU A OE1 1 
ATOM   1083 O OE2 . GLU A 1 146 ? 7.544   -6.265  10.826  1.00 23.78 -1 165 GLU A OE2 1 
ATOM   1084 N N   . ARG A 1 147 ? 2.692   -8.121  8.206   1.00 10.28 ?  166 ARG A N   1 
ATOM   1085 C CA  . ARG A 1 147 ? 2.867   -8.353  6.766   1.00 10.93 ?  166 ARG A CA  1 
ATOM   1086 C C   . ARG A 1 147 ? 1.561   -8.589  6.068   1.00 10.06 ?  166 ARG A C   1 
ATOM   1087 O O   . ARG A 1 147 ? 0.675   -9.348  6.590   1.00 12.38 ?  166 ARG A O   1 
ATOM   1088 C CB  . ARG A 1 147 ? 3.743   -9.566  6.558   1.00 12.68 ?  166 ARG A CB  1 
ATOM   1089 C CG  . ARG A 1 147 ? 5.113   -9.442  7.092   1.00 15.56 ?  166 ARG A CG  1 
ATOM   1090 C CD  . ARG A 1 147 ? 5.912   -10.702 7.084   1.00 21.34 ?  166 ARG A CD  1 
ATOM   1091 N NE  . ARG A 1 147 ? 5.613   -11.835 7.964   1.00 30.71 ?  166 ARG A NE  1 
ATOM   1092 C CZ  . ARG A 1 147 ? 5.724   -11.939 9.311   1.00 36.55 ?  166 ARG A CZ  1 
ATOM   1093 N NH1 . ARG A 1 147 ? 5.849   -10.867 10.186  1.00 33.28 ?  166 ARG A NH1 1 
ATOM   1094 N NH2 . ARG A 1 147 ? 5.565   -13.169 9.807   1.00 36.75 ?  166 ARG A NH2 1 
ATOM   1095 N N   . LEU A 1 148 ? 1.372   -8.012  4.912   1.00 9.57  ?  167 LEU A N   1 
ATOM   1096 C CA  . LEU A 1 148 ? 0.162   -8.217  4.073   1.00 9.76  ?  167 LEU A CA  1 
ATOM   1097 C C   . LEU A 1 148 ? 0.601   -8.185  2.639   1.00 9.02  ?  167 LEU A C   1 
ATOM   1098 O O   . LEU A 1 148 ? 1.577   -7.503  2.283   1.00 10.38 ?  167 LEU A O   1 
ATOM   1099 C CB  . LEU A 1 148 ? -0.953  -7.159  4.412   1.00 10.34 ?  167 LEU A CB  1 
ATOM   1100 C CG  . LEU A 1 148 ? -0.622  -5.660  4.037   1.00 10.85 ?  167 LEU A CG  1 
ATOM   1101 C CD1 . LEU A 1 148 ? -1.898  -4.925  3.688   1.00 12.21 ?  167 LEU A CD1 1 
ATOM   1102 C CD2 . LEU A 1 148 ? 0.111   -4.957  5.123   1.00 12.44 ?  167 LEU A CD2 1 
ATOM   1103 N N   . LEU A 1 149 ? -0.066  -8.935  1.766   1.00 9.19  ?  168 LEU A N   1 
ATOM   1104 C CA  . LEU A 1 149 ? 0.173   -8.926  0.319   1.00 9.62  ?  168 LEU A CA  1 
ATOM   1105 C C   . LEU A 1 149 ? -0.814  -8.035  -0.350  1.00 8.85  ?  168 LEU A C   1 
ATOM   1106 O O   . LEU A 1 149 ? -2.013  -7.999  -0.024  1.00 10.83 ?  168 LEU A O   1 
ATOM   1107 C CB  . LEU A 1 149 ? 0.018   -10.312 -0.244  1.00 12.60 ?  168 LEU A CB  1 
ATOM   1108 C CG  . LEU A 1 149 ? 0.858   -11.367 0.378   1.00 16.77 ?  168 LEU A CG  1 
ATOM   1109 C CD1 . LEU A 1 149 ? 0.729   -12.614 -0.467  1.00 18.84 ?  168 LEU A CD1 1 
ATOM   1110 C CD2 . LEU A 1 149 ? 2.325   -11.032 0.711   1.00 18.89 ?  168 LEU A CD2 1 
ATOM   1111 N N   . VAL A 1 150 ? -0.336  -7.342  -1.364  1.00 8.00  ?  169 VAL A N   1 
ATOM   1112 C CA  . VAL A 1 150 ? -1.100  -6.486  -2.220  1.00 8.04  ?  169 VAL A CA  1 
ATOM   1113 C C   . VAL A 1 150 ? -1.067  -7.122  -3.588  1.00 8.91  ?  169 VAL A C   1 
ATOM   1114 O O   . VAL A 1 150 ? 0.002   -7.489  -4.100  1.00 9.31  ?  169 VAL A O   1 
ATOM   1115 C CB  . VAL A 1 150 ? -0.483  -5.078  -2.257  1.00 7.94  ?  169 VAL A CB  1 
ATOM   1116 C CG1 . VAL A 1 150 ? -1.390  -4.126  -3.049  1.00 8.22  ?  169 VAL A CG1 1 
ATOM   1117 C CG2 . VAL A 1 150 ? -0.172  -4.585  -0.819  1.00 8.41  ?  169 VAL A CG2 1 
ATOM   1118 N N   . VAL A 1 151 ? -2.246  -7.318  -4.147  1.00 9.47  ?  170 VAL A N   1 
ATOM   1119 C CA  . VAL A 1 151 ? -2.424  -8.070  -5.372  1.00 8.66  ?  170 VAL A CA  1 
ATOM   1120 C C   . VAL A 1 151 ? -3.165  -7.315  -6.444  1.00 7.63  ?  170 VAL A C   1 
ATOM   1121 O O   . VAL A 1 151 ? -4.358  -6.938  -6.271  1.00 9.10  ?  170 VAL A O   1 
ATOM   1122 C CB  . VAL A 1 151 ? -3.175  -9.414  -5.041  1.00 9.54  ?  170 VAL A CB  1 
ATOM   1123 C CG1 . VAL A 1 151 ? -3.374  -10.268 -6.320  1.00 11.87 ?  170 VAL A CG1 1 
ATOM   1124 C CG2 . VAL A 1 151 ? -2.456  -10.228 -3.976  1.00 10.64 ?  170 VAL A CG2 1 
ATOM   1125 N N   . LEU A 1 152 ? -2.457  -6.941  -7.524  1.00 8.11  ?  171 LEU A N   1 
ATOM   1126 C CA  . LEU A 1 152 ? -2.982  -6.103  -8.574  1.00 10.10 ?  171 LEU A CA  1 
ATOM   1127 C C   . LEU A 1 152 ? -3.135  -6.911  -9.878  1.00 10.41 ?  171 LEU A C   1 
ATOM   1128 O O   . LEU A 1 152 ? -2.182  -7.392  -10.430 1.00 10.64 ?  171 LEU A O   1 
ATOM   1129 C CB  . LEU A 1 152 ? -2.033  -4.929  -8.800  1.00 9.13  ?  171 LEU A CB  1 
ATOM   1130 C CG  . LEU A 1 152 ? -2.537  -3.873  -9.777  1.00 9.42  ?  171 LEU A CG  1 
ATOM   1131 C CD1 . LEU A 1 152 ? -3.705  -3.134  -9.302  1.00 10.47 ?  171 LEU A CD1 1 
ATOM   1132 C CD2 . LEU A 1 152 ? -1.362  -2.974  -10.128 1.00 9.82  ?  171 LEU A CD2 1 
ATOM   1133 N N   . ASP A 1 153 ? -4.392  -7.114  -10.203 1.00 10.63 ?  172 ASP A N   1 
ATOM   1134 C CA  . ASP A 1 153 ? -4.783  -7.845  -11.439 1.00 11.85 ?  172 ASP A CA  1 
ATOM   1135 C C   . ASP A 1 153 ? -5.173  -6.920  -12.530 1.00 10.67 ?  172 ASP A C   1 
ATOM   1136 O O   . ASP A 1 153 ? -6.269  -6.327  -12.482 1.00 11.05 ?  172 ASP A O   1 
ATOM   1137 C CB  . ASP A 1 153 ? -5.919  -8.803  -11.124 1.00 11.68 ?  172 ASP A CB  1 
ATOM   1138 C CG  . ASP A 1 153 ? -6.432  -9.565  -12.307 1.00 13.55 ?  172 ASP A CG  1 
ATOM   1139 O OD1 . ASP A 1 153 ? -6.030  -9.300  -13.431 1.00 13.45 ?  172 ASP A OD1 1 
ATOM   1140 O OD2 . ASP A 1 153 ? -7.266  -10.498 -12.009 1.00 13.38 -1 172 ASP A OD2 1 
ATOM   1141 N N   . MET A 1 154 ? -4.239  -6.637  -13.443 1.00 11.23 ?  173 MET A N   1 
ATOM   1142 C CA  . MET A 1 154 ? -4.528  -5.624  -14.449 1.00 12.36 ?  173 MET A CA  1 
ATOM   1143 C C   . MET A 1 154 ? -5.225  -6.181  -15.691 1.00 15.57 ?  173 MET A C   1 
ATOM   1144 O O   . MET A 1 154 ? -5.622  -5.383  -16.554 1.00 18.85 ?  173 MET A O   1 
ATOM   1145 C CB  . MET A 1 154 ? -3.279  -4.807  -14.810 1.00 12.73 ?  173 MET A CB  1 
ATOM   1146 C CG  . MET A 1 154 ? -2.808  -3.869  -13.680 1.00 13.38 ?  173 MET A CG  1 
ATOM   1147 S SD  . MET A 1 154 ? -3.977  -2.760  -13.075 1.00 14.74 ?  173 MET A SD  1 
ATOM   1148 C CE  . MET A 1 154 ? -3.933  -1.611  -14.467 1.00 13.92 ?  173 MET A CE  1 
ATOM   1149 N N   . GLU A 1 155 ? -5.482  -7.479  -15.697 1.00 15.63 ?  174 GLU A N   1 
ATOM   1150 C CA  . GLU A 1 155 ? -6.348  -8.072  -16.774 1.00 17.22 ?  174 GLU A CA  1 
ATOM   1151 C C   . GLU A 1 155 ? -7.799  -7.896  -16.386 1.00 16.38 ?  174 GLU A C   1 
ATOM   1152 O O   . GLU A 1 155 ? -8.645  -7.408  -17.176 1.00 20.89 ?  174 GLU A O   1 
ATOM   1153 C CB  . GLU A 1 155 ? -5.883  -9.506  -16.975 1.00 17.13 ?  174 GLU A CB  1 
ATOM   1154 C CG  . GLU A 1 155 ? -4.412  -9.638  -17.364 1.00 21.13 ?  174 GLU A CG  1 
ATOM   1155 C CD  . GLU A 1 155 ? -4.132  -8.848  -18.656 1.00 23.39 ?  174 GLU A CD  1 
ATOM   1156 O OE1 . GLU A 1 155 ? -4.853  -9.096  -19.667 1.00 26.94 ?  174 GLU A OE1 1 
ATOM   1157 O OE2 . GLU A 1 155 ? -3.270  -7.923  -18.689 1.00 20.81 -1 174 GLU A OE2 1 
ATOM   1158 N N   . GLU A 1 156 ? -8.179  -8.213  -15.146 1.00 14.07 ?  175 GLU A N   1 
ATOM   1159 C CA  . GLU A 1 156 ? -9.556  -7.949  -14.682 1.00 14.50 ?  175 GLU A CA  1 
ATOM   1160 C C   . GLU A 1 156 ? -9.788  -6.528  -14.222 1.00 12.42 ?  175 GLU A C   1 
ATOM   1161 O O   . GLU A 1 156 ? -10.912 -6.059  -14.011 1.00 13.62 ?  175 GLU A O   1 
ATOM   1162 C CB  . GLU A 1 156 ? -9.990  -8.870  -13.527 1.00 15.12 ?  175 GLU A CB  1 
ATOM   1163 C CG  . GLU A 1 156 ? -9.948  -10.366 -13.911 1.00 15.80 ?  175 GLU A CG  1 
ATOM   1164 C CD  . GLU A 1 156 ? -10.906 -10.696 -15.052 1.00 19.67 ?  175 GLU A CD  1 
ATOM   1165 O OE1 . GLU A 1 156 ? -12.065 -10.358 -14.924 1.00 18.29 ?  175 GLU A OE1 1 
ATOM   1166 O OE2 . GLU A 1 156 ? -10.434 -11.285 -16.026 1.00 24.18 -1 175 GLU A OE2 1 
ATOM   1167 N N   . GLY A 1 157 ? -8.693  -5.834  -13.880 1.00 11.48 ?  176 GLY A N   1 
ATOM   1168 C CA  . GLY A 1 157 ? -8.754  -4.502  -13.335 1.00 11.22 ?  176 GLY A CA  1 
ATOM   1169 C C   . GLY A 1 157 ? -9.159  -4.356  -11.836 1.00 10.94 ?  176 GLY A C   1 
ATOM   1170 O O   . GLY A 1 157 ? -9.978  -3.527  -11.489 1.00 11.92 ?  176 GLY A O   1 
ATOM   1171 N N   . THR A 1 158 ? -8.528  -5.165  -10.999 1.00 10.56 ?  177 THR A N   1 
ATOM   1172 C CA  . THR A 1 158 ? -8.835  -5.230  -9.576  1.00 9.95  ?  177 THR A CA  1 
ATOM   1173 C C   . THR A 1 158 ? -7.576  -5.035  -8.733  1.00 10.10 ?  177 THR A C   1 
ATOM   1174 O O   . THR A 1 158 ? -6.458  -5.414  -9.124  1.00 9.95  ?  177 THR A O   1 
ATOM   1175 C CB  . THR A 1 158 ? -9.542  -6.545  -9.187  1.00 10.13 ?  177 THR A CB  1 
ATOM   1176 O OG1 . THR A 1 158 ? -8.650  -7.618  -9.374  1.00 11.80 ?  177 THR A OG1 1 
ATOM   1177 C CG2 . THR A 1 158 ? -10.792 -6.731  -10.093 1.00 11.00 ?  177 THR A CG2 1 
ATOM   1178 N N   . LEU A 1 159 ? -7.821  -4.562  -7.521  1.00 8.54  ?  178 LEU A N   1 
ATOM   1179 C CA  . LEU A 1 159 ? -6.801  -4.540  -6.482  1.00 8.74  ?  178 LEU A CA  1 
ATOM   1180 C C   . LEU A 1 159 ? -7.399  -5.308  -5.261  1.00 8.44  ?  178 LEU A C   1 
ATOM   1181 O O   . LEU A 1 159 ? -8.554  -5.012  -4.902  1.00 8.84  ?  178 LEU A O   1 
ATOM   1182 C CB  . LEU A 1 159 ? -6.448  -3.147  -6.018  1.00 9.99  ?  178 LEU A CB  1 
ATOM   1183 C CG  . LEU A 1 159 ? -5.552  -2.943  -4.819  1.00 10.52 ?  178 LEU A CG  1 
ATOM   1184 C CD1 . LEU A 1 159 ? -4.213  -3.513  -5.144  1.00 11.21 ?  178 LEU A CD1 1 
ATOM   1185 C CD2 . LEU A 1 159 ? -5.386  -1.493  -4.453  1.00 11.45 ?  178 LEU A CD2 1 
ATOM   1186 N N   . GLY A 1 160 ? -6.680  -6.237  -4.694  1.00 8.12  ?  179 GLY A N   1 
ATOM   1187 C CA  . GLY A 1 160 ? -7.116  -6.915  -3.460  1.00 8.21  ?  179 GLY A CA  1 
ATOM   1188 C C   . GLY A 1 160 ? -5.919  -7.252  -2.654  1.00 9.04  ?  179 GLY A C   1 
ATOM   1189 O O   . GLY A 1 160 ? -4.782  -6.840  -2.993  1.00 10.10 ?  179 GLY A O   1 
ATOM   1190 N N   . TYR A 1 161 ? -6.134  -7.909  -1.550  1.00 9.21  ?  180 TYR A N   1 
ATOM   1191 C CA  . TYR A 1 161 ? -5.106  -8.134  -0.527  1.00 9.29  ?  180 TYR A CA  1 
ATOM   1192 C C   . TYR A 1 161 ? -5.123  -9.535  -0.073  1.00 9.11  ?  180 TYR A C   1 
ATOM   1193 O O   . TYR A 1 161 ? -6.187  -10.235 -0.198  1.00 9.95  ?  180 TYR A O   1 
ATOM   1194 C CB  . TYR A 1 161 ? -5.195  -7.204  0.637   1.00 9.01  ?  180 TYR A CB  1 
ATOM   1195 C CG  . TYR A 1 161 ? -5.245  -5.735  0.225   1.00 8.18  ?  180 TYR A CG  1 
ATOM   1196 C CD1 . TYR A 1 161 ? -6.413  -5.113  -0.147  1.00 9.76  ?  180 TYR A CD1 1 
ATOM   1197 C CD2 . TYR A 1 161 ? -4.094  -4.953  0.210   1.00 8.53  ?  180 TYR A CD2 1 
ATOM   1198 C CE1 . TYR A 1 161 ? -6.489  -3.811  -0.570  1.00 8.42  ?  180 TYR A CE1 1 
ATOM   1199 C CE2 . TYR A 1 161 ? -4.133  -3.637  -0.166  1.00 8.57  ?  180 TYR A CE2 1 
ATOM   1200 C CZ  . TYR A 1 161 ? -5.351  -3.038  -0.527  1.00 8.26  ?  180 TYR A CZ  1 
ATOM   1201 O OH  . TYR A 1 161 ? -5.420  -1.699  -0.955  1.00 8.79  ?  180 TYR A OH  1 
ATOM   1202 N N   . ALA A 1 162 ? -4.024  -10.041 0.481   1.00 10.30 ?  181 ALA A N   1 
ATOM   1203 C CA  . ALA A 1 162 ? -3.999  -11.400 1.094   1.00 10.79 ?  181 ALA A CA  1 
ATOM   1204 C C   . ALA A 1 162 ? -3.310  -11.282 2.420   1.00 11.11 ?  181 ALA A C   1 
ATOM   1205 O O   . ALA A 1 162 ? -2.388  -10.477 2.619   1.00 10.92 ?  181 ALA A O   1 
ATOM   1206 C CB  . ALA A 1 162 ? -3.311  -12.334 0.249   1.00 10.73 ?  181 ALA A CB  1 
ATOM   1207 N N   . ILE A 1 163 ? -3.759  -12.053 3.389   1.00 11.38 ?  182 ILE A N   1 
ATOM   1208 C CA  . ILE A 1 163 ? -3.183  -12.056 4.744   1.00 14.05 ?  182 ILE A CA  1 
ATOM   1209 C C   . ILE A 1 163 ? -2.934  -13.505 5.117   1.00 15.25 ?  182 ILE A C   1 
ATOM   1210 O O   . ILE A 1 163 ? -3.843  -14.372 4.903   1.00 16.93 ?  182 ILE A O   1 
ATOM   1211 C CB  . ILE A 1 163 ? -4.090  -11.281 5.751   1.00 14.12 ?  182 ILE A CB  1 
ATOM   1212 C CG1 . ILE A 1 163 ? -3.955  -9.728  5.355   1.00 20.25 ?  182 ILE A CG1 1 
ATOM   1213 C CG2 . ILE A 1 163 ? -3.593  -11.492 7.185   1.00 15.17 ?  182 ILE A CG2 1 
ATOM   1214 C CD1 . ILE A 1 163 ? -4.760  -8.769  6.140   1.00 24.72 ?  182 ILE A CD1 1 
ATOM   1215 N N   . GLY A 1 164 ? -1.726  -13.821 5.594   1.00 16.60 ?  183 GLY A N   1 
ATOM   1216 C CA  . GLY A 1 164 ? -1.358  -15.250 5.910   1.00 16.71 ?  183 GLY A CA  1 
ATOM   1217 C C   . GLY A 1 164 ? -1.579  -16.181 4.762   1.00 18.64 ?  183 GLY A C   1 
ATOM   1218 O O   . GLY A 1 164 ? -1.983  -17.360 4.962   1.00 18.45 ?  183 GLY A O   1 
ATOM   1219 N N   . GLY A 1 165 ? -1.285  -15.722 3.517   1.00 17.06 ?  184 GLY A N   1 
ATOM   1220 C CA  . GLY A 1 165 ? -1.435  -16.565 2.319   1.00 17.71 ?  184 GLY A CA  1 
ATOM   1221 C C   . GLY A 1 165 ? -2.830  -16.668 1.749   1.00 18.80 ?  184 GLY A C   1 
ATOM   1222 O O   . GLY A 1 165 ? -3.018  -17.294 0.693   1.00 23.28 ?  184 GLY A O   1 
ATOM   1223 N N   . THR A 1 166 ? -3.806  -15.994 2.343   1.00 14.61 ?  185 THR A N   1 
ATOM   1224 C CA  . THR A 1 166 ? -5.191  -16.182 1.954   1.00 13.64 ?  185 THR A CA  1 
ATOM   1225 C C   . THR A 1 166 ? -5.718  -14.901 1.277   1.00 12.98 ?  185 THR A C   1 
ATOM   1226 O O   . THR A 1 166 ? -5.715  -13.848 1.916   1.00 11.82 ?  185 THR A O   1 
ATOM   1227 C CB  . THR A 1 166 ? -6.035  -16.465 3.163   1.00 14.07 ?  185 THR A CB  1 
ATOM   1228 O OG1 . THR A 1 166 ? -5.497  -17.642 3.830   1.00 16.06 ?  185 THR A OG1 1 
ATOM   1229 C CG2 . THR A 1 166 ? -7.442  -16.707 2.837   1.00 15.51 ?  185 THR A CG2 1 
ATOM   1230 N N   . TYR A 1 167 ? -6.091  -14.976 0.001   1.00 11.57 ?  186 TYR A N   1 
ATOM   1231 C CA  . TYR A 1 167 ? -6.696  -13.842 -0.664  1.00 10.66 ?  186 TYR A CA  1 
ATOM   1232 C C   . TYR A 1 167 ? -7.998  -13.438 -0.094  1.00 11.93 ?  186 TYR A C   1 
ATOM   1233 O O   . TYR A 1 167 ? -8.848  -14.309 0.195   1.00 13.52 ?  186 TYR A O   1 
ATOM   1234 C CB  . TYR A 1 167 ? -6.866  -14.136 -2.147  1.00 10.91 ?  186 TYR A CB  1 
ATOM   1235 C CG  . TYR A 1 167 ? -7.237  -12.966 -3.037  1.00 10.92 ?  186 TYR A CG  1 
ATOM   1236 C CD1 . TYR A 1 167 ? -6.370  -11.865 -3.234  1.00 10.19 ?  186 TYR A CD1 1 
ATOM   1237 C CD2 . TYR A 1 167 ? -8.436  -12.977 -3.705  1.00 11.06 ?  186 TYR A CD2 1 
ATOM   1238 C CE1 . TYR A 1 167 ? -6.738  -10.848 -4.121  1.00 10.39 ?  186 TYR A CE1 1 
ATOM   1239 C CE2 . TYR A 1 167 ? -8.809  -11.973 -4.570  1.00 10.74 ?  186 TYR A CE2 1 
ATOM   1240 C CZ  . TYR A 1 167 ? -7.951  -10.848 -4.775  1.00 8.99  ?  186 TYR A CZ  1 
ATOM   1241 O OH  . TYR A 1 167 ? -8.303  -9.875  -5.621  1.00 10.75 ?  186 TYR A OH  1 
ATOM   1242 N N   . LEU A 1 168 ? -8.228  -12.176 0.160   1.00 11.20 ?  187 LEU A N   1 
ATOM   1243 C CA  . LEU A 1 168 ? -9.416  -11.688 0.835   1.00 11.19 ?  187 LEU A CA  1 
ATOM   1244 C C   . LEU A 1 168 ? -10.466 -11.173 -0.135  1.00 11.68 ?  187 LEU A C   1 
ATOM   1245 O O   . LEU A 1 168 ? -11.539 -10.690 0.298   1.00 15.49 ?  187 LEU A O   1 
ATOM   1246 C CB  . LEU A 1 168 ? -8.998  -10.566 1.821   1.00 11.03 ?  187 LEU A CB  1 
ATOM   1247 C CG  . LEU A 1 168 ? -8.030  -10.958 2.903   1.00 14.10 ?  187 LEU A CG  1 
ATOM   1248 C CD1 . LEU A 1 168 ? -7.721  -9.674  3.706   1.00 14.19 ?  187 LEU A CD1 1 
ATOM   1249 C CD2 . LEU A 1 168 ? -8.558  -11.999 3.805   1.00 17.43 ?  187 LEU A CD2 1 
ATOM   1250 N N   . GLY A 1 169 ? -10.244 -11.314 -1.415  1.00 11.61 ?  188 GLY A N   1 
ATOM   1251 C CA  . GLY A 1 169 ? -11.202 -10.854 -2.427  1.00 11.63 ?  188 GLY A CA  1 
ATOM   1252 C C   . GLY A 1 169 ? -10.820 -9.546  -3.101  1.00 12.12 ?  188 GLY A C   1 
ATOM   1253 O O   . GLY A 1 169 ? -9.991  -8.763  -2.591  1.00 12.10 ?  188 GLY A O   1 
ATOM   1254 N N   . PRO A 1 170 ? -11.480 -9.174  -4.179  1.00 12.42 ?  189 PRO A N   1 
ATOM   1255 C CA  . PRO A 1 170 ? -11.195 -7.876  -4.824  1.00 14.32 ?  189 PRO A CA  1 
ATOM   1256 C C   . PRO A 1 170 ? -11.747 -6.786  -3.901  1.00 12.45 ?  189 PRO A C   1 
ATOM   1257 O O   . PRO A 1 170 ? -12.829 -6.910  -3.359  1.00 14.23 ?  189 PRO A O   1 
ATOM   1258 C CB  . PRO A 1 170 ? -11.870 -7.978  -6.186  1.00 14.89 ?  189 PRO A CB  1 
ATOM   1259 C CG  . PRO A 1 170 ? -12.893 -9.081  -5.995  1.00 16.02 ?  189 PRO A CG  1 
ATOM   1260 C CD  . PRO A 1 170 ? -12.356 -10.044 -5.009  1.00 13.76 ?  189 PRO A CD  1 
ATOM   1261 N N   . ALA A 1 171 ? -10.920 -5.785  -3.619  1.00 10.06 ?  190 ALA A N   1 
ATOM   1262 C CA  . ALA A 1 171 ? -11.257 -4.620  -2.869  1.00 10.59 ?  190 ALA A CA  1 
ATOM   1263 C C   . ALA A 1 171 ? -11.724 -3.506  -3.760  1.00 10.06 ?  190 ALA A C   1 
ATOM   1264 O O   . ALA A 1 171 ? -12.752 -2.835  -3.458  1.00 11.83 ?  190 ALA A O   1 
ATOM   1265 C CB  . ALA A 1 171 ? -10.067 -4.170  -2.039  1.00 11.48 ?  190 ALA A CB  1 
ATOM   1266 N N   . PHE A 1 172 ? -10.999 -3.259  -4.822  1.00 9.81  ?  191 PHE A N   1 
ATOM   1267 C CA  . PHE A 1 172 ? -11.340 -2.262  -5.825  1.00 11.29 ?  191 PHE A CA  1 
ATOM   1268 C C   . PHE A 1 172 ? -11.417 -2.906  -7.211  1.00 10.60 ?  191 PHE A C   1 
ATOM   1269 O O   . PHE A 1 172 ? -10.672 -3.820  -7.536  1.00 10.90 ?  191 PHE A O   1 
ATOM   1270 C CB  . PHE A 1 172 ? -10.294 -1.157  -5.890  1.00 10.37 ?  191 PHE A CB  1 
ATOM   1271 C CG  . PHE A 1 172 ? -10.023 -0.427  -4.590  1.00 10.06 ?  191 PHE A CG  1 
ATOM   1272 C CD1 . PHE A 1 172 ? -10.813 0.646   -4.230  1.00 10.35 ?  191 PHE A CD1 1 
ATOM   1273 C CD2 . PHE A 1 172 ? -9.049  -0.855  -3.718  1.00 10.42 ?  191 PHE A CD2 1 
ATOM   1274 C CE1 . PHE A 1 172 ? -10.585 1.325   -3.022  1.00 10.42 ?  191 PHE A CE1 1 
ATOM   1275 C CE2 . PHE A 1 172 ? -8.824  -0.155  -2.534  1.00 10.26 ?  191 PHE A CE2 1 
ATOM   1276 C CZ  . PHE A 1 172 ? -9.608  0.912   -2.204  1.00 9.75  ?  191 PHE A CZ  1 
ATOM   1277 N N   . ARG A 1 173 ? -12.372 -2.361  -8.001  1.00 11.51 ?  192 ARG A N   1 
ATOM   1278 C CA  . ARG A 1 173 ? -12.523 -2.736  -9.380  1.00 12.73 ?  192 ARG A CA  1 
ATOM   1279 C C   . ARG A 1 173 ? -12.425 -1.503  -10.293 1.00 14.19 ?  192 ARG A C   1 
ATOM   1280 O O   . ARG A 1 173 ? -12.195 -0.382  -9.791  1.00 15.84 ?  192 ARG A O   1 
ATOM   1281 C CB  . ARG A 1 173 ? -13.884 -3.460  -9.598  1.00 16.19 ?  192 ARG A CB  1 
ATOM   1282 C CG  . ARG A 1 173 ? -14.150 -4.506  -8.599  1.00 19.56 ?  192 ARG A CG  1 
ATOM   1283 C CD  . ARG A 1 173 ? -15.384 -5.266  -9.126  1.00 27.37 ?  192 ARG A CD  1 
ATOM   1284 N NE  . ARG A 1 173 ? -15.784 -6.534  -8.553  1.00 37.20 ?  192 ARG A NE  1 
ATOM   1285 C CZ  . ARG A 1 173 ? -15.335 -7.786  -8.806  1.00 33.26 ?  192 ARG A CZ  1 
ATOM   1286 N NH1 . ARG A 1 173 ? -14.217 -8.099  -9.508  1.00 25.33 ?  192 ARG A NH1 1 
ATOM   1287 N NH2 . ARG A 1 173 ? -15.991 -8.766  -8.189  1.00 29.49 ?  192 ARG A NH2 1 
ATOM   1288 N N   . GLY A 1 174 ? -12.561 -1.756  -11.603 1.00 14.44 ?  193 GLY A N   1 
ATOM   1289 C CA  . GLY A 1 174 ? -12.565 -0.658  -12.549 1.00 17.82 ?  193 GLY A CA  1 
ATOM   1290 C C   . GLY A 1 174 ? -11.216 -0.055  -12.860 1.00 17.08 ?  193 GLY A C   1 
ATOM   1291 O O   . GLY A 1 174 ? -11.121 1.081   -13.291 1.00 18.64 ?  193 GLY A O   1 
ATOM   1292 N N   . LEU A 1 175 ? -10.137 -0.826  -12.693 1.00 15.14 ?  194 LEU A N   1 
ATOM   1293 C CA  . LEU A 1 175 ? -8.772  -0.315  -12.882 1.00 13.53 ?  194 LEU A CA  1 
ATOM   1294 C C   . LEU A 1 175 ? -8.162  -0.602  -14.278 1.00 14.31 ?  194 LEU A C   1 
ATOM   1295 O O   . LEU A 1 175 ? -7.023  -0.280  -14.558 1.00 14.09 ?  194 LEU A O   1 
ATOM   1296 C CB  . LEU A 1 175 ? -7.854  -0.945  -11.801 1.00 12.41 ?  194 LEU A CB  1 
ATOM   1297 C CG  . LEU A 1 175 ? -8.296  -0.779  -10.359 1.00 12.34 ?  194 LEU A CG  1 
ATOM   1298 C CD1 . LEU A 1 175 ? -7.284  -1.473  -9.458  1.00 12.60 ?  194 LEU A CD1 1 
ATOM   1299 C CD2 . LEU A 1 175 ? -8.485  0.697   -9.966  1.00 14.33 ?  194 LEU A CD2 1 
ATOM   1300 N N   . LYS A 1 176 ? -8.887  -1.286  -15.149 1.00 14.61 ?  195 LYS A N   1 
ATOM   1301 C CA  . LYS A 1 176 ? -8.354  -1.605  -16.491 1.00 15.06 ?  195 LYS A CA  1 
ATOM   1302 C C   . LYS A 1 176 ? -7.952  -0.323  -17.242 1.00 12.70 ?  195 LYS A C   1 
ATOM   1303 O O   . LYS A 1 176 ? -8.616  0.643   -17.149 1.00 15.92 ?  195 LYS A O   1 
ATOM   1304 C CB  . LYS A 1 176 ? -9.392  -2.393  -17.351 1.00 16.91 ?  195 LYS A CB  1 
ATOM   1305 C CG  . LYS A 1 176 ? -9.678  -3.787  -16.945 1.00 20.07 ?  195 LYS A CG  1 
ATOM   1306 C CD  . LYS A 1 176 ? -10.439 -4.593  -18.030 1.00 26.46 ?  195 LYS A CD  1 
ATOM   1307 C CE  . LYS A 1 176 ? -11.914 -4.479  -17.856 1.00 33.00 ?  195 LYS A CE  1 
ATOM   1308 N NZ  . LYS A 1 176 ? -12.635 -5.748  -18.220 1.00 36.13 ?  195 LYS A NZ  1 
ATOM   1309 N N   . GLY A 1 177 ? -6.817  -0.428  -17.908 1.00 14.62 ?  196 GLY A N   1 
ATOM   1310 C CA  . GLY A 1 177 ? -6.317  0.649   -18.771 1.00 15.62 ?  196 GLY A CA  1 
ATOM   1311 C C   . GLY A 1 177 ? -5.466  1.676   -18.044 1.00 17.60 ?  196 GLY A C   1 
ATOM   1312 O O   . GLY A 1 177 ? -4.934  2.596   -18.642 1.00 20.93 ?  196 GLY A O   1 
ATOM   1313 N N   . ARG A 1 178 ? -5.351  1.571   -16.718 1.00 16.45 ?  197 ARG A N   1 
ATOM   1314 C CA  . ARG A 1 178 ? -4.516  2.494   -15.931 1.00 15.46 ?  197 ARG A CA  1 
ATOM   1315 C C   . ARG A 1 178 ? -3.103  1.967   -15.793 1.00 11.89 ?  197 ARG A C   1 
ATOM   1316 O O   . ARG A 1 178 ? -2.787  0.841   -16.178 1.00 13.91 ?  197 ARG A O   1 
ATOM   1317 C CB  . ARG A 1 178 ? -5.124  2.643   -14.567 1.00 15.47 ?  197 ARG A CB  1 
ATOM   1318 C CG  . ARG A 1 178 ? -6.500  3.292   -14.623 1.00 19.25 ?  197 ARG A CG  1 
ATOM   1319 C CD  . ARG A 1 178 ? -7.077  3.350   -13.292 1.00 23.37 ?  197 ARG A CD  1 
ATOM   1320 N NE  . ARG A 1 178 ? -8.424  3.872   -13.267 1.00 25.25 ?  197 ARG A NE  1 
ATOM   1321 C CZ  . ARG A 1 178 ? -8.744  5.153   -13.145 1.00 26.03 ?  197 ARG A CZ  1 
ATOM   1322 N NH1 . ARG A 1 178 ? -7.885  6.129   -13.160 1.00 24.10 ?  197 ARG A NH1 1 
ATOM   1323 N NH2 . ARG A 1 178 ? -9.999  5.422   -12.955 1.00 29.44 ?  197 ARG A NH2 1 
ATOM   1324 N N   . THR A 1 179 ? -2.218  2.834   -15.297 1.00 11.98 ?  198 THR A N   1 
ATOM   1325 C CA  . THR A 1 179 ? -0.802  2.451   -15.012 1.00 11.70 ?  198 THR A CA  1 
ATOM   1326 C C   . THR A 1 179 ? -0.625  2.797   -13.541 1.00 10.21 ?  198 THR A C   1 
ATOM   1327 O O   . THR A 1 179 ? -0.718  3.937   -13.144 1.00 11.34 ?  198 THR A O   1 
ATOM   1328 C CB  . THR A 1 179 ? 0.229   3.175   -15.862 1.00 12.83 ?  198 THR A CB  1 
ATOM   1329 O OG1 . THR A 1 179 ? 0.024   2.734   -17.221 1.00 14.39 ?  198 THR A OG1 1 
ATOM   1330 C CG2 . THR A 1 179 ? 1.605   2.757   -15.466 1.00 13.82 ?  198 THR A CG2 1 
ATOM   1331 N N   . LEU A 1 180 ? -0.499  1.755   -12.712 1.00 9.16  ?  199 LEU A N   1 
ATOM   1332 C CA  . LEU A 1 180 ? -0.590  1.854   -11.261 1.00 9.46  ?  199 LEU A CA  1 
ATOM   1333 C C   . LEU A 1 180 ? 0.662   1.358   -10.564 1.00 8.86  ?  199 LEU A C   1 
ATOM   1334 O O   . LEU A 1 180 ? 1.250   0.318   -10.919 1.00 10.58 ?  199 LEU A O   1 
ATOM   1335 C CB  . LEU A 1 180 ? -1.809  1.084   -10.777 1.00 9.50  ?  199 LEU A CB  1 
ATOM   1336 C CG  . LEU A 1 180 ? -3.145  1.616   -11.328 1.00 10.51 ?  199 LEU A CG  1 
ATOM   1337 C CD1 . LEU A 1 180 ? -4.315  0.688   -11.002 1.00 10.20 ?  199 LEU A CD1 1 
ATOM   1338 C CD2 . LEU A 1 180 ? -3.386  3.018   -10.948 1.00 10.95 ?  199 LEU A CD2 1 
ATOM   1339 N N   . TYR A 1 181 ? 1.060   2.145   -9.534  1.00 8.60  ?  200 TYR A N   1 
ATOM   1340 C CA  . TYR A 1 181 ? 2.292   1.873   -8.811  1.00 7.86  ?  200 TYR A CA  1 
ATOM   1341 C C   . TYR A 1 181 ? 1.930   1.432   -7.387  1.00 7.86  ?  200 TYR A C   1 
ATOM   1342 O O   . TYR A 1 181 ? 1.026   2.009   -6.809  1.00 7.71  ?  200 TYR A O   1 
ATOM   1343 C CB  . TYR A 1 181 ? 3.097   3.185   -8.714  1.00 8.08  ?  200 TYR A CB  1 
ATOM   1344 C CG  . TYR A 1 181 ? 3.517   3.763   -10.064 1.00 8.67  ?  200 TYR A CG  1 
ATOM   1345 C CD1 . TYR A 1 181 ? 2.574   4.405   -10.915 1.00 9.02  ?  200 TYR A CD1 1 
ATOM   1346 C CD2 . TYR A 1 181 ? 4.835   3.650   -10.452 1.00 8.86  ?  200 TYR A CD2 1 
ATOM   1347 C CE1 . TYR A 1 181 ? 2.987   4.923   -12.112 1.00 9.32  ?  200 TYR A CE1 1 
ATOM   1348 C CE2 . TYR A 1 181 ? 5.266   4.151   -11.670 1.00 9.22  ?  200 TYR A CE2 1 
ATOM   1349 C CZ  . TYR A 1 181 ? 4.323   4.748   -12.475 1.00 8.76  ?  200 TYR A CZ  1 
ATOM   1350 O OH  . TYR A 1 181 ? 4.669   5.226   -13.767 1.00 11.91 ?  200 TYR A OH  1 
ATOM   1351 N N   . PRO A 1 182 ? 2.772   0.574   -6.817  1.00 7.48  ?  201 PRO A N   1 
ATOM   1352 C CA  . PRO A 1 182 ? 2.640   0.322   -5.381  1.00 7.62  ?  201 PRO A CA  1 
ATOM   1353 C C   . PRO A 1 182 ? 2.708   1.641   -4.610  1.00 6.61  ?  201 PRO A C   1 
ATOM   1354 O O   . PRO A 1 182 ? 3.509   2.516   -4.924  1.00 7.89  ?  201 PRO A O   1 
ATOM   1355 C CB  . PRO A 1 182 ? 3.886   -0.540  -5.067  1.00 7.70  ?  201 PRO A CB  1 
ATOM   1356 C CG  . PRO A 1 182 ? 4.147   -1.261  -6.377  1.00 7.42  ?  201 PRO A CG  1 
ATOM   1357 C CD  . PRO A 1 182 ? 3.861   -0.212  -7.426  1.00 7.94  ?  201 PRO A CD  1 
ATOM   1358 N N   . ALA A 1 183 ? 1.950   1.775   -3.522  1.00 7.42  ?  202 ALA A N   1 
ATOM   1359 C CA  . ALA A 1 183 ? 1.910   3.024   -2.762  1.00 6.22  ?  202 ALA A CA  1 
ATOM   1360 C C   . ALA A 1 183 ? 1.393   2.799   -1.366  1.00 6.23  ?  202 ALA A C   1 
ATOM   1361 O O   . ALA A 1 183 ? 0.634   1.872   -1.108  1.00 7.25  ?  202 ALA A O   1 
ATOM   1362 C CB  . ALA A 1 183 ? 1.032   4.064   -3.456  1.00 6.97  ?  202 ALA A CB  1 
ATOM   1363 N N   . VAL A 1 184 ? 1.839   3.702   -0.476  1.00 6.48  ?  203 VAL A N   1 
ATOM   1364 C CA  . VAL A 1 184 ? 1.312   3.735   0.866   1.00 7.33  ?  203 VAL A CA  1 
ATOM   1365 C C   . VAL A 1 184 ? 1.244   5.239   1.247   1.00 7.30  ?  203 VAL A C   1 
ATOM   1366 O O   . VAL A 1 184 ? 1.946   6.075   0.636   1.00 8.09  ?  203 VAL A O   1 
ATOM   1367 C CB  . VAL A 1 184 ? 2.187   3.014   1.906   1.00 8.64  ?  203 VAL A CB  1 
ATOM   1368 C CG1 . VAL A 1 184 ? 2.195   1.513   1.686   1.00 8.90  ?  203 VAL A CG1 1 
ATOM   1369 C CG2 . VAL A 1 184 ? 3.479   3.663   2.066   1.00 9.72  ?  203 VAL A CG2 1 
ATOM   1370 N N   . SER A 1 185 ? 0.474   5.554   2.276   1.00 7.12  ?  204 SER A N   1 
ATOM   1371 C CA  . SER A 1 185 ? 0.638   6.870   2.944   1.00 8.04  ?  204 SER A CA  1 
ATOM   1372 C C   . SER A 1 185 ? 0.710   6.637   4.423   1.00 8.02  ?  204 SER A C   1 
ATOM   1373 O O   . SER A 1 185 ? 0.004   5.788   4.981   1.00 7.84  ?  204 SER A O   1 
ATOM   1374 C CB  . SER A 1 185 ? -0.461  7.832   2.581   1.00 8.01  ?  204 SER A CB  1 
ATOM   1375 O OG  . SER A 1 185 ? -1.803  7.417   2.946   1.00 8.56  ?  204 SER A OG  1 
ATOM   1376 N N   . ALA A 1 186 ? 1.563   7.486   5.113   1.00 8.65  ?  205 ALA A N   1 
ATOM   1377 C CA  . ALA A 1 186 ? 1.963   7.298   6.513   1.00 9.07  ?  205 ALA A CA  1 
ATOM   1378 C C   . ALA A 1 186 ? 2.082   8.636   7.236   1.00 9.67  ?  205 ALA A C   1 
ATOM   1379 O O   . ALA A 1 186 ? 2.344   9.637   6.618   1.00 10.81 ?  205 ALA A O   1 
ATOM   1380 C CB  . ALA A 1 186 ? 3.299   6.567   6.557   1.00 9.52  ?  205 ALA A CB  1 
ATOM   1381 N N   . VAL A 1 187 ? 1.880   8.487   8.544   1.00 9.76  ?  206 VAL A N   1 
ATOM   1382 C CA  . VAL A 1 187 ? 1.949   9.613   9.472   1.00 10.41 ?  206 VAL A CA  1 
ATOM   1383 C C   . VAL A 1 187 ? 2.882   9.427   10.634  1.00 10.49 ?  206 VAL A C   1 
ATOM   1384 O O   . VAL A 1 187 ? 3.044   10.424  11.433  1.00 11.96 ?  206 VAL A O   1 
ATOM   1385 C CB  . VAL A 1 187 ? 0.530   9.910   10.007  1.00 10.96 ?  206 VAL A CB  1 
ATOM   1386 C CG1 . VAL A 1 187 ? -0.424  10.328  8.937   1.00 12.26 ?  206 VAL A CG1 1 
ATOM   1387 C CG2 . VAL A 1 187 ? -0.094  8.797   10.879  1.00 10.79 ?  206 VAL A CG2 1 
ATOM   1388 N N   . TRP A 1 188 ? 3.493   8.291   10.809  1.00 10.02 ?  207 TRP A N   1 
ATOM   1389 C CA  . TRP A 1 188 ? 4.226   7.948   11.997  1.00 11.89 ?  207 TRP A CA  1 
ATOM   1390 C C   . TRP A 1 188 ? 5.672   8.298   11.874  1.00 12.35 ?  207 TRP A C   1 
ATOM   1391 O O   . TRP A 1 188 ? 6.364   7.873   10.973  1.00 11.52 ?  207 TRP A O   1 
ATOM   1392 C CB  . TRP A 1 188 ? 4.073   6.471   12.274  1.00 12.81 ?  207 TRP A CB  1 
ATOM   1393 C CG  . TRP A 1 188 ? 4.711   5.998   13.590  1.00 12.60 ?  207 TRP A CG  1 
ATOM   1394 C CD1 . TRP A 1 188 ? 5.910   5.400   13.744  1.00 12.91 ?  207 TRP A CD1 1 
ATOM   1395 C CD2 . TRP A 1 188 ? 4.125   6.069   14.898  1.00 13.07 ?  207 TRP A CD2 1 
ATOM   1396 N NE1 . TRP A 1 188 ? 6.138   5.075   15.074  1.00 13.11 ?  207 TRP A NE1 1 
ATOM   1397 C CE2 . TRP A 1 188 ? 5.063   5.495   15.771  1.00 12.80 ?  207 TRP A CE2 1 
ATOM   1398 C CE3 . TRP A 1 188 ? 2.960   6.667   15.430  1.00 13.83 ?  207 TRP A CE3 1 
ATOM   1399 C CZ2 . TRP A 1 188 ? 4.848   5.421   17.130  1.00 14.73 ?  207 TRP A CZ2 1 
ATOM   1400 C CZ3 . TRP A 1 188 ? 2.752   6.525   16.860  1.00 14.32 ?  207 TRP A CZ3 1 
ATOM   1401 C CH2 . TRP A 1 188 ? 3.728   5.974   17.612  1.00 14.42 ?  207 TRP A CH2 1 
ATOM   1402 N N   . GLY A 1 189 ? 6.187   9.032   12.868  1.00 11.07 ?  208 GLY A N   1 
ATOM   1403 C CA  . GLY A 1 189 ? 7.558   9.397   12.916  1.00 12.88 ?  208 GLY A CA  1 
ATOM   1404 C C   . GLY A 1 189 ? 8.459   8.173   12.997  1.00 12.05 ?  208 GLY A C   1 
ATOM   1405 O O   . GLY A 1 189 ? 8.300   7.345   13.910  1.00 12.80 ?  208 GLY A O   1 
ATOM   1406 N N   . GLN A 1 190 ? 9.444   8.087   12.100  1.00 11.99 ?  209 GLN A N   1 
ATOM   1407 C CA  . GLN A 1 190 ? 10.343  6.997   12.038  1.00 12.64 ?  209 GLN A CA  1 
ATOM   1408 C C   . GLN A 1 190 ? 9.772   5.655   11.713  1.00 12.77 ?  209 GLN A C   1 
ATOM   1409 O O   . GLN A 1 190 ? 10.437  4.631   11.883  1.00 13.71 ?  209 GLN A O   1 
ATOM   1410 C CB  . GLN A 1 190 ? 11.317  6.974   13.257  1.00 17.14 ?  209 GLN A CB  1 
ATOM   1411 C CG  . GLN A 1 190 ? 12.371  8.120   13.055  1.00 23.71 ?  209 GLN A CG  1 
ATOM   1412 C CD  . GLN A 1 190 ? 12.394  9.106   14.164  1.00 32.20 ?  209 GLN A CD  1 
ATOM   1413 O OE1 . GLN A 1 190 ? 13.404  9.801   14.374  1.00 32.29 ?  209 GLN A OE1 1 
ATOM   1414 N NE2 . GLN A 1 190 ? 11.279  9.218   14.867  1.00 33.80 ?  209 GLN A NE2 1 
ATOM   1415 N N   . CYS A 1 191 ? 8.587   5.637   11.112  1.00 11.23 ?  210 CYS A N   1 
ATOM   1416 C CA  . CYS A 1 191 ? 8.107   4.349   10.611  1.00 11.82 ?  210 CYS A CA  1 
ATOM   1417 C C   . CYS A 1 191 ? 8.964   3.814   9.520   1.00 11.07 ?  210 CYS A C   1 
ATOM   1418 O O   . CYS A 1 191 ? 9.561   4.642   8.735   1.00 12.43 ?  210 CYS A O   1 
ATOM   1419 C CB  . CYS A 1 191 ? 6.655   4.443   10.174  1.00 11.53 ?  210 CYS A CB  1 
ATOM   1420 S SG  . CYS A 1 191 ? 6.274   5.379   8.726   1.00 11.88 ?  210 CYS A SG  1 
ATOM   1421 N N   . GLN A 1 192 ? 9.125   2.511   9.473   1.00 10.73 ?  211 GLN A N   1 
ATOM   1422 C CA  . GLN A 1 192 ? 9.884   1.773   8.470   1.00 11.43 ?  211 GLN A CA  1 
ATOM   1423 C C   . GLN A 1 192 ? 8.932   0.824   7.759   1.00 10.51 ?  211 GLN A C   1 
ATOM   1424 O O   . GLN A 1 192 ? 8.442   -0.116  8.325   1.00 12.90 ?  211 GLN A O   1 
ATOM   1425 C CB  . GLN A 1 192 ? 11.048  1.020   9.085   1.00 13.96 ?  211 GLN A CB  1 
ATOM   1426 C CG  . GLN A 1 192 ? 12.111  1.952   9.700   1.00 17.50 ?  211 GLN A CG  1 
ATOM   1427 C CD  . GLN A 1 192 ? 13.284  1.209   10.303  1.00 19.98 ?  211 GLN A CD  1 
ATOM   1428 O OE1 . GLN A 1 192 ? 13.124  0.171   10.942  1.00 24.03 ?  211 GLN A OE1 1 
ATOM   1429 N NE2 . GLN A 1 192 ? 14.446  1.844   10.261  1.00 23.49 ?  211 GLN A NE2 1 
ATOM   1430 N N   . VAL A 1 193 ? 8.670   1.112   6.487   1.00 9.00  ?  212 VAL A N   1 
ATOM   1431 C CA  . VAL A 1 193 ? 7.737   0.343   5.669   1.00 8.71  ?  212 VAL A CA  1 
ATOM   1432 C C   . VAL A 1 193 ? 8.491   -0.383  4.618   1.00 8.84  ?  212 VAL A C   1 
ATOM   1433 O O   . VAL A 1 193 ? 9.083   0.286   3.758   1.00 8.59  ?  212 VAL A O   1 
ATOM   1434 C CB  . VAL A 1 193 ? 6.595   1.230   5.151   1.00 9.34  ?  212 VAL A CB  1 
ATOM   1435 C CG1 . VAL A 1 193 ? 5.602   0.345   4.389   1.00 9.52  ?  212 VAL A CG1 1 
ATOM   1436 C CG2 . VAL A 1 193 ? 5.883   1.945   6.240   1.00 9.93  ?  212 VAL A CG2 1 
ATOM   1437 N N   . ARG A 1 194 ? 8.479   -1.711  4.599   1.00 8.15  ?  213 ARG A N   1 
ATOM   1438 C CA  . ARG A 1 194 ? 9.161   -2.442  3.680   1.00 9.59  ?  213 ARG A CA  1 
ATOM   1439 C C   . ARG A 1 194 ? 8.277   -2.936  2.558   1.00 9.15  ?  213 ARG A C   1 
ATOM   1440 O O   . ARG A 1 194 ? 7.054   -3.158  2.782   1.00 9.41  ?  213 ARG A O   1 
ATOM   1441 C CB  . ARG A 1 194 ? 9.775   -3.662  4.370   1.00 11.24 ?  213 ARG A CB  1 
ATOM   1442 C CG  . ARG A 1 194 ? 10.529  -4.675  3.572   1.00 14.87 ?  213 ARG A CG  1 
ATOM   1443 C CD  . ARG A 1 194 ? 11.307  -5.719  4.386   1.00 17.26 ?  213 ARG A CD  1 
ATOM   1444 N NE  . ARG A 1 194 ? 12.415  -5.152  5.081   1.00 15.07 ?  213 ARG A NE  1 
ATOM   1445 C CZ  . ARG A 1 194 ? 13.678  -5.200  4.709   1.00 18.24 ?  213 ARG A CZ  1 
ATOM   1446 N NH1 . ARG A 1 194 ? 14.544  -4.586  5.447   1.00 23.06 ?  213 ARG A NH1 1 
ATOM   1447 N NH2 . ARG A 1 194 ? 13.992  -5.769  3.575   1.00 16.15 ?  213 ARG A NH2 1 
ATOM   1448 N N   . ILE A 1 195 ? 8.813   -3.066  1.370   1.00 8.16  ?  214 ILE A N   1 
ATOM   1449 C CA  . ILE A 1 195 ? 8.142   -3.637  0.230   1.00 7.92  ?  214 ILE A CA  1 
ATOM   1450 C C   . ILE A 1 195 ? 8.962   -4.793  -0.315  1.00 8.69  ?  214 ILE A C   1 
ATOM   1451 O O   . ILE A 1 195 ? 10.134  -4.583  -0.610  1.00 10.14 ?  214 ILE A O   1 
ATOM   1452 C CB  . ILE A 1 195 ? 7.802   -2.564  -0.837  1.00 8.21  ?  214 ILE A CB  1 
ATOM   1453 C CG1 . ILE A 1 195 ? 6.979   -3.198  -1.953  1.00 8.37  ?  214 ILE A CG1 1 
ATOM   1454 C CG2 . ILE A 1 195 ? 9.086   -1.873  -1.334  1.00 8.03  ?  214 ILE A CG2 1 
ATOM   1455 C CD1 . ILE A 1 195 ? 6.404   -2.151  -2.910  1.00 9.14  ?  214 ILE A CD1 1 
ATOM   1456 N N   . ARG A 1 196 ? 8.372   -5.939  -0.593  1.00 8.75  ?  215 ARG A N   1 
ATOM   1457 C CA  . ARG A 1 196 ? 8.995   -7.106  -1.149  1.00 10.83 ?  215 ARG A CA  1 
ATOM   1458 C C   . ARG A 1 196 ? 8.213   -7.544  -2.344  1.00 10.27 ?  215 ARG A C   1 
ATOM   1459 O O   . ARG A 1 196 ? 7.183   -8.257  -2.251  1.00 10.86 ?  215 ARG A O   1 
ATOM   1460 C CB  . ARG A 1 196 ? 9.121   -8.245  -0.116  1.00 11.49 ?  215 ARG A CB  1 
ATOM   1461 C CG  . ARG A 1 196 ? 9.833   -9.508  -0.678  1.00 13.70 ?  215 ARG A CG  1 
ATOM   1462 C CD  . ARG A 1 196 ? 10.304  -10.399 0.439   1.00 19.08 ?  215 ARG A CD  1 
ATOM   1463 N NE  . ARG A 1 196 ? 9.168   -11.045 1.009   1.00 20.67 ?  215 ARG A NE  1 
ATOM   1464 C CZ  . ARG A 1 196 ? 8.645   -12.197 0.598   1.00 23.18 ?  215 ARG A CZ  1 
ATOM   1465 N NH1 . ARG A 1 196 ? 9.164   -12.842 -0.446  1.00 26.50 ?  215 ARG A NH1 1 
ATOM   1466 N NH2 . ARG A 1 196 ? 7.564   -12.701 1.237   1.00 23.65 ?  215 ARG A NH2 1 
ATOM   1467 N N   . TYR A 1 197 ? 8.700   -7.252  -3.525  1.00 11.30 ?  216 TYR A N   1 
ATOM   1468 C CA  . TYR A 1 197 ? 8.074   -7.697  -4.743  1.00 11.55 ?  216 TYR A CA  1 
ATOM   1469 C C   . TYR A 1 197 ? 7.996   -9.178  -4.876  1.00 12.04 ?  216 TYR A C   1 
ATOM   1470 O O   . TYR A 1 197 ? 9.007   -9.843  -4.545  1.00 13.67 ?  216 TYR A O   1 
ATOM   1471 C CB  . TYR A 1 197 ? 8.870   -7.132  -5.904  1.00 12.35 ?  216 TYR A CB  1 
ATOM   1472 C CG  . TYR A 1 197 ? 8.313   -7.435  -7.281  1.00 15.35 ?  216 TYR A CG  1 
ATOM   1473 C CD1 . TYR A 1 197 ? 7.052   -6.960  -7.677  1.00 18.13 ?  216 TYR A CD1 1 
ATOM   1474 C CD2 . TYR A 1 197 ? 9.143   -8.114  -8.202  1.00 19.62 ?  216 TYR A CD2 1 
ATOM   1475 C CE1 . TYR A 1 197 ? 6.604   -7.185  -9.031  1.00 19.98 ?  216 TYR A CE1 1 
ATOM   1476 C CE2 . TYR A 1 197 ? 8.712   -8.381  -9.496  1.00 19.37 ?  216 TYR A CE2 1 
ATOM   1477 C CZ  . TYR A 1 197 ? 7.480   -7.928  -9.877  1.00 18.05 ?  216 TYR A CZ  1 
ATOM   1478 O OH  . TYR A 1 197 ? 7.070   -8.242  -11.189 1.00 23.76 ?  216 TYR A OH  1 
ATOM   1479 N N   . LEU A 1 198 ? 6.873   -9.742  -5.229  1.00 12.24 ?  217 LEU A N   1 
ATOM   1480 C CA  . LEU A 1 198 ? 6.701   -11.230 -5.276  1.00 14.01 ?  217 LEU A CA  1 
ATOM   1481 C C   . LEU A 1 198 ? 6.657   -11.747 -6.695  1.00 15.78 ?  217 LEU A C   1 
ATOM   1482 O O   . LEU A 1 198 ? 6.560   -12.994 -6.902  1.00 17.68 ?  217 LEU A O   1 
ATOM   1483 C CB  . LEU A 1 198 ? 5.498   -11.659 -4.497  1.00 15.63 ?  217 LEU A CB  1 
ATOM   1484 C CG  . LEU A 1 198 ? 5.622   -11.417 -2.983  1.00 19.74 ?  217 LEU A CG  1 
ATOM   1485 C CD1 . LEU A 1 198 ? 4.323   -11.826 -2.271  1.00 23.94 ?  217 LEU A CD1 1 
ATOM   1486 C CD2 . LEU A 1 198 ? 6.815   -12.065 -2.362  1.00 22.19 ?  217 LEU A CD2 1 
ATOM   1487 N N   . GLY A 1 199 ? 6.644   -10.874 -7.679  1.00 14.22 ?  218 GLY A N   1 
ATOM   1488 C CA  . GLY A 1 199 ? 6.653   -11.286 -9.079  1.00 13.96 ?  218 GLY A CA  1 
ATOM   1489 C C   . GLY A 1 199 ? 5.429   -10.926 -9.859  1.00 14.92 ?  218 GLY A C   1 
ATOM   1490 O O   . GLY A 1 199 ? 4.508   -10.206 -9.393  1.00 14.58 ?  218 GLY A O   1 
ATOM   1491 N N   . GLU A 1 200 ? 5.402   -11.462 -11.117 1.00 16.26 ?  219 GLU A N   1 
ATOM   1492 C CA  . GLU A 1 200 ? 4.351   -11.129 -12.053 1.00 18.25 ?  219 GLU A CA  1 
ATOM   1493 C C   . GLU A 1 200 ? 4.051   -12.338 -12.894 1.00 19.77 ?  219 GLU A C   1 
ATOM   1494 O O   . GLU A 1 200 ? 4.890   -13.230 -12.968 1.00 19.81 ?  219 GLU A O   1 
ATOM   1495 C CB  . GLU A 1 200 ? 4.717   -9.966  -12.963 1.00 22.03 ?  219 GLU A CB  1 
ATOM   1496 C CG  . GLU A 1 200 ? 5.912   -10.231 -13.845 1.00 24.07 ?  219 GLU A CG  1 
ATOM   1497 N N   . ARG A 1 201 ? 2.891   -12.291 -13.506 1.00 20.47 ?  220 ARG A N   1 
ATOM   1498 C CA  . ARG A 1 201 ? 2.434   -13.296 -14.520 1.00 23.20 ?  220 ARG A CA  1 
ATOM   1499 C C   . ARG A 1 201 ? 1.576   -12.592 -15.535 1.00 28.74 ?  220 ARG A C   1 
ATOM   1500 O O   . ARG A 1 201 ? 0.875   -11.669 -15.202 1.00 24.94 ?  220 ARG A O   1 
ATOM   1501 C CB  . ARG A 1 201 ? 1.651   -14.410 -13.837 1.00 23.72 ?  220 ARG A CB  1 
ATOM   1502 C CG  . ARG A 1 201 ? 2.448   -15.351 -12.971 1.00 27.88 ?  220 ARG A CG  1 
ATOM   1503 N N   . GLY A 1 202 ? 1.654   -12.944 -16.816 1.00 31.31 ?  221 GLY A N   1 
ATOM   1504 C CA  . GLY A 1 202 ? 0.654   -12.447 -17.779 1.00 30.38 ?  221 GLY A CA  1 
ATOM   1505 N N   . ARG B 2 1   ? 7.854   15.532  20.722  1.00 25.74 ?  1   ARG B N   1 
ATOM   1506 C CA  . ARG B 2 1   ? 7.272   15.480  22.013  1.00 27.48 ?  1   ARG B CA  1 
ATOM   1507 C C   . ARG B 2 1   ? 5.873   16.042  21.973  1.00 23.56 ?  1   ARG B C   1 
ATOM   1508 O O   . ARG B 2 1   ? 5.598   17.085  21.398  1.00 26.50 ?  1   ARG B O   1 
ATOM   1509 C CB  . ARG B 2 1   ? 8.144   16.226  23.030  1.00 29.82 ?  1   ARG B CB  1 
ATOM   1510 C CG  . ARG B 2 1   ? 7.381   16.557  24.316  1.00 29.54 ?  1   ARG B CG  1 
ATOM   1511 C CD  . ARG B 2 1   ? 8.373   17.059  25.349  1.00 35.89 ?  1   ARG B CD  1 
ATOM   1512 N NE  . ARG B 2 1   ? 8.836   18.427  25.110  1.00 46.02 ?  1   ARG B NE  1 
ATOM   1513 C CZ  . ARG B 2 1   ? 8.204   19.536  25.494  1.00 50.24 ?  1   ARG B CZ  1 
ATOM   1514 N NH1 . ARG B 2 1   ? 7.012   19.479  26.104  1.00 54.75 ?  1   ARG B NH1 1 
ATOM   1515 N NH2 . ARG B 2 1   ? 8.766   20.717  25.252  1.00 53.74 ?  1   ARG B NH2 1 
ATOM   1516 N N   . GLY B 2 2   ? 4.971   15.289  22.564  1.00 22.86 ?  2   GLY B N   1 
ATOM   1517 C CA  . GLY B 2 2   ? 3.579   15.649  22.669  1.00 23.68 ?  2   GLY B CA  1 
ATOM   1518 C C   . GLY B 2 2   ? 2.629   15.244  21.536  1.00 26.94 ?  2   GLY B C   1 
ATOM   1519 O O   . GLY B 2 2   ? 1.465   15.481  21.614  1.00 28.64 ?  2   GLY B O   1 
ATOM   1520 N N   . ASP B 2 3   ? 3.154   14.740  20.450  1.00 24.95 ?  3   ASP B N   1 
ATOM   1521 C CA  . ASP B 2 3   ? 2.359   14.491  19.255  1.00 22.60 ?  3   ASP B CA  1 
ATOM   1522 C C   . ASP B 2 3   ? 1.879   13.031  19.231  1.00 22.13 ?  3   ASP B C   1 
ATOM   1523 O O   . ASP B 2 3   ? 2.664   12.133  19.524  1.00 23.60 ?  3   ASP B O   1 
ATOM   1524 C CB  . ASP B 2 3   ? 3.253   14.780  18.040  1.00 22.36 ?  3   ASP B CB  1 
ATOM   1525 C CG  . ASP B 2 3   ? 2.596   14.357  16.716  1.00 19.30 ?  3   ASP B CG  1 
ATOM   1526 O OD1 . ASP B 2 3   ? 1.778   15.142  16.187  1.00 18.86 ?  3   ASP B OD1 1 
ATOM   1527 O OD2 . ASP B 2 3   ? 3.054   13.282  16.276  1.00 18.68 -1 3   ASP B OD2 1 
ATOM   1528 N N   . ILE B 2 4   ? 0.651   12.838  18.761  1.00 21.85 ?  4   ILE B N   1 
ATOM   1529 C CA  . ILE B 2 4   ? -0.006  11.525  18.718  1.00 21.97 ?  4   ILE B CA  1 
ATOM   1530 C C   . ILE B 2 4   ? 0.728   10.512  17.817  1.00 20.34 ?  4   ILE B C   1 
ATOM   1531 O O   . ILE B 2 4   ? 0.528   9.294   17.953  1.00 19.23 ?  4   ILE B O   1 
ATOM   1532 C CB  . ILE B 2 4   ? -1.499  11.701  18.327  1.00 23.25 ?  4   ILE B CB  1 
ATOM   1533 C CG1 . ILE B 2 4   ? -2.340  10.423  18.577  1.00 28.61 ?  4   ILE B CG1 1 
ATOM   1534 C CG2 . ILE B 2 4   ? -1.679  12.174  16.889  1.00 22.92 ?  4   ILE B CG2 1 
ATOM   1535 C CD1 . ILE B 2 4   ? -3.682  10.627  19.228  1.00 30.99 ?  4   ILE B CD1 1 
ATOM   1536 N N   . ASN B 2 5   ? 1.434   11.018  16.806  1.00 18.56 ?  5   ASN B N   1 
ATOM   1537 C CA  . ASN B 2 5   ? 2.082   10.186  15.752  1.00 16.04 ?  5   ASN B CA  1 
ATOM   1538 C C   . ASN B 2 5   ? 3.600   10.107  15.789  1.00 15.22 ?  5   ASN B C   1 
ATOM   1539 O O   . ASN B 2 5   ? 4.303   9.848   14.805  1.00 13.32 ?  5   ASN B O   1 
ATOM   1540 C CB  . ASN B 2 5   ? 1.586   10.643  14.378  1.00 14.53 ?  5   ASN B CB  1 
ATOM   1541 C CG  . ASN B 2 5   ? 0.182   10.091  14.044  1.00 14.38 ?  5   ASN B CG  1 
ATOM   1542 O OD1 . ASN B 2 5   ? -0.094  8.896   14.307  1.00 14.02 ?  5   ASN B OD1 1 
ATOM   1543 N ND2 . ASN B 2 5   ? -0.689  10.929  13.508  1.00 13.14 ?  5   ASN B ND2 1 
ATOM   1544 N N   . ASN B 2 6   ? 4.170   10.306  17.009  1.00 15.55 ?  6   ASN B N   1 
ATOM   1545 C CA  . ASN B 2 6   ? 5.610   10.061  17.237  1.00 15.20 ?  6   ASN B CA  1 
ATOM   1546 C C   . ASN B 2 6   ? 6.507   11.053  16.464  1.00 12.87 ?  6   ASN B C   1 
ATOM   1547 O O   . ASN B 2 6   ? 7.564   10.716  16.074  1.00 14.84 ?  6   ASN B O   1 
ATOM   1548 C CB  . ASN B 2 6   ? 6.031   8.575   17.018  1.00 14.79 ?  6   ASN B CB  1 
ATOM   1549 C CG  . ASN B 2 6   ? 7.445   8.294   17.456  1.00 15.52 ?  6   ASN B CG  1 
ATOM   1550 O OD1 . ASN B 2 6   ? 7.873   8.662   18.624  1.00 16.76 ?  6   ASN B OD1 1 
ATOM   1551 N ND2 . ASN B 2 6   ? 8.178   7.585   16.700  1.00 16.59 ?  6   ASN B ND2 1 
ATOM   1552 N N   . ASN B 2 7   ? 5.981   12.232  16.214  1.00 16.77 ?  7   ASN B N   1 
ATOM   1553 C CA  . ASN B 2 7   ? 6.756   13.155  15.340  1.00 15.95 ?  7   ASN B CA  1 
ATOM   1554 C C   . ASN B 2 7   ? 7.604   14.127  16.146  1.00 18.65 ?  7   ASN B C   1 
ATOM   1555 O O   . ASN B 2 7   ? 8.561   14.625  15.596  1.00 18.36 ?  7   ASN B O   1 
ATOM   1556 C CB  . ASN B 2 7   ? 5.806   13.840  14.342  1.00 15.52 ?  7   ASN B CB  1 
ATOM   1557 C CG  . ASN B 2 7   ? 5.338   12.856  13.249  1.00 13.54 ?  7   ASN B CG  1 
ATOM   1558 O OD1 . ASN B 2 7   ? 6.169   12.180  12.717  1.00 13.98 ?  7   ASN B OD1 1 
ATOM   1559 N ND2 . ASN B 2 7   ? 4.048   12.656  13.119  1.00 13.49 ?  7   ASN B ND2 1 
ATOM   1560 N N   . VAL B 2 8   ? 7.185   14.364  17.378  1.00 19.77 ?  8   VAL B N   1 
ATOM   1561 C CA  . VAL B 2 8   ? 7.897   15.221  18.320  1.00 21.58 ?  8   VAL B CA  1 
ATOM   1562 C C   . VAL B 2 8   ? 7.177   15.083  19.669  1.00 23.99 ?  8   VAL B C   1 
ATOM   1563 O O   . VAL B 2 8   ? 6.078   14.510  19.796  1.00 21.42 ?  8   VAL B O   1 
ATOM   1564 C CB  . VAL B 2 8   ? 7.852   16.641  17.781  1.00 22.34 ?  8   VAL B CB  1 
ATOM   1565 C CG1 . VAL B 2 8   ? 6.432   17.167  17.814  1.00 20.86 ?  8   VAL B CG1 1 
ATOM   1566 C CG2 . VAL B 2 8   ? 8.906   17.574  18.469  1.00 21.66 ?  8   VAL B CG2 1 
HETATM 1567 O O   . HOH C 3 .   ? -0.840  -6.183  -12.498 1.00 18.72 ?  301 HOH A O   1 
HETATM 1568 O O   . HOH C 3 .   ? -9.711  -10.860 -7.528  1.00 15.25 ?  302 HOH A O   1 
HETATM 1569 O O   . HOH C 3 .   ? -5.291  -3.402  12.094  1.00 18.28 ?  303 HOH A O   1 
HETATM 1570 O O   . HOH C 3 .   ? 0.989   5.846   9.312   1.00 12.06 ?  304 HOH A O   1 
HETATM 1571 O O   . HOH C 3 .   ? 8.952   -4.963  8.988   1.00 22.17 ?  305 HOH A O   1 
HETATM 1572 O O   . HOH C 3 .   ? -7.023  -12.707 -13.479 1.00 15.83 ?  306 HOH A O   1 
HETATM 1573 O O   . HOH C 3 .   ? 0.166   -11.961 6.430   1.00 20.79 ?  307 HOH A O   1 
HETATM 1574 O O   . HOH C 3 .   ? 7.407   12.706  -7.117  1.00 16.78 ?  308 HOH A O   1 
HETATM 1575 O O   . HOH C 3 .   ? 14.822  5.812   -9.169  1.00 26.05 ?  309 HOH A O   1 
HETATM 1576 O O   . HOH C 3 .   ? -3.799  -0.767  -18.116 1.00 20.23 ?  310 HOH A O   1 
HETATM 1577 O O   . HOH C 3 .   ? -12.817 -4.129  7.804   1.00 13.10 ?  311 HOH A O   1 
HETATM 1578 O O   . HOH C 3 .   ? -9.290  -10.098 -10.215 1.00 11.85 ?  312 HOH A O   1 
HETATM 1579 O O   . HOH C 3 .   ? 10.425  -4.932  -3.412  1.00 11.28 ?  313 HOH A O   1 
HETATM 1580 O O   . HOH C 3 .   ? 7.343   5.148   -14.213 1.00 16.70 ?  314 HOH A O   1 
HETATM 1581 O O   . HOH C 3 .   ? -9.098  10.339  2.874   1.00 20.21 ?  315 HOH A O   1 
HETATM 1582 O O   . HOH C 3 .   ? -4.655  -16.878 6.292   1.00 15.65 ?  316 HOH A O   1 
HETATM 1583 O O   . HOH C 3 .   ? 23.039  -3.001  0.617   1.00 17.60 ?  317 HOH A O   1 
HETATM 1584 O O   . HOH C 3 .   ? 13.389  -0.182  -11.694 1.00 19.50 ?  318 HOH A O   1 
HETATM 1585 O O   . HOH C 3 .   ? -4.891  3.800   10.019  1.00 14.26 ?  319 HOH A O   1 
HETATM 1586 O O   . HOH C 3 .   ? 11.444  11.794  -4.351  1.00 19.56 ?  320 HOH A O   1 
HETATM 1587 O O   . HOH C 3 .   ? -5.638  -3.104  -18.050 1.00 27.34 ?  321 HOH A O   1 
HETATM 1588 O O   . HOH C 3 .   ? 7.794   -6.896  3.006   1.00 15.63 ?  322 HOH A O   1 
HETATM 1589 O O   . HOH C 3 .   ? -2.105  7.927   5.627   1.00 11.35 ?  323 HOH A O   1 
HETATM 1590 O O   . HOH C 3 .   ? -6.812  -8.196  -7.408  1.00 11.77 ?  324 HOH A O   1 
HETATM 1591 O O   . HOH C 3 .   ? 7.926   5.937   -9.343  1.00 9.59  ?  325 HOH A O   1 
HETATM 1592 O O   . HOH C 3 .   ? 4.469   -5.450  14.383  1.00 18.12 ?  326 HOH A O   1 
HETATM 1593 O O   . HOH C 3 .   ? 1.112   -1.061  -1.675  1.00 7.95  ?  327 HOH A O   1 
HETATM 1594 O O   . HOH C 3 .   ? 0.186   6.479   -13.836 1.00 13.97 ?  328 HOH A O   1 
HETATM 1595 O O   . HOH C 3 .   ? 9.944   -2.332  9.115   1.00 16.95 ?  329 HOH A O   1 
HETATM 1596 O O   . HOH C 3 .   ? -13.651 -11.724 -16.779 1.00 22.25 ?  330 HOH A O   1 
HETATM 1597 O O   . HOH C 3 .   ? 10.631  -11.617 -2.965  1.00 16.76 ?  331 HOH A O   1 
HETATM 1598 O O   . HOH C 3 .   ? 7.233   -0.686  -8.215  1.00 10.00 ?  332 HOH A O   1 
HETATM 1599 O O   . HOH C 3 .   ? -13.948 -9.415  1.012   1.00 16.67 ?  333 HOH A O   1 
HETATM 1600 O O   . HOH C 3 .   ? 20.177  2.391   2.930   1.00 20.73 ?  334 HOH A O   1 
HETATM 1601 O O   . HOH C 3 .   ? -12.226 6.541   -10.573 1.00 28.26 ?  335 HOH A O   1 
HETATM 1602 O O   . HOH C 3 .   ? 7.032   2.241   -14.629 1.00 19.55 ?  336 HOH A O   1 
HETATM 1603 O O   . HOH C 3 .   ? -8.220  -13.056 -15.801 1.00 21.81 ?  337 HOH A O   1 
HETATM 1604 O O   . HOH C 3 .   ? 18.339  3.731   -0.938  1.00 20.40 ?  338 HOH A O   1 
HETATM 1605 O O   . HOH C 3 .   ? -2.706  10.619  -2.915  1.00 12.47 ?  339 HOH A O   1 
HETATM 1606 O O   . HOH C 3 .   ? 12.111  -6.119  0.771   1.00 13.50 ?  340 HOH A O   1 
HETATM 1607 O O   . HOH C 3 .   ? -11.770 2.387   -9.218  1.00 19.97 ?  341 HOH A O   1 
HETATM 1608 O O   . HOH C 3 .   ? -13.539 -10.575 -12.462 1.00 19.51 ?  342 HOH A O   1 
HETATM 1609 O O   . HOH C 3 .   ? -5.609  14.402  -2.301  1.00 21.53 ?  343 HOH A O   1 
HETATM 1610 O O   . HOH C 3 .   ? -1.971  -8.929  14.227  1.00 22.38 ?  344 HOH A O   1 
HETATM 1611 O O   . HOH C 3 .   ? 5.356   9.948   -10.660 1.00 13.87 ?  345 HOH A O   1 
HETATM 1612 O O   . HOH C 3 .   ? 2.587   -3.980  -16.542 1.00 20.28 ?  346 HOH A O   1 
HETATM 1613 O O   . HOH C 3 .   ? -11.751 -1.789  -15.274 1.00 25.09 ?  347 HOH A O   1 
HETATM 1614 O O   . HOH C 3 .   ? -14.136 -0.387  -6.783  1.00 19.93 ?  348 HOH A O   1 
HETATM 1615 O O   . HOH C 3 .   ? 2.024   -9.351  12.989  1.00 19.44 ?  349 HOH A O   1 
HETATM 1616 O O   . HOH C 3 .   ? -3.198  -1.772  12.762  1.00 19.17 ?  350 HOH A O   1 
HETATM 1617 O O   . HOH C 3 .   ? -3.280  5.618   -15.119 1.00 22.83 ?  351 HOH A O   1 
HETATM 1618 O O   . HOH C 3 .   ? 2.803   -10.634 9.951   1.00 19.79 ?  352 HOH A O   1 
HETATM 1619 O O   . HOH D 3 .   ? 11.270  14.907  16.350  1.00 21.47 ?  101 HOH B O   1 
HETATM 1620 O O   . HOH D 3 .   ? 10.878  5.134   16.701  1.00 20.87 ?  102 HOH B O   1 
# 
